data_4CWP
# 
_entry.id   4CWP 
# 
_audit_conform.dict_name       mmcif_pdbx.dic 
_audit_conform.dict_version    5.391 
_audit_conform.dict_location   http://mmcif.pdb.org/dictionaries/ascii/mmcif_pdbx.dic 
# 
loop_
_database_2.database_id 
_database_2.database_code 
_database_2.pdbx_database_accession 
_database_2.pdbx_DOI 
PDB   4CWP         pdb_00004cwp 10.2210/pdb4cwp/pdb 
PDBE  EBI-60241    ?            ?                   
WWPDB D_1290060241 ?            ?                   
# 
loop_
_pdbx_audit_revision_history.ordinal 
_pdbx_audit_revision_history.data_content_type 
_pdbx_audit_revision_history.major_revision 
_pdbx_audit_revision_history.minor_revision 
_pdbx_audit_revision_history.revision_date 
1 'Structure model' 1 0 2014-07-09 
2 'Structure model' 1 1 2014-08-06 
3 'Structure model' 1 2 2017-06-28 
4 'Structure model' 1 3 2024-05-08 
# 
_pdbx_audit_revision_details.ordinal             1 
_pdbx_audit_revision_details.revision_ordinal    1 
_pdbx_audit_revision_details.data_content_type   'Structure model' 
_pdbx_audit_revision_details.provider            repository 
_pdbx_audit_revision_details.type                'Initial release' 
_pdbx_audit_revision_details.description         ? 
_pdbx_audit_revision_details.details             ? 
# 
loop_
_pdbx_audit_revision_group.ordinal 
_pdbx_audit_revision_group.revision_ordinal 
_pdbx_audit_revision_group.data_content_type 
_pdbx_audit_revision_group.group 
1 2 'Structure model' 'Database references'  
2 3 'Structure model' 'Data collection'      
3 4 'Structure model' 'Data collection'      
4 4 'Structure model' 'Database references'  
5 4 'Structure model' 'Derived calculations' 
6 4 'Structure model' Other                  
# 
loop_
_pdbx_audit_revision_category.ordinal 
_pdbx_audit_revision_category.revision_ordinal 
_pdbx_audit_revision_category.data_content_type 
_pdbx_audit_revision_category.category 
1 3 'Structure model' diffrn_source        
2 4 'Structure model' chem_comp_atom       
3 4 'Structure model' chem_comp_bond       
4 4 'Structure model' database_2           
5 4 'Structure model' pdbx_database_status 
6 4 'Structure model' struct_site          
# 
loop_
_pdbx_audit_revision_item.ordinal 
_pdbx_audit_revision_item.revision_ordinal 
_pdbx_audit_revision_item.data_content_type 
_pdbx_audit_revision_item.item 
1 3 'Structure model' '_diffrn_source.type'                  
2 4 'Structure model' '_database_2.pdbx_DOI'                 
3 4 'Structure model' '_database_2.pdbx_database_accession'  
4 4 'Structure model' '_pdbx_database_status.status_code_sf' 
5 4 'Structure model' '_struct_site.pdbx_auth_asym_id'       
6 4 'Structure model' '_struct_site.pdbx_auth_comp_id'       
7 4 'Structure model' '_struct_site.pdbx_auth_seq_id'        
# 
_pdbx_database_status.status_code                     REL 
_pdbx_database_status.entry_id                        4CWP 
_pdbx_database_status.deposit_site                    PDBE 
_pdbx_database_status.process_site                    PDBE 
_pdbx_database_status.SG_entry                        . 
_pdbx_database_status.recvd_initial_deposition_date   2014-04-03 
_pdbx_database_status.pdb_format_compatible           Y 
_pdbx_database_status.status_code_sf                  REL 
_pdbx_database_status.status_code_mr                  ? 
_pdbx_database_status.status_code_cs                  ? 
_pdbx_database_status.methods_development_category    ? 
_pdbx_database_status.status_code_nmr_data            ? 
# 
loop_
_pdbx_database_related.db_name 
_pdbx_database_related.db_id 
_pdbx_database_related.content_type 
_pdbx_database_related.details 
PDB 4CWF unspecified 'HUMAN HSP90 ALPHA N-TERMINAL DOMAIN IN COMPLEX WITH AN AMINOTRIAZOLOQUINAZOLINE INHIBITOR' 
PDB 4CWN unspecified 'HUMAN HSP90 ALPHA N-TERMINAL DOMAIN IN COMPLEX WITH AN AMINOTRIAZOLOQUINAZOLINE INHIBITOR' 
PDB 4CWO unspecified 'HUMAN HSP90 ALPHA N-TERMINAL DOMAIN IN COMPLEX WITH AN AMINOTRIAZOLOQUINAZOLINE INHIBITOR' 
PDB 4CWQ unspecified 'HUMAN HSP90 ALPHA N-TERMINAL DOMAIN IN COMPLEX WITH AN AMINOTRIAZOLOQUINAZOLINE INHIBITOR' 
PDB 4CWR unspecified 'HUMAN HSP90 ALPHA N-TERMINAL DOMAIN IN COMPLEX WITH AN AMINOTRIAZOLOQUINAZOLINE INHIBITOR' 
PDB 4CWS unspecified 'HUMAN HSP90 ALPHA N-TERMINAL DOMAIN IN COMPLEX WITH AN AMINOTRIAZOLOQUINAZOLINE INHIBITOR' 
PDB 4CWT unspecified 'HUMAN HSP90 ALPHA N-TERMINAL DOMAIN IN COMPLEX WITH AN AMINOTRIAZOLOQUINAZOLINE INHIBITOR' 
# 
loop_
_audit_author.name 
_audit_author.pdbx_ordinal 
'Casale, E.'     1  
'Amboldi, N.'    2  
'Brasca, G.'     3  
'Caronni, D.'    4  
'Colombo, N.'    5  
'Dalvit, C.'     6  
'Felder, E.R.'   7  
'Fogliatto, G.'  8  
'Isacchi, A.'    9  
'Mantegani, S.'  10 
'Polucci, P.'    11 
'Riceputi, L.'   12 
'Sola, F.'       13 
'Visco, C.'      14 
'Zuccotto, F.'   15 
'Casuscelli, F.' 16 
# 
_citation.id                        primary 
_citation.title                     
'Fragment-Based Hit Discovery and Structure-Based Optimization of Aminotriazoloquinazolines as Novel Hsp90 Inhibitors.' 
_citation.journal_abbrev            Bioorg.Med.Chem. 
_citation.journal_volume            22 
_citation.page_first                4135 
_citation.page_last                 ? 
_citation.year                      2014 
_citation.journal_id_ASTM           BMECEP 
_citation.country                   UK 
_citation.journal_id_ISSN           0968-0896 
_citation.journal_id_CSD            1200 
_citation.book_publisher            ? 
_citation.pdbx_database_id_PubMed   24980703 
_citation.pdbx_database_id_DOI      10.1016/J.BMC.2014.05.056 
# 
loop_
_citation_author.citation_id 
_citation_author.name 
_citation_author.ordinal 
_citation_author.identifier_ORCID 
primary 'Casale, E.'     1  ? 
primary 'Amboldi, N.'    2  ? 
primary 'Brasca, M.G.'   3  ? 
primary 'Caronni, D.'    4  ? 
primary 'Colombo, N.'    5  ? 
primary 'Dalvit, C.'     6  ? 
primary 'Felder, E.R.'   7  ? 
primary 'Fogliatto, G.'  8  ? 
primary 'Galvani, A.'    9  ? 
primary 'Isacchi, A.'    10 ? 
primary 'Polucci, P.'    11 ? 
primary 'Riceputi, L.'   12 ? 
primary 'Sola, F.'       13 ? 
primary 'Visco, C.'      14 ? 
primary 'Zuccotto, F.'   15 ? 
primary 'Casuscelli, F.' 16 ? 
# 
loop_
_entity.id 
_entity.type 
_entity.src_method 
_entity.pdbx_description 
_entity.formula_weight 
_entity.pdbx_number_of_molecules 
_entity.pdbx_ec 
_entity.pdbx_mutation 
_entity.pdbx_fragment 
_entity.details 
1 polymer     man 'HEAT SHOCK PROTEIN HSP 90-ALPHA'                                        25810.936 1   ? ? 
'N-TERMINAL DOMAIN, RESIDUES 9-236' ? 
2 non-polymer syn '5-(1,3-benzodioxol-5-ylmethyl)[1,2,4]triazolo[1,5-c]quinazolin-2-amine' 319.317   1   ? ? ? ? 
3 water       nat water                                                                    18.015    123 ? ? ? ? 
# 
_entity_name_com.entity_id   1 
_entity_name_com.name        'HEAT SHOCK 86 KDA, HSP 86, HSP86, RENAL CARCINOMA ANTIGEN NY-REN-38' 
# 
_entity_poly.entity_id                      1 
_entity_poly.type                           'polypeptide(L)' 
_entity_poly.nstd_linkage                   no 
_entity_poly.nstd_monomer                   no 
_entity_poly.pdbx_seq_one_letter_code       
;GPDQPMEEEEVETFAFQAEIAQLMSLIINTFYSNKEIFLRELISNSSDALDKIRYESLTDPSKLDSGKELHINLIPNKQD
RTLTIVDTGIGMTKADLINNLGTIAKSGTKAFMEALQAGADISMIGQFGVGFYSAYLVAEKVTVITKHNDDEQYAWESSA
GGSFTVRTDTGEPMGRGTKVILHLKEDQTEYLEERRIKEIVKKHSQFIGYPITLFVEKERDKEVSDDEAE
;
_entity_poly.pdbx_seq_one_letter_code_can   
;GPDQPMEEEEVETFAFQAEIAQLMSLIINTFYSNKEIFLRELISNSSDALDKIRYESLTDPSKLDSGKELHINLIPNKQD
RTLTIVDTGIGMTKADLINNLGTIAKSGTKAFMEALQAGADISMIGQFGVGFYSAYLVAEKVTVITKHNDDEQYAWESSA
GGSFTVRTDTGEPMGRGTKVILHLKEDQTEYLEERRIKEIVKKHSQFIGYPITLFVEKERDKEVSDDEAE
;
_entity_poly.pdbx_strand_id                 A 
_entity_poly.pdbx_target_identifier         ? 
# 
loop_
_pdbx_entity_nonpoly.entity_id 
_pdbx_entity_nonpoly.name 
_pdbx_entity_nonpoly.comp_id 
2 '5-(1,3-benzodioxol-5-ylmethyl)[1,2,4]triazolo[1,5-c]quinazolin-2-amine' TV2 
3 water                                                                    HOH 
# 
loop_
_entity_poly_seq.entity_id 
_entity_poly_seq.num 
_entity_poly_seq.mon_id 
_entity_poly_seq.hetero 
1 1   GLY n 
1 2   PRO n 
1 3   ASP n 
1 4   GLN n 
1 5   PRO n 
1 6   MET n 
1 7   GLU n 
1 8   GLU n 
1 9   GLU n 
1 10  GLU n 
1 11  VAL n 
1 12  GLU n 
1 13  THR n 
1 14  PHE n 
1 15  ALA n 
1 16  PHE n 
1 17  GLN n 
1 18  ALA n 
1 19  GLU n 
1 20  ILE n 
1 21  ALA n 
1 22  GLN n 
1 23  LEU n 
1 24  MET n 
1 25  SER n 
1 26  LEU n 
1 27  ILE n 
1 28  ILE n 
1 29  ASN n 
1 30  THR n 
1 31  PHE n 
1 32  TYR n 
1 33  SER n 
1 34  ASN n 
1 35  LYS n 
1 36  GLU n 
1 37  ILE n 
1 38  PHE n 
1 39  LEU n 
1 40  ARG n 
1 41  GLU n 
1 42  LEU n 
1 43  ILE n 
1 44  SER n 
1 45  ASN n 
1 46  SER n 
1 47  SER n 
1 48  ASP n 
1 49  ALA n 
1 50  LEU n 
1 51  ASP n 
1 52  LYS n 
1 53  ILE n 
1 54  ARG n 
1 55  TYR n 
1 56  GLU n 
1 57  SER n 
1 58  LEU n 
1 59  THR n 
1 60  ASP n 
1 61  PRO n 
1 62  SER n 
1 63  LYS n 
1 64  LEU n 
1 65  ASP n 
1 66  SER n 
1 67  GLY n 
1 68  LYS n 
1 69  GLU n 
1 70  LEU n 
1 71  HIS n 
1 72  ILE n 
1 73  ASN n 
1 74  LEU n 
1 75  ILE n 
1 76  PRO n 
1 77  ASN n 
1 78  LYS n 
1 79  GLN n 
1 80  ASP n 
1 81  ARG n 
1 82  THR n 
1 83  LEU n 
1 84  THR n 
1 85  ILE n 
1 86  VAL n 
1 87  ASP n 
1 88  THR n 
1 89  GLY n 
1 90  ILE n 
1 91  GLY n 
1 92  MET n 
1 93  THR n 
1 94  LYS n 
1 95  ALA n 
1 96  ASP n 
1 97  LEU n 
1 98  ILE n 
1 99  ASN n 
1 100 ASN n 
1 101 LEU n 
1 102 GLY n 
1 103 THR n 
1 104 ILE n 
1 105 ALA n 
1 106 LYS n 
1 107 SER n 
1 108 GLY n 
1 109 THR n 
1 110 LYS n 
1 111 ALA n 
1 112 PHE n 
1 113 MET n 
1 114 GLU n 
1 115 ALA n 
1 116 LEU n 
1 117 GLN n 
1 118 ALA n 
1 119 GLY n 
1 120 ALA n 
1 121 ASP n 
1 122 ILE n 
1 123 SER n 
1 124 MET n 
1 125 ILE n 
1 126 GLY n 
1 127 GLN n 
1 128 PHE n 
1 129 GLY n 
1 130 VAL n 
1 131 GLY n 
1 132 PHE n 
1 133 TYR n 
1 134 SER n 
1 135 ALA n 
1 136 TYR n 
1 137 LEU n 
1 138 VAL n 
1 139 ALA n 
1 140 GLU n 
1 141 LYS n 
1 142 VAL n 
1 143 THR n 
1 144 VAL n 
1 145 ILE n 
1 146 THR n 
1 147 LYS n 
1 148 HIS n 
1 149 ASN n 
1 150 ASP n 
1 151 ASP n 
1 152 GLU n 
1 153 GLN n 
1 154 TYR n 
1 155 ALA n 
1 156 TRP n 
1 157 GLU n 
1 158 SER n 
1 159 SER n 
1 160 ALA n 
1 161 GLY n 
1 162 GLY n 
1 163 SER n 
1 164 PHE n 
1 165 THR n 
1 166 VAL n 
1 167 ARG n 
1 168 THR n 
1 169 ASP n 
1 170 THR n 
1 171 GLY n 
1 172 GLU n 
1 173 PRO n 
1 174 MET n 
1 175 GLY n 
1 176 ARG n 
1 177 GLY n 
1 178 THR n 
1 179 LYS n 
1 180 VAL n 
1 181 ILE n 
1 182 LEU n 
1 183 HIS n 
1 184 LEU n 
1 185 LYS n 
1 186 GLU n 
1 187 ASP n 
1 188 GLN n 
1 189 THR n 
1 190 GLU n 
1 191 TYR n 
1 192 LEU n 
1 193 GLU n 
1 194 GLU n 
1 195 ARG n 
1 196 ARG n 
1 197 ILE n 
1 198 LYS n 
1 199 GLU n 
1 200 ILE n 
1 201 VAL n 
1 202 LYS n 
1 203 LYS n 
1 204 HIS n 
1 205 SER n 
1 206 GLN n 
1 207 PHE n 
1 208 ILE n 
1 209 GLY n 
1 210 TYR n 
1 211 PRO n 
1 212 ILE n 
1 213 THR n 
1 214 LEU n 
1 215 PHE n 
1 216 VAL n 
1 217 GLU n 
1 218 LYS n 
1 219 GLU n 
1 220 ARG n 
1 221 ASP n 
1 222 LYS n 
1 223 GLU n 
1 224 VAL n 
1 225 SER n 
1 226 ASP n 
1 227 ASP n 
1 228 GLU n 
1 229 ALA n 
1 230 GLU n 
# 
_entity_src_gen.entity_id                          1 
_entity_src_gen.pdbx_src_id                        1 
_entity_src_gen.pdbx_alt_source_flag               sample 
_entity_src_gen.pdbx_seq_type                      ? 
_entity_src_gen.pdbx_beg_seq_num                   ? 
_entity_src_gen.pdbx_end_seq_num                   ? 
_entity_src_gen.gene_src_common_name               HUMAN 
_entity_src_gen.gene_src_genus                     ? 
_entity_src_gen.pdbx_gene_src_gene                 ? 
_entity_src_gen.gene_src_species                   ? 
_entity_src_gen.gene_src_strain                    ? 
_entity_src_gen.gene_src_tissue                    ? 
_entity_src_gen.gene_src_tissue_fraction           ? 
_entity_src_gen.gene_src_details                   ? 
_entity_src_gen.pdbx_gene_src_fragment             ? 
_entity_src_gen.pdbx_gene_src_scientific_name      'HOMO SAPIENS' 
_entity_src_gen.pdbx_gene_src_ncbi_taxonomy_id     9606 
_entity_src_gen.pdbx_gene_src_variant              ? 
_entity_src_gen.pdbx_gene_src_cell_line            ? 
_entity_src_gen.pdbx_gene_src_atcc                 ? 
_entity_src_gen.pdbx_gene_src_organ                ? 
_entity_src_gen.pdbx_gene_src_organelle            ? 
_entity_src_gen.pdbx_gene_src_cell                 ? 
_entity_src_gen.pdbx_gene_src_cellular_location    ? 
_entity_src_gen.host_org_common_name               ? 
_entity_src_gen.pdbx_host_org_scientific_name      'ESCHERICHIA COLI' 
_entity_src_gen.pdbx_host_org_ncbi_taxonomy_id     511693 
_entity_src_gen.host_org_genus                     ? 
_entity_src_gen.pdbx_host_org_gene                 ? 
_entity_src_gen.pdbx_host_org_organ                ? 
_entity_src_gen.host_org_species                   ? 
_entity_src_gen.pdbx_host_org_tissue               ? 
_entity_src_gen.pdbx_host_org_tissue_fraction      ? 
_entity_src_gen.pdbx_host_org_strain               BL21 
_entity_src_gen.pdbx_host_org_variant              ? 
_entity_src_gen.pdbx_host_org_cell_line            ? 
_entity_src_gen.pdbx_host_org_atcc                 ? 
_entity_src_gen.pdbx_host_org_culture_collection   ? 
_entity_src_gen.pdbx_host_org_cell                 ? 
_entity_src_gen.pdbx_host_org_organelle            ? 
_entity_src_gen.pdbx_host_org_cellular_location    ? 
_entity_src_gen.pdbx_host_org_vector_type          PLASMID 
_entity_src_gen.pdbx_host_org_vector               PET15 
_entity_src_gen.host_org_details                   ? 
_entity_src_gen.expression_system_id               ? 
_entity_src_gen.plasmid_name                       ? 
_entity_src_gen.plasmid_details                    ? 
_entity_src_gen.pdbx_description                   ? 
# 
loop_
_chem_comp.id 
_chem_comp.type 
_chem_comp.mon_nstd_flag 
_chem_comp.name 
_chem_comp.pdbx_synonyms 
_chem_comp.formula 
_chem_comp.formula_weight 
ALA 'L-peptide linking' y ALANINE                                                                  ? 'C3 H7 N O2'     89.093  
ARG 'L-peptide linking' y ARGININE                                                                 ? 'C6 H15 N4 O2 1' 175.209 
ASN 'L-peptide linking' y ASPARAGINE                                                               ? 'C4 H8 N2 O3'    132.118 
ASP 'L-peptide linking' y 'ASPARTIC ACID'                                                          ? 'C4 H7 N O4'     133.103 
GLN 'L-peptide linking' y GLUTAMINE                                                                ? 'C5 H10 N2 O3'   146.144 
GLU 'L-peptide linking' y 'GLUTAMIC ACID'                                                          ? 'C5 H9 N O4'     147.129 
GLY 'peptide linking'   y GLYCINE                                                                  ? 'C2 H5 N O2'     75.067  
HIS 'L-peptide linking' y HISTIDINE                                                                ? 'C6 H10 N3 O2 1' 156.162 
HOH non-polymer         . WATER                                                                    ? 'H2 O'           18.015  
ILE 'L-peptide linking' y ISOLEUCINE                                                               ? 'C6 H13 N O2'    131.173 
LEU 'L-peptide linking' y LEUCINE                                                                  ? 'C6 H13 N O2'    131.173 
LYS 'L-peptide linking' y LYSINE                                                                   ? 'C6 H15 N2 O2 1' 147.195 
MET 'L-peptide linking' y METHIONINE                                                               ? 'C5 H11 N O2 S'  149.211 
PHE 'L-peptide linking' y PHENYLALANINE                                                            ? 'C9 H11 N O2'    165.189 
PRO 'L-peptide linking' y PROLINE                                                                  ? 'C5 H9 N O2'     115.130 
SER 'L-peptide linking' y SERINE                                                                   ? 'C3 H7 N O3'     105.093 
THR 'L-peptide linking' y THREONINE                                                                ? 'C4 H9 N O3'     119.119 
TRP 'L-peptide linking' y TRYPTOPHAN                                                               ? 'C11 H12 N2 O2'  204.225 
TV2 non-polymer         . '5-(1,3-benzodioxol-5-ylmethyl)[1,2,4]triazolo[1,5-c]quinazolin-2-amine' ? 'C17 H13 N5 O2'  319.317 
TYR 'L-peptide linking' y TYROSINE                                                                 ? 'C9 H11 N O3'    181.189 
VAL 'L-peptide linking' y VALINE                                                                   ? 'C5 H11 N O2'    117.146 
# 
loop_
_pdbx_poly_seq_scheme.asym_id 
_pdbx_poly_seq_scheme.entity_id 
_pdbx_poly_seq_scheme.seq_id 
_pdbx_poly_seq_scheme.mon_id 
_pdbx_poly_seq_scheme.ndb_seq_num 
_pdbx_poly_seq_scheme.pdb_seq_num 
_pdbx_poly_seq_scheme.auth_seq_num 
_pdbx_poly_seq_scheme.pdb_mon_id 
_pdbx_poly_seq_scheme.auth_mon_id 
_pdbx_poly_seq_scheme.pdb_strand_id 
_pdbx_poly_seq_scheme.pdb_ins_code 
_pdbx_poly_seq_scheme.hetero 
A 1 1   GLY 1   7   ?   ?   ?   A . n 
A 1 2   PRO 2   8   ?   ?   ?   A . n 
A 1 3   ASP 3   9   ?   ?   ?   A . n 
A 1 4   GLN 4   10  ?   ?   ?   A . n 
A 1 5   PRO 5   11  ?   ?   ?   A . n 
A 1 6   MET 6   12  ?   ?   ?   A . n 
A 1 7   GLU 7   13  ?   ?   ?   A . n 
A 1 8   GLU 8   14  ?   ?   ?   A . n 
A 1 9   GLU 9   15  ?   ?   ?   A . n 
A 1 10  GLU 10  16  ?   ?   ?   A . n 
A 1 11  VAL 11  17  17  VAL VAL A . n 
A 1 12  GLU 12  18  18  GLU GLU A . n 
A 1 13  THR 13  19  19  THR THR A . n 
A 1 14  PHE 14  20  20  PHE PHE A . n 
A 1 15  ALA 15  21  21  ALA ALA A . n 
A 1 16  PHE 16  22  22  PHE PHE A . n 
A 1 17  GLN 17  23  23  GLN GLN A . n 
A 1 18  ALA 18  24  24  ALA ALA A . n 
A 1 19  GLU 19  25  25  GLU GLU A . n 
A 1 20  ILE 20  26  26  ILE ILE A . n 
A 1 21  ALA 21  27  27  ALA ALA A . n 
A 1 22  GLN 22  28  28  GLN GLN A . n 
A 1 23  LEU 23  29  29  LEU LEU A . n 
A 1 24  MET 24  30  30  MET MET A . n 
A 1 25  SER 25  31  31  SER SER A . n 
A 1 26  LEU 26  32  32  LEU LEU A . n 
A 1 27  ILE 27  33  33  ILE ILE A . n 
A 1 28  ILE 28  34  34  ILE ILE A . n 
A 1 29  ASN 29  35  35  ASN ASN A . n 
A 1 30  THR 30  36  36  THR THR A . n 
A 1 31  PHE 31  37  37  PHE PHE A . n 
A 1 32  TYR 32  38  38  TYR TYR A . n 
A 1 33  SER 33  39  39  SER SER A . n 
A 1 34  ASN 34  40  40  ASN ASN A . n 
A 1 35  LYS 35  41  41  LYS LYS A . n 
A 1 36  GLU 36  42  42  GLU GLU A . n 
A 1 37  ILE 37  43  43  ILE ILE A . n 
A 1 38  PHE 38  44  44  PHE PHE A . n 
A 1 39  LEU 39  45  45  LEU LEU A . n 
A 1 40  ARG 40  46  46  ARG ARG A . n 
A 1 41  GLU 41  47  47  GLU GLU A . n 
A 1 42  LEU 42  48  48  LEU LEU A . n 
A 1 43  ILE 43  49  49  ILE ILE A . n 
A 1 44  SER 44  50  50  SER SER A . n 
A 1 45  ASN 45  51  51  ASN ASN A . n 
A 1 46  SER 46  52  52  SER SER A . n 
A 1 47  SER 47  53  53  SER SER A . n 
A 1 48  ASP 48  54  54  ASP ASP A . n 
A 1 49  ALA 49  55  55  ALA ALA A . n 
A 1 50  LEU 50  56  56  LEU LEU A . n 
A 1 51  ASP 51  57  57  ASP ASP A . n 
A 1 52  LYS 52  58  58  LYS LYS A . n 
A 1 53  ILE 53  59  59  ILE ILE A . n 
A 1 54  ARG 54  60  60  ARG ARG A . n 
A 1 55  TYR 55  61  61  TYR TYR A . n 
A 1 56  GLU 56  62  62  GLU GLU A . n 
A 1 57  SER 57  63  63  SER SER A . n 
A 1 58  LEU 58  64  64  LEU LEU A . n 
A 1 59  THR 59  65  65  THR THR A . n 
A 1 60  ASP 60  66  66  ASP ASP A . n 
A 1 61  PRO 61  67  67  PRO PRO A . n 
A 1 62  SER 62  68  68  SER SER A . n 
A 1 63  LYS 63  69  69  LYS LYS A . n 
A 1 64  LEU 64  70  70  LEU LEU A . n 
A 1 65  ASP 65  71  71  ASP ASP A . n 
A 1 66  SER 66  72  72  SER SER A . n 
A 1 67  GLY 67  73  73  GLY GLY A . n 
A 1 68  LYS 68  74  74  LYS LYS A . n 
A 1 69  GLU 69  75  75  GLU GLU A . n 
A 1 70  LEU 70  76  76  LEU LEU A . n 
A 1 71  HIS 71  77  77  HIS HIS A . n 
A 1 72  ILE 72  78  78  ILE ILE A . n 
A 1 73  ASN 73  79  79  ASN ASN A . n 
A 1 74  LEU 74  80  80  LEU LEU A . n 
A 1 75  ILE 75  81  81  ILE ILE A . n 
A 1 76  PRO 76  82  82  PRO PRO A . n 
A 1 77  ASN 77  83  83  ASN ASN A . n 
A 1 78  LYS 78  84  84  LYS LYS A . n 
A 1 79  GLN 79  85  85  GLN GLN A . n 
A 1 80  ASP 80  86  86  ASP ASP A . n 
A 1 81  ARG 81  87  87  ARG ARG A . n 
A 1 82  THR 82  88  88  THR THR A . n 
A 1 83  LEU 83  89  89  LEU LEU A . n 
A 1 84  THR 84  90  90  THR THR A . n 
A 1 85  ILE 85  91  91  ILE ILE A . n 
A 1 86  VAL 86  92  92  VAL VAL A . n 
A 1 87  ASP 87  93  93  ASP ASP A . n 
A 1 88  THR 88  94  94  THR THR A . n 
A 1 89  GLY 89  95  95  GLY GLY A . n 
A 1 90  ILE 90  96  96  ILE ILE A . n 
A 1 91  GLY 91  97  97  GLY GLY A . n 
A 1 92  MET 92  98  98  MET MET A . n 
A 1 93  THR 93  99  99  THR THR A . n 
A 1 94  LYS 94  100 100 LYS LYS A . n 
A 1 95  ALA 95  101 101 ALA ALA A . n 
A 1 96  ASP 96  102 102 ASP ASP A . n 
A 1 97  LEU 97  103 103 LEU LEU A . n 
A 1 98  ILE 98  104 104 ILE ILE A . n 
A 1 99  ASN 99  105 105 ASN ASN A . n 
A 1 100 ASN 100 106 106 ASN ASN A . n 
A 1 101 LEU 101 107 107 LEU LEU A . n 
A 1 102 GLY 102 108 108 GLY GLY A . n 
A 1 103 THR 103 109 109 THR THR A . n 
A 1 104 ILE 104 110 110 ILE ILE A . n 
A 1 105 ALA 105 111 111 ALA ALA A . n 
A 1 106 LYS 106 112 112 LYS LYS A . n 
A 1 107 SER 107 113 113 SER SER A . n 
A 1 108 GLY 108 114 114 GLY GLY A . n 
A 1 109 THR 109 115 115 THR THR A . n 
A 1 110 LYS 110 116 116 LYS LYS A . n 
A 1 111 ALA 111 117 117 ALA ALA A . n 
A 1 112 PHE 112 118 118 PHE PHE A . n 
A 1 113 MET 113 119 119 MET MET A . n 
A 1 114 GLU 114 120 120 GLU GLU A . n 
A 1 115 ALA 115 121 121 ALA ALA A . n 
A 1 116 LEU 116 122 122 LEU LEU A . n 
A 1 117 GLN 117 123 123 GLN GLN A . n 
A 1 118 ALA 118 124 124 ALA ALA A . n 
A 1 119 GLY 119 125 125 GLY GLY A . n 
A 1 120 ALA 120 126 126 ALA ALA A . n 
A 1 121 ASP 121 127 127 ASP ASP A . n 
A 1 122 ILE 122 128 128 ILE ILE A . n 
A 1 123 SER 123 129 129 SER SER A . n 
A 1 124 MET 124 130 130 MET MET A . n 
A 1 125 ILE 125 131 131 ILE ILE A . n 
A 1 126 GLY 126 132 132 GLY GLY A . n 
A 1 127 GLN 127 133 133 GLN GLN A . n 
A 1 128 PHE 128 134 134 PHE PHE A . n 
A 1 129 GLY 129 135 135 GLY GLY A . n 
A 1 130 VAL 130 136 136 VAL VAL A . n 
A 1 131 GLY 131 137 137 GLY GLY A . n 
A 1 132 PHE 132 138 138 PHE PHE A . n 
A 1 133 TYR 133 139 139 TYR TYR A . n 
A 1 134 SER 134 140 140 SER SER A . n 
A 1 135 ALA 135 141 141 ALA ALA A . n 
A 1 136 TYR 136 142 142 TYR TYR A . n 
A 1 137 LEU 137 143 143 LEU LEU A . n 
A 1 138 VAL 138 144 144 VAL VAL A . n 
A 1 139 ALA 139 145 145 ALA ALA A . n 
A 1 140 GLU 140 146 146 GLU GLU A . n 
A 1 141 LYS 141 147 147 LYS LYS A . n 
A 1 142 VAL 142 148 148 VAL VAL A . n 
A 1 143 THR 143 149 149 THR THR A . n 
A 1 144 VAL 144 150 150 VAL VAL A . n 
A 1 145 ILE 145 151 151 ILE ILE A . n 
A 1 146 THR 146 152 152 THR THR A . n 
A 1 147 LYS 147 153 153 LYS LYS A . n 
A 1 148 HIS 148 154 154 HIS HIS A . n 
A 1 149 ASN 149 155 155 ASN ASN A . n 
A 1 150 ASP 150 156 156 ASP ASP A . n 
A 1 151 ASP 151 157 157 ASP ASP A . n 
A 1 152 GLU 152 158 158 GLU GLU A . n 
A 1 153 GLN 153 159 159 GLN GLN A . n 
A 1 154 TYR 154 160 160 TYR TYR A . n 
A 1 155 ALA 155 161 161 ALA ALA A . n 
A 1 156 TRP 156 162 162 TRP TRP A . n 
A 1 157 GLU 157 163 163 GLU GLU A . n 
A 1 158 SER 158 164 164 SER SER A . n 
A 1 159 SER 159 165 165 SER SER A . n 
A 1 160 ALA 160 166 166 ALA ALA A . n 
A 1 161 GLY 161 167 167 GLY GLY A . n 
A 1 162 GLY 162 168 168 GLY GLY A . n 
A 1 163 SER 163 169 169 SER SER A . n 
A 1 164 PHE 164 170 170 PHE PHE A . n 
A 1 165 THR 165 171 171 THR THR A . n 
A 1 166 VAL 166 172 172 VAL VAL A . n 
A 1 167 ARG 167 173 173 ARG ARG A . n 
A 1 168 THR 168 174 174 THR THR A . n 
A 1 169 ASP 169 175 175 ASP ASP A . n 
A 1 170 THR 170 176 176 THR THR A . n 
A 1 171 GLY 171 177 177 GLY GLY A . n 
A 1 172 GLU 172 178 178 GLU GLU A . n 
A 1 173 PRO 173 179 179 PRO PRO A . n 
A 1 174 MET 174 180 180 MET MET A . n 
A 1 175 GLY 175 181 181 GLY GLY A . n 
A 1 176 ARG 176 182 182 ARG ARG A . n 
A 1 177 GLY 177 183 183 GLY GLY A . n 
A 1 178 THR 178 184 184 THR THR A . n 
A 1 179 LYS 179 185 185 LYS LYS A . n 
A 1 180 VAL 180 186 186 VAL VAL A . n 
A 1 181 ILE 181 187 187 ILE ILE A . n 
A 1 182 LEU 182 188 188 LEU LEU A . n 
A 1 183 HIS 183 189 189 HIS HIS A . n 
A 1 184 LEU 184 190 190 LEU LEU A . n 
A 1 185 LYS 185 191 191 LYS LYS A . n 
A 1 186 GLU 186 192 192 GLU GLU A . n 
A 1 187 ASP 187 193 193 ASP ASP A . n 
A 1 188 GLN 188 194 194 GLN GLN A . n 
A 1 189 THR 189 195 195 THR THR A . n 
A 1 190 GLU 190 196 196 GLU GLU A . n 
A 1 191 TYR 191 197 197 TYR TYR A . n 
A 1 192 LEU 192 198 198 LEU LEU A . n 
A 1 193 GLU 193 199 199 GLU GLU A . n 
A 1 194 GLU 194 200 200 GLU GLU A . n 
A 1 195 ARG 195 201 201 ARG ARG A . n 
A 1 196 ARG 196 202 202 ARG ARG A . n 
A 1 197 ILE 197 203 203 ILE ILE A . n 
A 1 198 LYS 198 204 204 LYS LYS A . n 
A 1 199 GLU 199 205 205 GLU GLU A . n 
A 1 200 ILE 200 206 206 ILE ILE A . n 
A 1 201 VAL 201 207 207 VAL VAL A . n 
A 1 202 LYS 202 208 208 LYS LYS A . n 
A 1 203 LYS 203 209 209 LYS LYS A . n 
A 1 204 HIS 204 210 210 HIS HIS A . n 
A 1 205 SER 205 211 211 SER SER A . n 
A 1 206 GLN 206 212 212 GLN GLN A . n 
A 1 207 PHE 207 213 213 PHE PHE A . n 
A 1 208 ILE 208 214 214 ILE ILE A . n 
A 1 209 GLY 209 215 215 GLY GLY A . n 
A 1 210 TYR 210 216 216 TYR TYR A . n 
A 1 211 PRO 211 217 217 PRO PRO A . n 
A 1 212 ILE 212 218 218 ILE ILE A . n 
A 1 213 THR 213 219 219 THR THR A . n 
A 1 214 LEU 214 220 220 LEU LEU A . n 
A 1 215 PHE 215 221 221 PHE PHE A . n 
A 1 216 VAL 216 222 222 VAL VAL A . n 
A 1 217 GLU 217 223 223 GLU GLU A . n 
A 1 218 LYS 218 224 ?   ?   ?   A . n 
A 1 219 GLU 219 225 ?   ?   ?   A . n 
A 1 220 ARG 220 226 ?   ?   ?   A . n 
A 1 221 ASP 221 227 ?   ?   ?   A . n 
A 1 222 LYS 222 228 ?   ?   ?   A . n 
A 1 223 GLU 223 229 ?   ?   ?   A . n 
A 1 224 VAL 224 230 ?   ?   ?   A . n 
A 1 225 SER 225 231 ?   ?   ?   A . n 
A 1 226 ASP 226 232 ?   ?   ?   A . n 
A 1 227 ASP 227 233 ?   ?   ?   A . n 
A 1 228 GLU 228 234 ?   ?   ?   A . n 
A 1 229 ALA 229 235 ?   ?   ?   A . n 
A 1 230 GLU 230 236 ?   ?   ?   A . n 
# 
loop_
_pdbx_nonpoly_scheme.asym_id 
_pdbx_nonpoly_scheme.entity_id 
_pdbx_nonpoly_scheme.mon_id 
_pdbx_nonpoly_scheme.ndb_seq_num 
_pdbx_nonpoly_scheme.pdb_seq_num 
_pdbx_nonpoly_scheme.auth_seq_num 
_pdbx_nonpoly_scheme.pdb_mon_id 
_pdbx_nonpoly_scheme.auth_mon_id 
_pdbx_nonpoly_scheme.pdb_strand_id 
_pdbx_nonpoly_scheme.pdb_ins_code 
B 2 TV2 1   1224 1224 TV2 TV2 A . 
C 3 HOH 1   2001 2001 HOH HOH A . 
C 3 HOH 2   2002 2002 HOH HOH A . 
C 3 HOH 3   2003 2003 HOH HOH A . 
C 3 HOH 4   2004 2004 HOH HOH A . 
C 3 HOH 5   2005 2005 HOH HOH A . 
C 3 HOH 6   2006 2006 HOH HOH A . 
C 3 HOH 7   2007 2007 HOH HOH A . 
C 3 HOH 8   2008 2008 HOH HOH A . 
C 3 HOH 9   2009 2009 HOH HOH A . 
C 3 HOH 10  2010 2010 HOH HOH A . 
C 3 HOH 11  2011 2011 HOH HOH A . 
C 3 HOH 12  2012 2012 HOH HOH A . 
C 3 HOH 13  2013 2013 HOH HOH A . 
C 3 HOH 14  2014 2014 HOH HOH A . 
C 3 HOH 15  2015 2015 HOH HOH A . 
C 3 HOH 16  2016 2016 HOH HOH A . 
C 3 HOH 17  2017 2017 HOH HOH A . 
C 3 HOH 18  2018 2018 HOH HOH A . 
C 3 HOH 19  2019 2019 HOH HOH A . 
C 3 HOH 20  2020 2020 HOH HOH A . 
C 3 HOH 21  2021 2021 HOH HOH A . 
C 3 HOH 22  2022 2022 HOH HOH A . 
C 3 HOH 23  2023 2023 HOH HOH A . 
C 3 HOH 24  2024 2024 HOH HOH A . 
C 3 HOH 25  2025 2025 HOH HOH A . 
C 3 HOH 26  2026 2026 HOH HOH A . 
C 3 HOH 27  2027 2027 HOH HOH A . 
C 3 HOH 28  2028 2028 HOH HOH A . 
C 3 HOH 29  2029 2029 HOH HOH A . 
C 3 HOH 30  2030 2030 HOH HOH A . 
C 3 HOH 31  2031 2031 HOH HOH A . 
C 3 HOH 32  2032 2032 HOH HOH A . 
C 3 HOH 33  2033 2033 HOH HOH A . 
C 3 HOH 34  2034 2034 HOH HOH A . 
C 3 HOH 35  2035 2035 HOH HOH A . 
C 3 HOH 36  2036 2036 HOH HOH A . 
C 3 HOH 37  2037 2037 HOH HOH A . 
C 3 HOH 38  2038 2038 HOH HOH A . 
C 3 HOH 39  2039 2039 HOH HOH A . 
C 3 HOH 40  2040 2040 HOH HOH A . 
C 3 HOH 41  2041 2041 HOH HOH A . 
C 3 HOH 42  2042 2042 HOH HOH A . 
C 3 HOH 43  2043 2043 HOH HOH A . 
C 3 HOH 44  2044 2044 HOH HOH A . 
C 3 HOH 45  2045 2045 HOH HOH A . 
C 3 HOH 46  2046 2046 HOH HOH A . 
C 3 HOH 47  2047 2047 HOH HOH A . 
C 3 HOH 48  2048 2048 HOH HOH A . 
C 3 HOH 49  2049 2049 HOH HOH A . 
C 3 HOH 50  2050 2050 HOH HOH A . 
C 3 HOH 51  2051 2051 HOH HOH A . 
C 3 HOH 52  2052 2052 HOH HOH A . 
C 3 HOH 53  2053 2053 HOH HOH A . 
C 3 HOH 54  2054 2054 HOH HOH A . 
C 3 HOH 55  2055 2055 HOH HOH A . 
C 3 HOH 56  2056 2056 HOH HOH A . 
C 3 HOH 57  2057 2057 HOH HOH A . 
C 3 HOH 58  2058 2058 HOH HOH A . 
C 3 HOH 59  2059 2059 HOH HOH A . 
C 3 HOH 60  2060 2060 HOH HOH A . 
C 3 HOH 61  2061 2061 HOH HOH A . 
C 3 HOH 62  2062 2062 HOH HOH A . 
C 3 HOH 63  2063 2063 HOH HOH A . 
C 3 HOH 64  2064 2064 HOH HOH A . 
C 3 HOH 65  2065 2065 HOH HOH A . 
C 3 HOH 66  2066 2066 HOH HOH A . 
C 3 HOH 67  2067 2067 HOH HOH A . 
C 3 HOH 68  2068 2068 HOH HOH A . 
C 3 HOH 69  2069 2069 HOH HOH A . 
C 3 HOH 70  2070 2070 HOH HOH A . 
C 3 HOH 71  2071 2071 HOH HOH A . 
C 3 HOH 72  2072 2072 HOH HOH A . 
C 3 HOH 73  2073 2073 HOH HOH A . 
C 3 HOH 74  2074 2074 HOH HOH A . 
C 3 HOH 75  2075 2075 HOH HOH A . 
C 3 HOH 76  2076 2076 HOH HOH A . 
C 3 HOH 77  2077 2077 HOH HOH A . 
C 3 HOH 78  2078 2078 HOH HOH A . 
C 3 HOH 79  2079 2079 HOH HOH A . 
C 3 HOH 80  2080 2080 HOH HOH A . 
C 3 HOH 81  2081 2081 HOH HOH A . 
C 3 HOH 82  2082 2082 HOH HOH A . 
C 3 HOH 83  2083 2083 HOH HOH A . 
C 3 HOH 84  2084 2084 HOH HOH A . 
C 3 HOH 85  2085 2085 HOH HOH A . 
C 3 HOH 86  2086 2086 HOH HOH A . 
C 3 HOH 87  2087 2087 HOH HOH A . 
C 3 HOH 88  2088 2088 HOH HOH A . 
C 3 HOH 89  2089 2089 HOH HOH A . 
C 3 HOH 90  2090 2090 HOH HOH A . 
C 3 HOH 91  2091 2091 HOH HOH A . 
C 3 HOH 92  2092 2092 HOH HOH A . 
C 3 HOH 93  2093 2093 HOH HOH A . 
C 3 HOH 94  2094 2094 HOH HOH A . 
C 3 HOH 95  2095 2095 HOH HOH A . 
C 3 HOH 96  2096 2096 HOH HOH A . 
C 3 HOH 97  2097 2097 HOH HOH A . 
C 3 HOH 98  2098 2098 HOH HOH A . 
C 3 HOH 99  2099 2099 HOH HOH A . 
C 3 HOH 100 2100 2100 HOH HOH A . 
C 3 HOH 101 2101 2101 HOH HOH A . 
C 3 HOH 102 2102 2102 HOH HOH A . 
C 3 HOH 103 2103 2103 HOH HOH A . 
C 3 HOH 104 2104 2104 HOH HOH A . 
C 3 HOH 105 2105 2105 HOH HOH A . 
C 3 HOH 106 2106 2106 HOH HOH A . 
C 3 HOH 107 2107 2107 HOH HOH A . 
C 3 HOH 108 2108 2108 HOH HOH A . 
C 3 HOH 109 2109 2109 HOH HOH A . 
C 3 HOH 110 2110 2110 HOH HOH A . 
C 3 HOH 111 2111 2111 HOH HOH A . 
C 3 HOH 112 2112 2112 HOH HOH A . 
C 3 HOH 113 2113 2113 HOH HOH A . 
C 3 HOH 114 2114 2114 HOH HOH A . 
C 3 HOH 115 2115 2115 HOH HOH A . 
C 3 HOH 116 2116 2116 HOH HOH A . 
C 3 HOH 117 2117 2117 HOH HOH A . 
C 3 HOH 118 2118 2118 HOH HOH A . 
C 3 HOH 119 2119 2119 HOH HOH A . 
C 3 HOH 120 2120 2120 HOH HOH A . 
C 3 HOH 121 2121 2121 HOH HOH A . 
C 3 HOH 122 2122 2122 HOH HOH A . 
C 3 HOH 123 2123 2123 HOH HOH A . 
# 
loop_
_software.name 
_software.classification 
_software.version 
_software.citation_id 
_software.pdbx_ordinal 
REFMAC    refinement       5.6.0117 ? 1 
DENZO     'data reduction' .        ? 2 
SCALEPACK 'data scaling'   .        ? 3 
# 
_cell.entry_id           4CWP 
_cell.length_a           67.054 
_cell.length_b           90.992 
_cell.length_c           98.625 
_cell.angle_alpha        90.00 
_cell.angle_beta         90.00 
_cell.angle_gamma        90.00 
_cell.Z_PDB              8 
_cell.pdbx_unique_axis   ? 
# 
_symmetry.entry_id                         4CWP 
_symmetry.space_group_name_H-M             'I 2 2 2' 
_symmetry.pdbx_full_space_group_name_H-M   ? 
_symmetry.cell_setting                     ? 
_symmetry.Int_Tables_number                23 
# 
_exptl.entry_id          4CWP 
_exptl.method            'X-RAY DIFFRACTION' 
_exptl.crystals_number   1 
# 
_exptl_crystal.id                    1 
_exptl_crystal.density_meas          ? 
_exptl_crystal.density_Matthews      3 
_exptl_crystal.density_percent_sol   59 
_exptl_crystal.description           NONE 
# 
_diffrn.id                     1 
_diffrn.ambient_temp           100 
_diffrn.ambient_temp_details   ? 
_diffrn.crystal_id             1 
# 
_diffrn_detector.diffrn_id              1 
_diffrn_detector.detector               'IMAGE PLATE' 
_diffrn_detector.type                   'MAR scanner 345 mm plate' 
_diffrn_detector.pdbx_collection_date   2007-11-07 
_diffrn_detector.details                ? 
# 
_diffrn_radiation.diffrn_id                        1 
_diffrn_radiation.wavelength_id                    1 
_diffrn_radiation.pdbx_monochromatic_or_laue_m_l   M 
_diffrn_radiation.monochromator                    ? 
_diffrn_radiation.pdbx_diffrn_protocol             'SINGLE WAVELENGTH' 
_diffrn_radiation.pdbx_scattering_type             x-ray 
# 
_diffrn_radiation_wavelength.id           1 
_diffrn_radiation_wavelength.wavelength   1.5418 
_diffrn_radiation_wavelength.wt           1.0 
# 
_diffrn_source.diffrn_id                   1 
_diffrn_source.source                      'ROTATING ANODE' 
_diffrn_source.type                        'RIGAKU MICROMAX-007 HF' 
_diffrn_source.pdbx_synchrotron_site       ? 
_diffrn_source.pdbx_synchrotron_beamline   ? 
_diffrn_source.pdbx_wavelength             1.5418 
_diffrn_source.pdbx_wavelength_list        ? 
# 
_reflns.pdbx_diffrn_id               1 
_reflns.pdbx_ordinal                 1 
_reflns.entry_id                     4CWP 
_reflns.observed_criterion_sigma_I   0.0 
_reflns.observed_criterion_sigma_F   ? 
_reflns.d_resolution_low             30.00 
_reflns.d_resolution_high            1.95 
_reflns.number_obs                   22170 
_reflns.number_all                   ? 
_reflns.percent_possible_obs         99.1 
_reflns.pdbx_Rmerge_I_obs            0.08 
_reflns.pdbx_Rsym_value              ? 
_reflns.pdbx_netI_over_sigmaI        17.10 
_reflns.B_iso_Wilson_estimate        ? 
_reflns.pdbx_redundancy              6.1 
# 
_reflns_shell.pdbx_diffrn_id         1 
_reflns_shell.pdbx_ordinal           1 
_reflns_shell.d_res_high             1.95 
_reflns_shell.d_res_low              2.02 
_reflns_shell.percent_possible_all   93.0 
_reflns_shell.Rmerge_I_obs           0.55 
_reflns_shell.pdbx_Rsym_value        ? 
_reflns_shell.meanI_over_sigI_obs    2.50 
_reflns_shell.pdbx_redundancy        ? 
# 
_refine.pdbx_refine_id                           'X-RAY DIFFRACTION' 
_refine.entry_id                                 4CWP 
_refine.pdbx_diffrn_id                           1 
_refine.pdbx_TLS_residual_ADP_flag               ? 
_refine.ls_number_reflns_obs                     21027 
_refine.ls_number_reflns_all                     ? 
_refine.pdbx_ls_sigma_I                          ? 
_refine.pdbx_ls_sigma_F                          . 
_refine.pdbx_data_cutoff_high_absF               ? 
_refine.pdbx_data_cutoff_low_absF                ? 
_refine.pdbx_data_cutoff_high_rms_absF           ? 
_refine.ls_d_res_low                             30.00 
_refine.ls_d_res_high                            1.95 
_refine.ls_percent_reflns_obs                    98.99 
_refine.ls_R_factor_obs                          0.20073 
_refine.ls_R_factor_all                          ? 
_refine.ls_R_factor_R_work                       0.19990 
_refine.ls_R_factor_R_free                       0.21567 
_refine.ls_R_factor_R_free_error                 ? 
_refine.ls_R_factor_R_free_error_details         ? 
_refine.ls_percent_reflns_R_free                 5.1 
_refine.ls_number_reflns_R_free                  1136 
_refine.ls_number_parameters                     ? 
_refine.ls_number_restraints                     ? 
_refine.occupancy_min                            ? 
_refine.occupancy_max                            ? 
_refine.correlation_coeff_Fo_to_Fc               0.950 
_refine.correlation_coeff_Fo_to_Fc_free          0.947 
_refine.B_iso_mean                               29.818 
_refine.aniso_B[1][1]                            -0.37 
_refine.aniso_B[2][2]                            1.12 
_refine.aniso_B[3][3]                            -0.75 
_refine.aniso_B[1][2]                            0.00 
_refine.aniso_B[1][3]                            0.00 
_refine.aniso_B[2][3]                            0.00 
_refine.solvent_model_details                    MASK 
_refine.solvent_model_param_ksol                 ? 
_refine.solvent_model_param_bsol                 ? 
_refine.pdbx_solvent_vdw_probe_radii             1.40 
_refine.pdbx_solvent_ion_probe_radii             0.80 
_refine.pdbx_solvent_shrinkage_radii             0.80 
_refine.pdbx_ls_cross_valid_method               THROUGHOUT 
_refine.details                                  'HYDROGENS HAVE BEEN ADDED IN THE RIDING POSITIONS.' 
_refine.pdbx_starting_model                      NONE 
_refine.pdbx_method_to_determine_struct          OTHER 
_refine.pdbx_isotropic_thermal_model             ? 
_refine.pdbx_stereochemistry_target_values       'MAXIMUM LIKELIHOOD' 
_refine.pdbx_stereochem_target_val_spec_case     ? 
_refine.pdbx_R_Free_selection_details            RANDOM 
_refine.pdbx_overall_ESU_R                       0.142 
_refine.pdbx_overall_ESU_R_Free                  0.125 
_refine.overall_SU_ML                            0.081 
_refine.pdbx_overall_phase_error                 ? 
_refine.overall_SU_B                             2.789 
_refine.overall_SU_R_Cruickshank_DPI             ? 
_refine.pdbx_overall_SU_R_free_Cruickshank_DPI   ? 
_refine.pdbx_overall_SU_R_Blow_DPI               ? 
_refine.pdbx_overall_SU_R_free_Blow_DPI          ? 
# 
_refine_hist.pdbx_refine_id                   'X-RAY DIFFRACTION' 
_refine_hist.cycle_id                         LAST 
_refine_hist.pdbx_number_atoms_protein        1626 
_refine_hist.pdbx_number_atoms_nucleic_acid   0 
_refine_hist.pdbx_number_atoms_ligand         24 
_refine_hist.number_atoms_solvent             123 
_refine_hist.number_atoms_total               1773 
_refine_hist.d_res_high                       1.95 
_refine_hist.d_res_low                        30.00 
# 
loop_
_refine_ls_restr.type 
_refine_ls_restr.dev_ideal 
_refine_ls_restr.dev_ideal_target 
_refine_ls_restr.weight 
_refine_ls_restr.number 
_refine_ls_restr.pdbx_refine_id 
_refine_ls_restr.pdbx_restraint_function 
r_bond_refined_d             0.010  0.020  ? 1680 'X-RAY DIFFRACTION' ? 
r_bond_other_d               ?      ?      ? ?    'X-RAY DIFFRACTION' ? 
r_angle_refined_deg          1.479  1.981  ? 2269 'X-RAY DIFFRACTION' ? 
r_angle_other_deg            ?      ?      ? ?    'X-RAY DIFFRACTION' ? 
r_dihedral_angle_1_deg       5.874  5.000  ? 206  'X-RAY DIFFRACTION' ? 
r_dihedral_angle_2_deg       32.383 25.135 ? 74   'X-RAY DIFFRACTION' ? 
r_dihedral_angle_3_deg       13.527 15.000 ? 306  'X-RAY DIFFRACTION' ? 
r_dihedral_angle_4_deg       19.804 15.000 ? 7    'X-RAY DIFFRACTION' ? 
r_chiral_restr               0.092  0.200  ? 257  'X-RAY DIFFRACTION' ? 
r_gen_planes_refined         0.005  0.020  ? 1239 'X-RAY DIFFRACTION' ? 
r_gen_planes_other           ?      ?      ? ?    'X-RAY DIFFRACTION' ? 
r_nbd_refined                ?      ?      ? ?    'X-RAY DIFFRACTION' ? 
r_nbd_other                  ?      ?      ? ?    'X-RAY DIFFRACTION' ? 
r_nbtor_refined              ?      ?      ? ?    'X-RAY DIFFRACTION' ? 
r_nbtor_other                ?      ?      ? ?    'X-RAY DIFFRACTION' ? 
r_xyhbond_nbd_refined        ?      ?      ? ?    'X-RAY DIFFRACTION' ? 
r_xyhbond_nbd_other          ?      ?      ? ?    'X-RAY DIFFRACTION' ? 
r_metal_ion_refined          ?      ?      ? ?    'X-RAY DIFFRACTION' ? 
r_metal_ion_other            ?      ?      ? ?    'X-RAY DIFFRACTION' ? 
r_symmetry_vdw_refined       ?      ?      ? ?    'X-RAY DIFFRACTION' ? 
r_symmetry_vdw_other         ?      ?      ? ?    'X-RAY DIFFRACTION' ? 
r_symmetry_hbond_refined     ?      ?      ? ?    'X-RAY DIFFRACTION' ? 
r_symmetry_hbond_other       ?      ?      ? ?    'X-RAY DIFFRACTION' ? 
r_symmetry_metal_ion_refined ?      ?      ? ?    'X-RAY DIFFRACTION' ? 
r_symmetry_metal_ion_other   ?      ?      ? ?    'X-RAY DIFFRACTION' ? 
r_mcbond_it                  ?      ?      ? ?    'X-RAY DIFFRACTION' ? 
r_mcbond_other               ?      ?      ? ?    'X-RAY DIFFRACTION' ? 
r_mcangle_it                 ?      ?      ? ?    'X-RAY DIFFRACTION' ? 
r_mcangle_other              ?      ?      ? ?    'X-RAY DIFFRACTION' ? 
r_scbond_it                  ?      ?      ? ?    'X-RAY DIFFRACTION' ? 
r_scbond_other               ?      ?      ? ?    'X-RAY DIFFRACTION' ? 
r_scangle_it                 ?      ?      ? ?    'X-RAY DIFFRACTION' ? 
r_scangle_other              ?      ?      ? ?    'X-RAY DIFFRACTION' ? 
r_long_range_B_refined       ?      ?      ? ?    'X-RAY DIFFRACTION' ? 
r_long_range_B_other         ?      ?      ? ?    'X-RAY DIFFRACTION' ? 
r_rigid_bond_restr           ?      ?      ? ?    'X-RAY DIFFRACTION' ? 
r_sphericity_free            ?      ?      ? ?    'X-RAY DIFFRACTION' ? 
r_sphericity_bonded          ?      ?      ? ?    'X-RAY DIFFRACTION' ? 
# 
_refine_ls_shell.pdbx_refine_id                   'X-RAY DIFFRACTION' 
_refine_ls_shell.pdbx_total_number_of_bins_used   20 
_refine_ls_shell.d_res_high                       1.950 
_refine_ls_shell.d_res_low                        2.000 
_refine_ls_shell.number_reflns_R_work             1320 
_refine_ls_shell.R_factor_R_work                  0.363 
_refine_ls_shell.percent_reflns_obs               90.95 
_refine_ls_shell.R_factor_R_free                  0.386 
_refine_ls_shell.R_factor_R_free_error            ? 
_refine_ls_shell.percent_reflns_R_free            ? 
_refine_ls_shell.number_reflns_R_free             77 
_refine_ls_shell.number_reflns_all                ? 
_refine_ls_shell.R_factor_all                     ? 
# 
_struct.entry_id                  4CWP 
_struct.title                     'Human HSP90 alpha N-terminal domain in complex with an Aminotriazoloquinazoline inhibitor' 
_struct.pdbx_model_details        ? 
_struct.pdbx_CASP_flag            ? 
_struct.pdbx_model_type_details   ? 
# 
_struct_keywords.entry_id        4CWP 
_struct_keywords.pdbx_keywords   CHAPERONE 
_struct_keywords.text            CHAPERONE 
# 
loop_
_struct_asym.id 
_struct_asym.pdbx_blank_PDB_chainid_flag 
_struct_asym.pdbx_modified 
_struct_asym.entity_id 
_struct_asym.details 
A N N 1 ? 
B N N 2 ? 
C N N 3 ? 
# 
_struct_ref.id                         1 
_struct_ref.db_name                    UNP 
_struct_ref.db_code                    HS90A_HUMAN 
_struct_ref.entity_id                  1 
_struct_ref.pdbx_seq_one_letter_code   ? 
_struct_ref.pdbx_align_begin           ? 
_struct_ref.pdbx_db_accession          P07900 
_struct_ref.pdbx_db_isoform            ? 
# 
_struct_ref_seq.align_id                      1 
_struct_ref_seq.ref_id                        1 
_struct_ref_seq.pdbx_PDB_id_code              4CWP 
_struct_ref_seq.pdbx_strand_id                A 
_struct_ref_seq.seq_align_beg                 3 
_struct_ref_seq.pdbx_seq_align_beg_ins_code   ? 
_struct_ref_seq.seq_align_end                 230 
_struct_ref_seq.pdbx_seq_align_end_ins_code   ? 
_struct_ref_seq.pdbx_db_accession             P07900 
_struct_ref_seq.db_align_beg                  9 
_struct_ref_seq.pdbx_db_align_beg_ins_code    ? 
_struct_ref_seq.db_align_end                  236 
_struct_ref_seq.pdbx_db_align_end_ins_code    ? 
_struct_ref_seq.pdbx_auth_seq_align_beg       9 
_struct_ref_seq.pdbx_auth_seq_align_end       236 
# 
loop_
_struct_ref_seq_dif.align_id 
_struct_ref_seq_dif.pdbx_pdb_id_code 
_struct_ref_seq_dif.mon_id 
_struct_ref_seq_dif.pdbx_pdb_strand_id 
_struct_ref_seq_dif.seq_num 
_struct_ref_seq_dif.pdbx_pdb_ins_code 
_struct_ref_seq_dif.pdbx_seq_db_name 
_struct_ref_seq_dif.pdbx_seq_db_accession_code 
_struct_ref_seq_dif.db_mon_id 
_struct_ref_seq_dif.pdbx_seq_db_seq_num 
_struct_ref_seq_dif.details 
_struct_ref_seq_dif.pdbx_auth_seq_num 
_struct_ref_seq_dif.pdbx_ordinal 
1 4CWP GLY A 1 ? UNP P07900 ? ? 'expression tag' 7 1 
1 4CWP PRO A 2 ? UNP P07900 ? ? 'expression tag' 8 2 
# 
_pdbx_struct_assembly.id                   1 
_pdbx_struct_assembly.details              author_and_software_defined_assembly 
_pdbx_struct_assembly.method_details       PISA 
_pdbx_struct_assembly.oligomeric_details   monomeric 
_pdbx_struct_assembly.oligomeric_count     1 
# 
_pdbx_struct_assembly_gen.assembly_id       1 
_pdbx_struct_assembly_gen.oper_expression   1 
_pdbx_struct_assembly_gen.asym_id_list      A,B,C 
# 
_pdbx_struct_oper_list.id                   1 
_pdbx_struct_oper_list.type                 'identity operation' 
_pdbx_struct_oper_list.name                 1_555 
_pdbx_struct_oper_list.symmetry_operation   x,y,z 
_pdbx_struct_oper_list.matrix[1][1]         1.0000000000 
_pdbx_struct_oper_list.matrix[1][2]         0.0000000000 
_pdbx_struct_oper_list.matrix[1][3]         0.0000000000 
_pdbx_struct_oper_list.vector[1]            0.0000000000 
_pdbx_struct_oper_list.matrix[2][1]         0.0000000000 
_pdbx_struct_oper_list.matrix[2][2]         1.0000000000 
_pdbx_struct_oper_list.matrix[2][3]         0.0000000000 
_pdbx_struct_oper_list.vector[2]            0.0000000000 
_pdbx_struct_oper_list.matrix[3][1]         0.0000000000 
_pdbx_struct_oper_list.matrix[3][2]         0.0000000000 
_pdbx_struct_oper_list.matrix[3][3]         1.0000000000 
_pdbx_struct_oper_list.vector[3]            0.0000000000 
# 
_struct_biol.id   1 
# 
loop_
_struct_conf.conf_type_id 
_struct_conf.id 
_struct_conf.pdbx_PDB_helix_id 
_struct_conf.beg_label_comp_id 
_struct_conf.beg_label_asym_id 
_struct_conf.beg_label_seq_id 
_struct_conf.pdbx_beg_PDB_ins_code 
_struct_conf.end_label_comp_id 
_struct_conf.end_label_asym_id 
_struct_conf.end_label_seq_id 
_struct_conf.pdbx_end_PDB_ins_code 
_struct_conf.beg_auth_comp_id 
_struct_conf.beg_auth_asym_id 
_struct_conf.beg_auth_seq_id 
_struct_conf.end_auth_comp_id 
_struct_conf.end_auth_asym_id 
_struct_conf.end_auth_seq_id 
_struct_conf.pdbx_PDB_helix_class 
_struct_conf.details 
_struct_conf.pdbx_PDB_helix_length 
HELX_P HELX_P1 1 GLN A 17  ? THR A 30  ? GLN A 23  THR A 36  1 ? 14 
HELX_P HELX_P2 2 GLU A 36  ? ASP A 60  ? GLU A 42  ASP A 66  1 ? 25 
HELX_P HELX_P3 3 PRO A 61  ? ASP A 65  ? PRO A 67  ASP A 71  5 ? 5  
HELX_P HELX_P4 4 THR A 93  ? ASN A 99  ? THR A 99  ASN A 105 1 ? 7  
HELX_P HELX_P5 5 ASN A 99  ? ALA A 118 ? ASN A 105 ALA A 124 1 ? 20 
HELX_P HELX_P6 6 ASP A 121 ? GLY A 129 ? ASP A 127 GLY A 135 5 ? 9  
HELX_P HELX_P7 7 VAL A 130 ? LEU A 137 ? VAL A 136 LEU A 143 5 ? 8  
HELX_P HELX_P8 8 GLU A 186 ? LEU A 192 ? GLU A 192 LEU A 198 5 ? 7  
HELX_P HELX_P9 9 GLU A 193 ? SER A 205 ? GLU A 199 SER A 211 1 ? 13 
# 
_struct_conf_type.id          HELX_P 
_struct_conf_type.criteria    ? 
_struct_conf_type.reference   ? 
# 
_struct_sheet.id               AA 
_struct_sheet.type             ? 
_struct_sheet.number_strands   8 
_struct_sheet.details          ? 
# 
loop_
_struct_sheet_order.sheet_id 
_struct_sheet_order.range_id_1 
_struct_sheet_order.range_id_2 
_struct_sheet_order.offset 
_struct_sheet_order.sense 
AA 1 2 ? anti-parallel 
AA 2 3 ? anti-parallel 
AA 3 4 ? anti-parallel 
AA 4 5 ? anti-parallel 
AA 5 6 ? anti-parallel 
AA 6 7 ? anti-parallel 
AA 7 8 ? parallel      
# 
loop_
_struct_sheet_range.sheet_id 
_struct_sheet_range.id 
_struct_sheet_range.beg_label_comp_id 
_struct_sheet_range.beg_label_asym_id 
_struct_sheet_range.beg_label_seq_id 
_struct_sheet_range.pdbx_beg_PDB_ins_code 
_struct_sheet_range.end_label_comp_id 
_struct_sheet_range.end_label_asym_id 
_struct_sheet_range.end_label_seq_id 
_struct_sheet_range.pdbx_end_PDB_ins_code 
_struct_sheet_range.beg_auth_comp_id 
_struct_sheet_range.beg_auth_asym_id 
_struct_sheet_range.beg_auth_seq_id 
_struct_sheet_range.end_auth_comp_id 
_struct_sheet_range.end_auth_asym_id 
_struct_sheet_range.end_auth_seq_id 
AA 1 GLU A 12  ? ALA A 15  ? GLU A 18  ALA A 21  
AA 2 SER A 163 ? THR A 168 ? SER A 169 THR A 174 
AA 3 GLN A 153 ? SER A 158 ? GLN A 159 SER A 164 
AA 4 ALA A 139 ? LYS A 147 ? ALA A 145 LYS A 153 
AA 5 GLY A 177 ? LEU A 184 ? GLY A 183 LEU A 190 
AA 6 THR A 82  ? ASP A 87  ? THR A 88  ASP A 93  
AA 7 ILE A 72  ? ASN A 77  ? ILE A 78  ASN A 83  
AA 8 ILE A 212 ? LEU A 214 ? ILE A 218 LEU A 220 
# 
loop_
_pdbx_struct_sheet_hbond.sheet_id 
_pdbx_struct_sheet_hbond.range_id_1 
_pdbx_struct_sheet_hbond.range_id_2 
_pdbx_struct_sheet_hbond.range_1_label_atom_id 
_pdbx_struct_sheet_hbond.range_1_label_comp_id 
_pdbx_struct_sheet_hbond.range_1_label_asym_id 
_pdbx_struct_sheet_hbond.range_1_label_seq_id 
_pdbx_struct_sheet_hbond.range_1_PDB_ins_code 
_pdbx_struct_sheet_hbond.range_1_auth_atom_id 
_pdbx_struct_sheet_hbond.range_1_auth_comp_id 
_pdbx_struct_sheet_hbond.range_1_auth_asym_id 
_pdbx_struct_sheet_hbond.range_1_auth_seq_id 
_pdbx_struct_sheet_hbond.range_2_label_atom_id 
_pdbx_struct_sheet_hbond.range_2_label_comp_id 
_pdbx_struct_sheet_hbond.range_2_label_asym_id 
_pdbx_struct_sheet_hbond.range_2_label_seq_id 
_pdbx_struct_sheet_hbond.range_2_PDB_ins_code 
_pdbx_struct_sheet_hbond.range_2_auth_atom_id 
_pdbx_struct_sheet_hbond.range_2_auth_comp_id 
_pdbx_struct_sheet_hbond.range_2_auth_asym_id 
_pdbx_struct_sheet_hbond.range_2_auth_seq_id 
AA 1 2 N PHE A 14  ? N PHE A 20  O PHE A 164 ? O PHE A 170 
AA 2 3 N ARG A 167 ? N ARG A 173 O ALA A 155 ? O ALA A 161 
AA 3 4 N SER A 158 ? N SER A 164 O VAL A 142 ? O VAL A 148 
AA 4 5 N LYS A 147 ? N LYS A 153 O GLY A 177 ? O GLY A 183 
AA 5 6 N LEU A 182 ? N LEU A 188 O LEU A 83  ? O LEU A 89  
AA 6 7 N VAL A 86  ? N VAL A 92  O ASN A 73  ? O ASN A 79  
AA 7 8 N LEU A 74  ? N LEU A 80  O THR A 213 ? O THR A 219 
# 
_struct_site.id                   AC1 
_struct_site.pdbx_evidence_code   Software 
_struct_site.pdbx_auth_asym_id    A 
_struct_site.pdbx_auth_comp_id    TV2 
_struct_site.pdbx_auth_seq_id     1224 
_struct_site.pdbx_auth_ins_code   ? 
_struct_site.pdbx_num_residues    15 
_struct_site.details              'BINDING SITE FOR RESIDUE TV2 A 1224' 
# 
loop_
_struct_site_gen.id 
_struct_site_gen.site_id 
_struct_site_gen.pdbx_num_res 
_struct_site_gen.label_comp_id 
_struct_site_gen.label_asym_id 
_struct_site_gen.label_seq_id 
_struct_site_gen.pdbx_auth_ins_code 
_struct_site_gen.auth_comp_id 
_struct_site_gen.auth_asym_id 
_struct_site_gen.auth_seq_id 
_struct_site_gen.label_atom_id 
_struct_site_gen.label_alt_id 
_struct_site_gen.symmetry 
_struct_site_gen.details 
1  AC1 15 ASN A 45  ? ASN A 51   . ? 1_555 ? 
2  AC1 15 ALA A 49  ? ALA A 55   . ? 1_555 ? 
3  AC1 15 ASP A 87  ? ASP A 93   . ? 1_555 ? 
4  AC1 15 ILE A 90  ? ILE A 96   . ? 1_555 ? 
5  AC1 15 GLY A 91  ? GLY A 97   . ? 1_555 ? 
6  AC1 15 MET A 92  ? MET A 98   . ? 1_555 ? 
7  AC1 15 LEU A 101 ? LEU A 107  . ? 1_555 ? 
8  AC1 15 PHE A 132 ? PHE A 138  . ? 1_555 ? 
9  AC1 15 VAL A 144 ? VAL A 150  . ? 1_555 ? 
10 AC1 15 TRP A 156 ? TRP A 162  . ? 1_555 ? 
11 AC1 15 THR A 178 ? THR A 184  . ? 1_555 ? 
12 AC1 15 HOH C .   ? HOH A 2034 . ? 1_555 ? 
13 AC1 15 HOH C .   ? HOH A 2069 . ? 1_555 ? 
14 AC1 15 HOH C .   ? HOH A 2083 . ? 1_555 ? 
15 AC1 15 HOH C .   ? HOH A 2123 . ? 1_555 ? 
# 
loop_
_pdbx_validate_torsion.id 
_pdbx_validate_torsion.PDB_model_num 
_pdbx_validate_torsion.auth_comp_id 
_pdbx_validate_torsion.auth_asym_id 
_pdbx_validate_torsion.auth_seq_id 
_pdbx_validate_torsion.PDB_ins_code 
_pdbx_validate_torsion.label_alt_id 
_pdbx_validate_torsion.phi 
_pdbx_validate_torsion.psi 
1 1 TYR A 38  ? ? -161.46 108.27  
2 1 THR A 94  ? ? -104.86 40.82   
3 1 ALA A 166 ? ? 58.32   -146.15 
# 
_pdbx_entry_details.entry_id                 4CWP 
_pdbx_entry_details.compound_details         ? 
_pdbx_entry_details.source_details           ? 
_pdbx_entry_details.nonpolymer_details       ? 
_pdbx_entry_details.sequence_details         'THE FIRST TWO RESIDUES  GP  ARE EXPRESSION  TAG' 
_pdbx_entry_details.has_ligand_of_interest   ? 
# 
loop_
_pdbx_unobs_or_zero_occ_residues.id 
_pdbx_unobs_or_zero_occ_residues.PDB_model_num 
_pdbx_unobs_or_zero_occ_residues.polymer_flag 
_pdbx_unobs_or_zero_occ_residues.occupancy_flag 
_pdbx_unobs_or_zero_occ_residues.auth_asym_id 
_pdbx_unobs_or_zero_occ_residues.auth_comp_id 
_pdbx_unobs_or_zero_occ_residues.auth_seq_id 
_pdbx_unobs_or_zero_occ_residues.PDB_ins_code 
_pdbx_unobs_or_zero_occ_residues.label_asym_id 
_pdbx_unobs_or_zero_occ_residues.label_comp_id 
_pdbx_unobs_or_zero_occ_residues.label_seq_id 
1  1 Y 1 A GLY 7   ? A GLY 1   
2  1 Y 1 A PRO 8   ? A PRO 2   
3  1 Y 1 A ASP 9   ? A ASP 3   
4  1 Y 1 A GLN 10  ? A GLN 4   
5  1 Y 1 A PRO 11  ? A PRO 5   
6  1 Y 1 A MET 12  ? A MET 6   
7  1 Y 1 A GLU 13  ? A GLU 7   
8  1 Y 1 A GLU 14  ? A GLU 8   
9  1 Y 1 A GLU 15  ? A GLU 9   
10 1 Y 1 A GLU 16  ? A GLU 10  
11 1 Y 1 A LYS 224 ? A LYS 218 
12 1 Y 1 A GLU 225 ? A GLU 219 
13 1 Y 1 A ARG 226 ? A ARG 220 
14 1 Y 1 A ASP 227 ? A ASP 221 
15 1 Y 1 A LYS 228 ? A LYS 222 
16 1 Y 1 A GLU 229 ? A GLU 223 
17 1 Y 1 A VAL 230 ? A VAL 224 
18 1 Y 1 A SER 231 ? A SER 225 
19 1 Y 1 A ASP 232 ? A ASP 226 
20 1 Y 1 A ASP 233 ? A ASP 227 
21 1 Y 1 A GLU 234 ? A GLU 228 
22 1 Y 1 A ALA 235 ? A ALA 229 
23 1 Y 1 A GLU 236 ? A GLU 230 
# 
loop_
_chem_comp_atom.comp_id 
_chem_comp_atom.atom_id 
_chem_comp_atom.type_symbol 
_chem_comp_atom.pdbx_aromatic_flag 
_chem_comp_atom.pdbx_stereo_config 
_chem_comp_atom.pdbx_ordinal 
ALA N    N N N 1   
ALA CA   C N S 2   
ALA C    C N N 3   
ALA O    O N N 4   
ALA CB   C N N 5   
ALA OXT  O N N 6   
ALA H    H N N 7   
ALA H2   H N N 8   
ALA HA   H N N 9   
ALA HB1  H N N 10  
ALA HB2  H N N 11  
ALA HB3  H N N 12  
ALA HXT  H N N 13  
ARG N    N N N 14  
ARG CA   C N S 15  
ARG C    C N N 16  
ARG O    O N N 17  
ARG CB   C N N 18  
ARG CG   C N N 19  
ARG CD   C N N 20  
ARG NE   N N N 21  
ARG CZ   C N N 22  
ARG NH1  N N N 23  
ARG NH2  N N N 24  
ARG OXT  O N N 25  
ARG H    H N N 26  
ARG H2   H N N 27  
ARG HA   H N N 28  
ARG HB2  H N N 29  
ARG HB3  H N N 30  
ARG HG2  H N N 31  
ARG HG3  H N N 32  
ARG HD2  H N N 33  
ARG HD3  H N N 34  
ARG HE   H N N 35  
ARG HH11 H N N 36  
ARG HH12 H N N 37  
ARG HH21 H N N 38  
ARG HH22 H N N 39  
ARG HXT  H N N 40  
ASN N    N N N 41  
ASN CA   C N S 42  
ASN C    C N N 43  
ASN O    O N N 44  
ASN CB   C N N 45  
ASN CG   C N N 46  
ASN OD1  O N N 47  
ASN ND2  N N N 48  
ASN OXT  O N N 49  
ASN H    H N N 50  
ASN H2   H N N 51  
ASN HA   H N N 52  
ASN HB2  H N N 53  
ASN HB3  H N N 54  
ASN HD21 H N N 55  
ASN HD22 H N N 56  
ASN HXT  H N N 57  
ASP N    N N N 58  
ASP CA   C N S 59  
ASP C    C N N 60  
ASP O    O N N 61  
ASP CB   C N N 62  
ASP CG   C N N 63  
ASP OD1  O N N 64  
ASP OD2  O N N 65  
ASP OXT  O N N 66  
ASP H    H N N 67  
ASP H2   H N N 68  
ASP HA   H N N 69  
ASP HB2  H N N 70  
ASP HB3  H N N 71  
ASP HD2  H N N 72  
ASP HXT  H N N 73  
GLN N    N N N 74  
GLN CA   C N S 75  
GLN C    C N N 76  
GLN O    O N N 77  
GLN CB   C N N 78  
GLN CG   C N N 79  
GLN CD   C N N 80  
GLN OE1  O N N 81  
GLN NE2  N N N 82  
GLN OXT  O N N 83  
GLN H    H N N 84  
GLN H2   H N N 85  
GLN HA   H N N 86  
GLN HB2  H N N 87  
GLN HB3  H N N 88  
GLN HG2  H N N 89  
GLN HG3  H N N 90  
GLN HE21 H N N 91  
GLN HE22 H N N 92  
GLN HXT  H N N 93  
GLU N    N N N 94  
GLU CA   C N S 95  
GLU C    C N N 96  
GLU O    O N N 97  
GLU CB   C N N 98  
GLU CG   C N N 99  
GLU CD   C N N 100 
GLU OE1  O N N 101 
GLU OE2  O N N 102 
GLU OXT  O N N 103 
GLU H    H N N 104 
GLU H2   H N N 105 
GLU HA   H N N 106 
GLU HB2  H N N 107 
GLU HB3  H N N 108 
GLU HG2  H N N 109 
GLU HG3  H N N 110 
GLU HE2  H N N 111 
GLU HXT  H N N 112 
GLY N    N N N 113 
GLY CA   C N N 114 
GLY C    C N N 115 
GLY O    O N N 116 
GLY OXT  O N N 117 
GLY H    H N N 118 
GLY H2   H N N 119 
GLY HA2  H N N 120 
GLY HA3  H N N 121 
GLY HXT  H N N 122 
HIS N    N N N 123 
HIS CA   C N S 124 
HIS C    C N N 125 
HIS O    O N N 126 
HIS CB   C N N 127 
HIS CG   C Y N 128 
HIS ND1  N Y N 129 
HIS CD2  C Y N 130 
HIS CE1  C Y N 131 
HIS NE2  N Y N 132 
HIS OXT  O N N 133 
HIS H    H N N 134 
HIS H2   H N N 135 
HIS HA   H N N 136 
HIS HB2  H N N 137 
HIS HB3  H N N 138 
HIS HD1  H N N 139 
HIS HD2  H N N 140 
HIS HE1  H N N 141 
HIS HE2  H N N 142 
HIS HXT  H N N 143 
HOH O    O N N 144 
HOH H1   H N N 145 
HOH H2   H N N 146 
ILE N    N N N 147 
ILE CA   C N S 148 
ILE C    C N N 149 
ILE O    O N N 150 
ILE CB   C N S 151 
ILE CG1  C N N 152 
ILE CG2  C N N 153 
ILE CD1  C N N 154 
ILE OXT  O N N 155 
ILE H    H N N 156 
ILE H2   H N N 157 
ILE HA   H N N 158 
ILE HB   H N N 159 
ILE HG12 H N N 160 
ILE HG13 H N N 161 
ILE HG21 H N N 162 
ILE HG22 H N N 163 
ILE HG23 H N N 164 
ILE HD11 H N N 165 
ILE HD12 H N N 166 
ILE HD13 H N N 167 
ILE HXT  H N N 168 
LEU N    N N N 169 
LEU CA   C N S 170 
LEU C    C N N 171 
LEU O    O N N 172 
LEU CB   C N N 173 
LEU CG   C N N 174 
LEU CD1  C N N 175 
LEU CD2  C N N 176 
LEU OXT  O N N 177 
LEU H    H N N 178 
LEU H2   H N N 179 
LEU HA   H N N 180 
LEU HB2  H N N 181 
LEU HB3  H N N 182 
LEU HG   H N N 183 
LEU HD11 H N N 184 
LEU HD12 H N N 185 
LEU HD13 H N N 186 
LEU HD21 H N N 187 
LEU HD22 H N N 188 
LEU HD23 H N N 189 
LEU HXT  H N N 190 
LYS N    N N N 191 
LYS CA   C N S 192 
LYS C    C N N 193 
LYS O    O N N 194 
LYS CB   C N N 195 
LYS CG   C N N 196 
LYS CD   C N N 197 
LYS CE   C N N 198 
LYS NZ   N N N 199 
LYS OXT  O N N 200 
LYS H    H N N 201 
LYS H2   H N N 202 
LYS HA   H N N 203 
LYS HB2  H N N 204 
LYS HB3  H N N 205 
LYS HG2  H N N 206 
LYS HG3  H N N 207 
LYS HD2  H N N 208 
LYS HD3  H N N 209 
LYS HE2  H N N 210 
LYS HE3  H N N 211 
LYS HZ1  H N N 212 
LYS HZ2  H N N 213 
LYS HZ3  H N N 214 
LYS HXT  H N N 215 
MET N    N N N 216 
MET CA   C N S 217 
MET C    C N N 218 
MET O    O N N 219 
MET CB   C N N 220 
MET CG   C N N 221 
MET SD   S N N 222 
MET CE   C N N 223 
MET OXT  O N N 224 
MET H    H N N 225 
MET H2   H N N 226 
MET HA   H N N 227 
MET HB2  H N N 228 
MET HB3  H N N 229 
MET HG2  H N N 230 
MET HG3  H N N 231 
MET HE1  H N N 232 
MET HE2  H N N 233 
MET HE3  H N N 234 
MET HXT  H N N 235 
PHE N    N N N 236 
PHE CA   C N S 237 
PHE C    C N N 238 
PHE O    O N N 239 
PHE CB   C N N 240 
PHE CG   C Y N 241 
PHE CD1  C Y N 242 
PHE CD2  C Y N 243 
PHE CE1  C Y N 244 
PHE CE2  C Y N 245 
PHE CZ   C Y N 246 
PHE OXT  O N N 247 
PHE H    H N N 248 
PHE H2   H N N 249 
PHE HA   H N N 250 
PHE HB2  H N N 251 
PHE HB3  H N N 252 
PHE HD1  H N N 253 
PHE HD2  H N N 254 
PHE HE1  H N N 255 
PHE HE2  H N N 256 
PHE HZ   H N N 257 
PHE HXT  H N N 258 
PRO N    N N N 259 
PRO CA   C N S 260 
PRO C    C N N 261 
PRO O    O N N 262 
PRO CB   C N N 263 
PRO CG   C N N 264 
PRO CD   C N N 265 
PRO OXT  O N N 266 
PRO H    H N N 267 
PRO HA   H N N 268 
PRO HB2  H N N 269 
PRO HB3  H N N 270 
PRO HG2  H N N 271 
PRO HG3  H N N 272 
PRO HD2  H N N 273 
PRO HD3  H N N 274 
PRO HXT  H N N 275 
SER N    N N N 276 
SER CA   C N S 277 
SER C    C N N 278 
SER O    O N N 279 
SER CB   C N N 280 
SER OG   O N N 281 
SER OXT  O N N 282 
SER H    H N N 283 
SER H2   H N N 284 
SER HA   H N N 285 
SER HB2  H N N 286 
SER HB3  H N N 287 
SER HG   H N N 288 
SER HXT  H N N 289 
THR N    N N N 290 
THR CA   C N S 291 
THR C    C N N 292 
THR O    O N N 293 
THR CB   C N R 294 
THR OG1  O N N 295 
THR CG2  C N N 296 
THR OXT  O N N 297 
THR H    H N N 298 
THR H2   H N N 299 
THR HA   H N N 300 
THR HB   H N N 301 
THR HG1  H N N 302 
THR HG21 H N N 303 
THR HG22 H N N 304 
THR HG23 H N N 305 
THR HXT  H N N 306 
TRP N    N N N 307 
TRP CA   C N S 308 
TRP C    C N N 309 
TRP O    O N N 310 
TRP CB   C N N 311 
TRP CG   C Y N 312 
TRP CD1  C Y N 313 
TRP CD2  C Y N 314 
TRP NE1  N Y N 315 
TRP CE2  C Y N 316 
TRP CE3  C Y N 317 
TRP CZ2  C Y N 318 
TRP CZ3  C Y N 319 
TRP CH2  C Y N 320 
TRP OXT  O N N 321 
TRP H    H N N 322 
TRP H2   H N N 323 
TRP HA   H N N 324 
TRP HB2  H N N 325 
TRP HB3  H N N 326 
TRP HD1  H N N 327 
TRP HE1  H N N 328 
TRP HE3  H N N 329 
TRP HZ2  H N N 330 
TRP HZ3  H N N 331 
TRP HH2  H N N 332 
TRP HXT  H N N 333 
TV2 N5   N N N 334 
TV2 C17  C Y N 335 
TV2 N3   N Y N 336 
TV2 N1   N Y N 337 
TV2 C7   C Y N 338 
TV2 N4   N Y N 339 
TV2 C8   C Y N 340 
TV2 N2   N Y N 341 
TV2 C4   C Y N 342 
TV2 C3   C Y N 343 
TV2 C2   C Y N 344 
TV2 C1   C Y N 345 
TV2 C6   C Y N 346 
TV2 C5   C Y N 347 
TV2 C9   C N N 348 
TV2 C10  C Y N 349 
TV2 C11  C Y N 350 
TV2 C12  C Y N 351 
TV2 C13  C Y N 352 
TV2 C14  C Y N 353 
TV2 C15  C Y N 354 
TV2 O2   O N N 355 
TV2 C16  C N N 356 
TV2 O1   O N N 357 
TV2 H5A  H N N 358 
TV2 H5B  H N N 359 
TV2 H91C H N N 360 
TV2 H92C H N N 361 
TV2 HA   H N N 362 
TV2 H2   H N N 363 
TV2 H1   H N N 364 
TV2 H6   H N N 365 
TV2 H11  H N N 366 
TV2 H15  H N N 367 
TV2 H12  H N N 368 
TV2 H161 H N N 369 
TV2 H162 H N N 370 
TYR N    N N N 371 
TYR CA   C N S 372 
TYR C    C N N 373 
TYR O    O N N 374 
TYR CB   C N N 375 
TYR CG   C Y N 376 
TYR CD1  C Y N 377 
TYR CD2  C Y N 378 
TYR CE1  C Y N 379 
TYR CE2  C Y N 380 
TYR CZ   C Y N 381 
TYR OH   O N N 382 
TYR OXT  O N N 383 
TYR H    H N N 384 
TYR H2   H N N 385 
TYR HA   H N N 386 
TYR HB2  H N N 387 
TYR HB3  H N N 388 
TYR HD1  H N N 389 
TYR HD2  H N N 390 
TYR HE1  H N N 391 
TYR HE2  H N N 392 
TYR HH   H N N 393 
TYR HXT  H N N 394 
VAL N    N N N 395 
VAL CA   C N S 396 
VAL C    C N N 397 
VAL O    O N N 398 
VAL CB   C N N 399 
VAL CG1  C N N 400 
VAL CG2  C N N 401 
VAL OXT  O N N 402 
VAL H    H N N 403 
VAL H2   H N N 404 
VAL HA   H N N 405 
VAL HB   H N N 406 
VAL HG11 H N N 407 
VAL HG12 H N N 408 
VAL HG13 H N N 409 
VAL HG21 H N N 410 
VAL HG22 H N N 411 
VAL HG23 H N N 412 
VAL HXT  H N N 413 
# 
loop_
_chem_comp_bond.comp_id 
_chem_comp_bond.atom_id_1 
_chem_comp_bond.atom_id_2 
_chem_comp_bond.value_order 
_chem_comp_bond.pdbx_aromatic_flag 
_chem_comp_bond.pdbx_stereo_config 
_chem_comp_bond.pdbx_ordinal 
ALA N   CA   sing N N 1   
ALA N   H    sing N N 2   
ALA N   H2   sing N N 3   
ALA CA  C    sing N N 4   
ALA CA  CB   sing N N 5   
ALA CA  HA   sing N N 6   
ALA C   O    doub N N 7   
ALA C   OXT  sing N N 8   
ALA CB  HB1  sing N N 9   
ALA CB  HB2  sing N N 10  
ALA CB  HB3  sing N N 11  
ALA OXT HXT  sing N N 12  
ARG N   CA   sing N N 13  
ARG N   H    sing N N 14  
ARG N   H2   sing N N 15  
ARG CA  C    sing N N 16  
ARG CA  CB   sing N N 17  
ARG CA  HA   sing N N 18  
ARG C   O    doub N N 19  
ARG C   OXT  sing N N 20  
ARG CB  CG   sing N N 21  
ARG CB  HB2  sing N N 22  
ARG CB  HB3  sing N N 23  
ARG CG  CD   sing N N 24  
ARG CG  HG2  sing N N 25  
ARG CG  HG3  sing N N 26  
ARG CD  NE   sing N N 27  
ARG CD  HD2  sing N N 28  
ARG CD  HD3  sing N N 29  
ARG NE  CZ   sing N N 30  
ARG NE  HE   sing N N 31  
ARG CZ  NH1  sing N N 32  
ARG CZ  NH2  doub N N 33  
ARG NH1 HH11 sing N N 34  
ARG NH1 HH12 sing N N 35  
ARG NH2 HH21 sing N N 36  
ARG NH2 HH22 sing N N 37  
ARG OXT HXT  sing N N 38  
ASN N   CA   sing N N 39  
ASN N   H    sing N N 40  
ASN N   H2   sing N N 41  
ASN CA  C    sing N N 42  
ASN CA  CB   sing N N 43  
ASN CA  HA   sing N N 44  
ASN C   O    doub N N 45  
ASN C   OXT  sing N N 46  
ASN CB  CG   sing N N 47  
ASN CB  HB2  sing N N 48  
ASN CB  HB3  sing N N 49  
ASN CG  OD1  doub N N 50  
ASN CG  ND2  sing N N 51  
ASN ND2 HD21 sing N N 52  
ASN ND2 HD22 sing N N 53  
ASN OXT HXT  sing N N 54  
ASP N   CA   sing N N 55  
ASP N   H    sing N N 56  
ASP N   H2   sing N N 57  
ASP CA  C    sing N N 58  
ASP CA  CB   sing N N 59  
ASP CA  HA   sing N N 60  
ASP C   O    doub N N 61  
ASP C   OXT  sing N N 62  
ASP CB  CG   sing N N 63  
ASP CB  HB2  sing N N 64  
ASP CB  HB3  sing N N 65  
ASP CG  OD1  doub N N 66  
ASP CG  OD2  sing N N 67  
ASP OD2 HD2  sing N N 68  
ASP OXT HXT  sing N N 69  
GLN N   CA   sing N N 70  
GLN N   H    sing N N 71  
GLN N   H2   sing N N 72  
GLN CA  C    sing N N 73  
GLN CA  CB   sing N N 74  
GLN CA  HA   sing N N 75  
GLN C   O    doub N N 76  
GLN C   OXT  sing N N 77  
GLN CB  CG   sing N N 78  
GLN CB  HB2  sing N N 79  
GLN CB  HB3  sing N N 80  
GLN CG  CD   sing N N 81  
GLN CG  HG2  sing N N 82  
GLN CG  HG3  sing N N 83  
GLN CD  OE1  doub N N 84  
GLN CD  NE2  sing N N 85  
GLN NE2 HE21 sing N N 86  
GLN NE2 HE22 sing N N 87  
GLN OXT HXT  sing N N 88  
GLU N   CA   sing N N 89  
GLU N   H    sing N N 90  
GLU N   H2   sing N N 91  
GLU CA  C    sing N N 92  
GLU CA  CB   sing N N 93  
GLU CA  HA   sing N N 94  
GLU C   O    doub N N 95  
GLU C   OXT  sing N N 96  
GLU CB  CG   sing N N 97  
GLU CB  HB2  sing N N 98  
GLU CB  HB3  sing N N 99  
GLU CG  CD   sing N N 100 
GLU CG  HG2  sing N N 101 
GLU CG  HG3  sing N N 102 
GLU CD  OE1  doub N N 103 
GLU CD  OE2  sing N N 104 
GLU OE2 HE2  sing N N 105 
GLU OXT HXT  sing N N 106 
GLY N   CA   sing N N 107 
GLY N   H    sing N N 108 
GLY N   H2   sing N N 109 
GLY CA  C    sing N N 110 
GLY CA  HA2  sing N N 111 
GLY CA  HA3  sing N N 112 
GLY C   O    doub N N 113 
GLY C   OXT  sing N N 114 
GLY OXT HXT  sing N N 115 
HIS N   CA   sing N N 116 
HIS N   H    sing N N 117 
HIS N   H2   sing N N 118 
HIS CA  C    sing N N 119 
HIS CA  CB   sing N N 120 
HIS CA  HA   sing N N 121 
HIS C   O    doub N N 122 
HIS C   OXT  sing N N 123 
HIS CB  CG   sing N N 124 
HIS CB  HB2  sing N N 125 
HIS CB  HB3  sing N N 126 
HIS CG  ND1  sing Y N 127 
HIS CG  CD2  doub Y N 128 
HIS ND1 CE1  doub Y N 129 
HIS ND1 HD1  sing N N 130 
HIS CD2 NE2  sing Y N 131 
HIS CD2 HD2  sing N N 132 
HIS CE1 NE2  sing Y N 133 
HIS CE1 HE1  sing N N 134 
HIS NE2 HE2  sing N N 135 
HIS OXT HXT  sing N N 136 
HOH O   H1   sing N N 137 
HOH O   H2   sing N N 138 
ILE N   CA   sing N N 139 
ILE N   H    sing N N 140 
ILE N   H2   sing N N 141 
ILE CA  C    sing N N 142 
ILE CA  CB   sing N N 143 
ILE CA  HA   sing N N 144 
ILE C   O    doub N N 145 
ILE C   OXT  sing N N 146 
ILE CB  CG1  sing N N 147 
ILE CB  CG2  sing N N 148 
ILE CB  HB   sing N N 149 
ILE CG1 CD1  sing N N 150 
ILE CG1 HG12 sing N N 151 
ILE CG1 HG13 sing N N 152 
ILE CG2 HG21 sing N N 153 
ILE CG2 HG22 sing N N 154 
ILE CG2 HG23 sing N N 155 
ILE CD1 HD11 sing N N 156 
ILE CD1 HD12 sing N N 157 
ILE CD1 HD13 sing N N 158 
ILE OXT HXT  sing N N 159 
LEU N   CA   sing N N 160 
LEU N   H    sing N N 161 
LEU N   H2   sing N N 162 
LEU CA  C    sing N N 163 
LEU CA  CB   sing N N 164 
LEU CA  HA   sing N N 165 
LEU C   O    doub N N 166 
LEU C   OXT  sing N N 167 
LEU CB  CG   sing N N 168 
LEU CB  HB2  sing N N 169 
LEU CB  HB3  sing N N 170 
LEU CG  CD1  sing N N 171 
LEU CG  CD2  sing N N 172 
LEU CG  HG   sing N N 173 
LEU CD1 HD11 sing N N 174 
LEU CD1 HD12 sing N N 175 
LEU CD1 HD13 sing N N 176 
LEU CD2 HD21 sing N N 177 
LEU CD2 HD22 sing N N 178 
LEU CD2 HD23 sing N N 179 
LEU OXT HXT  sing N N 180 
LYS N   CA   sing N N 181 
LYS N   H    sing N N 182 
LYS N   H2   sing N N 183 
LYS CA  C    sing N N 184 
LYS CA  CB   sing N N 185 
LYS CA  HA   sing N N 186 
LYS C   O    doub N N 187 
LYS C   OXT  sing N N 188 
LYS CB  CG   sing N N 189 
LYS CB  HB2  sing N N 190 
LYS CB  HB3  sing N N 191 
LYS CG  CD   sing N N 192 
LYS CG  HG2  sing N N 193 
LYS CG  HG3  sing N N 194 
LYS CD  CE   sing N N 195 
LYS CD  HD2  sing N N 196 
LYS CD  HD3  sing N N 197 
LYS CE  NZ   sing N N 198 
LYS CE  HE2  sing N N 199 
LYS CE  HE3  sing N N 200 
LYS NZ  HZ1  sing N N 201 
LYS NZ  HZ2  sing N N 202 
LYS NZ  HZ3  sing N N 203 
LYS OXT HXT  sing N N 204 
MET N   CA   sing N N 205 
MET N   H    sing N N 206 
MET N   H2   sing N N 207 
MET CA  C    sing N N 208 
MET CA  CB   sing N N 209 
MET CA  HA   sing N N 210 
MET C   O    doub N N 211 
MET C   OXT  sing N N 212 
MET CB  CG   sing N N 213 
MET CB  HB2  sing N N 214 
MET CB  HB3  sing N N 215 
MET CG  SD   sing N N 216 
MET CG  HG2  sing N N 217 
MET CG  HG3  sing N N 218 
MET SD  CE   sing N N 219 
MET CE  HE1  sing N N 220 
MET CE  HE2  sing N N 221 
MET CE  HE3  sing N N 222 
MET OXT HXT  sing N N 223 
PHE N   CA   sing N N 224 
PHE N   H    sing N N 225 
PHE N   H2   sing N N 226 
PHE CA  C    sing N N 227 
PHE CA  CB   sing N N 228 
PHE CA  HA   sing N N 229 
PHE C   O    doub N N 230 
PHE C   OXT  sing N N 231 
PHE CB  CG   sing N N 232 
PHE CB  HB2  sing N N 233 
PHE CB  HB3  sing N N 234 
PHE CG  CD1  doub Y N 235 
PHE CG  CD2  sing Y N 236 
PHE CD1 CE1  sing Y N 237 
PHE CD1 HD1  sing N N 238 
PHE CD2 CE2  doub Y N 239 
PHE CD2 HD2  sing N N 240 
PHE CE1 CZ   doub Y N 241 
PHE CE1 HE1  sing N N 242 
PHE CE2 CZ   sing Y N 243 
PHE CE2 HE2  sing N N 244 
PHE CZ  HZ   sing N N 245 
PHE OXT HXT  sing N N 246 
PRO N   CA   sing N N 247 
PRO N   CD   sing N N 248 
PRO N   H    sing N N 249 
PRO CA  C    sing N N 250 
PRO CA  CB   sing N N 251 
PRO CA  HA   sing N N 252 
PRO C   O    doub N N 253 
PRO C   OXT  sing N N 254 
PRO CB  CG   sing N N 255 
PRO CB  HB2  sing N N 256 
PRO CB  HB3  sing N N 257 
PRO CG  CD   sing N N 258 
PRO CG  HG2  sing N N 259 
PRO CG  HG3  sing N N 260 
PRO CD  HD2  sing N N 261 
PRO CD  HD3  sing N N 262 
PRO OXT HXT  sing N N 263 
SER N   CA   sing N N 264 
SER N   H    sing N N 265 
SER N   H2   sing N N 266 
SER CA  C    sing N N 267 
SER CA  CB   sing N N 268 
SER CA  HA   sing N N 269 
SER C   O    doub N N 270 
SER C   OXT  sing N N 271 
SER CB  OG   sing N N 272 
SER CB  HB2  sing N N 273 
SER CB  HB3  sing N N 274 
SER OG  HG   sing N N 275 
SER OXT HXT  sing N N 276 
THR N   CA   sing N N 277 
THR N   H    sing N N 278 
THR N   H2   sing N N 279 
THR CA  C    sing N N 280 
THR CA  CB   sing N N 281 
THR CA  HA   sing N N 282 
THR C   O    doub N N 283 
THR C   OXT  sing N N 284 
THR CB  OG1  sing N N 285 
THR CB  CG2  sing N N 286 
THR CB  HB   sing N N 287 
THR OG1 HG1  sing N N 288 
THR CG2 HG21 sing N N 289 
THR CG2 HG22 sing N N 290 
THR CG2 HG23 sing N N 291 
THR OXT HXT  sing N N 292 
TRP N   CA   sing N N 293 
TRP N   H    sing N N 294 
TRP N   H2   sing N N 295 
TRP CA  C    sing N N 296 
TRP CA  CB   sing N N 297 
TRP CA  HA   sing N N 298 
TRP C   O    doub N N 299 
TRP C   OXT  sing N N 300 
TRP CB  CG   sing N N 301 
TRP CB  HB2  sing N N 302 
TRP CB  HB3  sing N N 303 
TRP CG  CD1  doub Y N 304 
TRP CG  CD2  sing Y N 305 
TRP CD1 NE1  sing Y N 306 
TRP CD1 HD1  sing N N 307 
TRP CD2 CE2  doub Y N 308 
TRP CD2 CE3  sing Y N 309 
TRP NE1 CE2  sing Y N 310 
TRP NE1 HE1  sing N N 311 
TRP CE2 CZ2  sing Y N 312 
TRP CE3 CZ3  doub Y N 313 
TRP CE3 HE3  sing N N 314 
TRP CZ2 CH2  doub Y N 315 
TRP CZ2 HZ2  sing N N 316 
TRP CZ3 CH2  sing Y N 317 
TRP CZ3 HZ3  sing N N 318 
TRP CH2 HH2  sing N N 319 
TRP OXT HXT  sing N N 320 
TV2 N5  C17  sing N N 321 
TV2 C17 N3   doub Y N 322 
TV2 C17 N4   sing Y N 323 
TV2 N3  N1   sing Y N 324 
TV2 N1  C7   sing Y N 325 
TV2 N1  C8   sing Y N 326 
TV2 C7  N4   doub Y N 327 
TV2 C7  C5   sing Y N 328 
TV2 C8  N2   doub Y N 329 
TV2 C8  C9   sing N N 330 
TV2 N2  C4   sing Y N 331 
TV2 C4  C3   sing Y N 332 
TV2 C4  C5   doub Y N 333 
TV2 C3  C2   doub Y N 334 
TV2 C2  C1   sing Y N 335 
TV2 C1  C6   doub Y N 336 
TV2 C6  C5   sing Y N 337 
TV2 C9  C10  sing N N 338 
TV2 C10 C11  sing Y N 339 
TV2 C10 C15  doub Y N 340 
TV2 C11 C12  doub Y N 341 
TV2 C12 C13  sing Y N 342 
TV2 C13 C14  doub Y N 343 
TV2 C13 O2   sing N N 344 
TV2 C14 C15  sing Y N 345 
TV2 C14 O1   sing N N 346 
TV2 O2  C16  sing N N 347 
TV2 C16 O1   sing N N 348 
TV2 N5  H5A  sing N N 349 
TV2 N5  H5B  sing N N 350 
TV2 C9  H91C sing N N 351 
TV2 C9  H92C sing N N 352 
TV2 C3  HA   sing N N 353 
TV2 C2  H2   sing N N 354 
TV2 C1  H1   sing N N 355 
TV2 C6  H6   sing N N 356 
TV2 C11 H11  sing N N 357 
TV2 C15 H15  sing N N 358 
TV2 C12 H12  sing N N 359 
TV2 C16 H161 sing N N 360 
TV2 C16 H162 sing N N 361 
TYR N   CA   sing N N 362 
TYR N   H    sing N N 363 
TYR N   H2   sing N N 364 
TYR CA  C    sing N N 365 
TYR CA  CB   sing N N 366 
TYR CA  HA   sing N N 367 
TYR C   O    doub N N 368 
TYR C   OXT  sing N N 369 
TYR CB  CG   sing N N 370 
TYR CB  HB2  sing N N 371 
TYR CB  HB3  sing N N 372 
TYR CG  CD1  doub Y N 373 
TYR CG  CD2  sing Y N 374 
TYR CD1 CE1  sing Y N 375 
TYR CD1 HD1  sing N N 376 
TYR CD2 CE2  doub Y N 377 
TYR CD2 HD2  sing N N 378 
TYR CE1 CZ   doub Y N 379 
TYR CE1 HE1  sing N N 380 
TYR CE2 CZ   sing Y N 381 
TYR CE2 HE2  sing N N 382 
TYR CZ  OH   sing N N 383 
TYR OH  HH   sing N N 384 
TYR OXT HXT  sing N N 385 
VAL N   CA   sing N N 386 
VAL N   H    sing N N 387 
VAL N   H2   sing N N 388 
VAL CA  C    sing N N 389 
VAL CA  CB   sing N N 390 
VAL CA  HA   sing N N 391 
VAL C   O    doub N N 392 
VAL C   OXT  sing N N 393 
VAL CB  CG1  sing N N 394 
VAL CB  CG2  sing N N 395 
VAL CB  HB   sing N N 396 
VAL CG1 HG11 sing N N 397 
VAL CG1 HG12 sing N N 398 
VAL CG1 HG13 sing N N 399 
VAL CG2 HG21 sing N N 400 
VAL CG2 HG22 sing N N 401 
VAL CG2 HG23 sing N N 402 
VAL OXT HXT  sing N N 403 
# 
_atom_sites.entry_id                    4CWP 
_atom_sites.fract_transf_matrix[1][1]   0.00295795 
_atom_sites.fract_transf_matrix[1][2]   -0.01296443 
_atom_sites.fract_transf_matrix[1][3]   -0.00675068 
_atom_sites.fract_transf_matrix[2][1]   0.01070795 
_atom_sites.fract_transf_matrix[2][2]   0.00247316 
_atom_sites.fract_transf_matrix[2][3]   -0.00005770 
_atom_sites.fract_transf_matrix[3][1]   0.00107912 
_atom_sites.fract_transf_matrix[3][2]   -0.00446128 
_atom_sites.fract_transf_matrix[3][3]   0.00904056 
_atom_sites.fract_transf_vector[1]      0.009144 
_atom_sites.fract_transf_vector[2]      0.159236 
_atom_sites.fract_transf_vector[3]      0.210573 
# 
loop_
_atom_type.symbol 
C 
N 
O 
S 
# 
loop_
_atom_site.group_PDB 
_atom_site.id 
_atom_site.type_symbol 
_atom_site.label_atom_id 
_atom_site.label_alt_id 
_atom_site.label_comp_id 
_atom_site.label_asym_id 
_atom_site.label_entity_id 
_atom_site.label_seq_id 
_atom_site.pdbx_PDB_ins_code 
_atom_site.Cartn_x 
_atom_site.Cartn_y 
_atom_site.Cartn_z 
_atom_site.occupancy 
_atom_site.B_iso_or_equiv 
_atom_site.pdbx_formal_charge 
_atom_site.auth_seq_id 
_atom_site.auth_comp_id 
_atom_site.auth_asym_id 
_atom_site.auth_atom_id 
_atom_site.pdbx_PDB_model_num 
ATOM   1    N N   . VAL A 1 11  ? 16.156  -10.092 10.655  1.00 38.79 ? 17   VAL A N   1 
ATOM   2    C CA  . VAL A 1 11  ? 15.684  -9.953  9.226   1.00 36.13 ? 17   VAL A CA  1 
ATOM   3    C C   . VAL A 1 11  ? 15.436  -11.298 8.539   1.00 32.62 ? 17   VAL A C   1 
ATOM   4    O O   . VAL A 1 11  ? 16.385  -11.994 8.151   1.00 32.83 ? 17   VAL A O   1 
ATOM   5    C CB  . VAL A 1 11  ? 16.670  -9.148  8.361   1.00 38.49 ? 17   VAL A CB  1 
ATOM   6    C CG1 . VAL A 1 11  ? 16.052  -8.861  6.984   1.00 40.09 ? 17   VAL A CG1 1 
ATOM   7    C CG2 . VAL A 1 11  ? 17.060  -7.850  9.058   1.00 40.99 ? 17   VAL A CG2 1 
ATOM   8    N N   . GLU A 1 12  ? 14.168  -11.666 8.381   1.00 27.00 ? 18   GLU A N   1 
ATOM   9    C CA  . GLU A 1 12  ? 13.832  -12.912 7.700   1.00 25.40 ? 18   GLU A CA  1 
ATOM   10   C C   . GLU A 1 12  ? 13.512  -12.631 6.208   1.00 24.12 ? 18   GLU A C   1 
ATOM   11   O O   . GLU A 1 12  ? 12.892  -11.616 5.887   1.00 20.38 ? 18   GLU A O   1 
ATOM   12   C CB  . GLU A 1 12  ? 12.669  -13.609 8.400   1.00 25.92 ? 18   GLU A CB  1 
ATOM   13   C CG  . GLU A 1 12  ? 12.967  -14.045 9.833   1.00 29.67 ? 18   GLU A CG  1 
ATOM   14   C CD  . GLU A 1 12  ? 11.788  -14.734 10.497  1.00 31.80 ? 18   GLU A CD  1 
ATOM   15   O OE1 . GLU A 1 12  ? 10.733  -14.095 10.682  1.00 34.55 ? 18   GLU A OE1 1 
ATOM   16   O OE2 . GLU A 1 12  ? 11.914  -15.925 10.841  1.00 37.56 ? 18   GLU A OE2 1 
ATOM   17   N N   . THR A 1 13  ? 13.923  -13.535 5.320   1.00 22.65 ? 19   THR A N   1 
ATOM   18   C CA  . THR A 1 13  ? 13.679  -13.388 3.873   1.00 20.50 ? 19   THR A CA  1 
ATOM   19   C C   . THR A 1 13  ? 12.761  -14.507 3.433   1.00 20.34 ? 19   THR A C   1 
ATOM   20   O O   . THR A 1 13  ? 12.992  -15.683 3.764   1.00 19.81 ? 19   THR A O   1 
ATOM   21   C CB  . THR A 1 13  ? 14.980  -13.459 3.046   1.00 21.06 ? 19   THR A CB  1 
ATOM   22   O OG1 . THR A 1 13  ? 15.900  -12.464 3.485   1.00 20.51 ? 19   THR A OG1 1 
ATOM   23   C CG2 . THR A 1 13  ? 14.693  -13.219 1.545   1.00 20.43 ? 19   THR A CG2 1 
ATOM   24   N N   . PHE A 1 14  ? 11.728  -14.146 2.680   1.00 18.77 ? 20   PHE A N   1 
ATOM   25   C CA  . PHE A 1 14  ? 10.689  -15.068 2.239   1.00 18.89 ? 20   PHE A CA  1 
ATOM   26   C C   . PHE A 1 14  ? 10.543  -14.976 0.723   1.00 19.19 ? 20   PHE A C   1 
ATOM   27   O O   . PHE A 1 14  ? 10.784  -13.903 0.142   1.00 19.43 ? 20   PHE A O   1 
ATOM   28   C CB  . PHE A 1 14  ? 9.341   -14.654 2.863   1.00 20.38 ? 20   PHE A CB  1 
ATOM   29   C CG  . PHE A 1 14  ? 9.324   -14.681 4.359   1.00 21.84 ? 20   PHE A CG  1 
ATOM   30   C CD1 . PHE A 1 14  ? 9.019   -15.863 5.037   1.00 23.04 ? 20   PHE A CD1 1 
ATOM   31   C CD2 . PHE A 1 14  ? 9.608   -13.535 5.097   1.00 22.90 ? 20   PHE A CD2 1 
ATOM   32   C CE1 . PHE A 1 14  ? 9.002   -15.900 6.428   1.00 23.18 ? 20   PHE A CE1 1 
ATOM   33   C CE2 . PHE A 1 14  ? 9.597   -13.576 6.490   1.00 23.24 ? 20   PHE A CE2 1 
ATOM   34   C CZ  . PHE A 1 14  ? 9.286   -14.759 7.150   1.00 22.59 ? 20   PHE A CZ  1 
ATOM   35   N N   . ALA A 1 15  ? 10.123  -16.068 0.090   1.00 18.45 ? 21   ALA A N   1 
ATOM   36   C CA  . ALA A 1 15  ? 9.785   -16.057 -1.345  1.00 21.17 ? 21   ALA A CA  1 
ATOM   37   C C   . ALA A 1 15  ? 8.303   -15.738 -1.483  1.00 21.90 ? 21   ALA A C   1 
ATOM   38   O O   . ALA A 1 15  ? 7.498   -16.270 -0.733  1.00 22.53 ? 21   ALA A O   1 
ATOM   39   C CB  . ALA A 1 15  ? 10.077  -17.425 -1.986  1.00 20.48 ? 21   ALA A CB  1 
ATOM   40   N N   . PHE A 1 16  ? 7.931   -14.850 -2.404  1.00 22.26 ? 22   PHE A N   1 
ATOM   41   C CA  . PHE A 1 16  ? 6.509   -14.678 -2.706  1.00 23.41 ? 22   PHE A CA  1 
ATOM   42   C C   . PHE A 1 16  ? 5.991   -15.981 -3.273  1.00 25.47 ? 22   PHE A C   1 
ATOM   43   O O   . PHE A 1 16  ? 6.726   -16.694 -3.940  1.00 21.66 ? 22   PHE A O   1 
ATOM   44   C CB  . PHE A 1 16  ? 6.294   -13.602 -3.770  1.00 23.24 ? 22   PHE A CB  1 
ATOM   45   C CG  . PHE A 1 16  ? 6.471   -12.191 -3.279  1.00 21.90 ? 22   PHE A CG  1 
ATOM   46   C CD1 . PHE A 1 16  ? 5.488   -11.581 -2.515  1.00 21.88 ? 22   PHE A CD1 1 
ATOM   47   C CD2 . PHE A 1 16  ? 7.597   -11.448 -3.645  1.00 21.89 ? 22   PHE A CD2 1 
ATOM   48   C CE1 . PHE A 1 16  ? 5.634   -10.269 -2.090  1.00 21.21 ? 22   PHE A CE1 1 
ATOM   49   C CE2 . PHE A 1 16  ? 7.747   -10.135 -3.226  1.00 21.62 ? 22   PHE A CE2 1 
ATOM   50   C CZ  . PHE A 1 16  ? 6.764   -9.544  -2.445  1.00 21.29 ? 22   PHE A CZ  1 
ATOM   51   N N   . GLN A 1 17  ? 4.715   -16.269 -3.056  1.00 29.73 ? 23   GLN A N   1 
ATOM   52   C CA  . GLN A 1 17  ? 4.073   -17.365 -3.780  1.00 35.61 ? 23   GLN A CA  1 
ATOM   53   C C   . GLN A 1 17  ? 4.165   -17.062 -5.274  1.00 33.69 ? 23   GLN A C   1 
ATOM   54   O O   . GLN A 1 17  ? 4.202   -15.889 -5.677  1.00 30.59 ? 23   GLN A O   1 
ATOM   55   C CB  . GLN A 1 17  ? 2.615   -17.485 -3.364  1.00 42.66 ? 23   GLN A CB  1 
ATOM   56   C CG  . GLN A 1 17  ? 2.384   -18.281 -2.093  1.00 52.39 ? 23   GLN A CG  1 
ATOM   57   C CD  . GLN A 1 17  ? 1.016   -17.997 -1.511  1.00 59.65 ? 23   GLN A CD  1 
ATOM   58   O OE1 . GLN A 1 17  ? 0.471   -16.904 -1.703  1.00 66.38 ? 23   GLN A OE1 1 
ATOM   59   N NE2 . GLN A 1 17  ? 0.445   -18.975 -0.803  1.00 63.40 ? 23   GLN A NE2 1 
ATOM   60   N N   . ALA A 1 18  ? 4.215   -18.111 -6.085  1.00 33.44 ? 24   ALA A N   1 
ATOM   61   C CA  . ALA A 1 18  ? 4.481   -17.995 -7.525  1.00 32.77 ? 24   ALA A CA  1 
ATOM   62   C C   . ALA A 1 18  ? 3.601   -16.983 -8.294  1.00 32.46 ? 24   ALA A C   1 
ATOM   63   O O   . ALA A 1 18  ? 4.099   -16.290 -9.182  1.00 31.20 ? 24   ALA A O   1 
ATOM   64   C CB  . ALA A 1 18  ? 4.416   -19.367 -8.184  1.00 33.64 ? 24   ALA A CB  1 
ATOM   65   N N   . GLU A 1 19  ? 2.309   -16.917 -7.963  1.00 32.80 ? 25   GLU A N   1 
ATOM   66   C CA  . GLU A 1 19  ? 1.370   -16.065 -8.709  1.00 33.52 ? 25   GLU A CA  1 
ATOM   67   C C   . GLU A 1 19  ? 1.582   -14.572 -8.450  1.00 30.42 ? 25   GLU A C   1 
ATOM   68   O O   . GLU A 1 19  ? 1.423   -13.749 -9.350  1.00 30.84 ? 25   GLU A O   1 
ATOM   69   C CB  . GLU A 1 19  ? -0.089  -16.448 -8.420  1.00 37.58 ? 25   GLU A CB  1 
ATOM   70   C CG  . GLU A 1 19  ? -0.473  -17.856 -8.869  1.00 41.62 ? 25   GLU A CG  1 
ATOM   71   C CD  . GLU A 1 19  ? -0.088  -18.944 -7.865  1.00 47.88 ? 25   GLU A CD  1 
ATOM   72   O OE1 . GLU A 1 19  ? 0.433   -18.630 -6.760  1.00 44.85 ? 25   GLU A OE1 1 
ATOM   73   O OE2 . GLU A 1 19  ? -0.304  -20.135 -8.194  1.00 51.94 ? 25   GLU A OE2 1 
ATOM   74   N N   . ILE A 1 20  ? 1.937   -14.243 -7.216  1.00 28.04 ? 26   ILE A N   1 
ATOM   75   C CA  . ILE A 1 20  ? 2.237   -12.880 -6.817  1.00 27.13 ? 26   ILE A CA  1 
ATOM   76   C C   . ILE A 1 20  ? 3.552   -12.440 -7.444  1.00 24.40 ? 26   ILE A C   1 
ATOM   77   O O   . ILE A 1 20  ? 3.648   -11.325 -7.924  1.00 23.53 ? 26   ILE A O   1 
ATOM   78   C CB  . ILE A 1 20  ? 2.319   -12.738 -5.280  1.00 27.99 ? 26   ILE A CB  1 
ATOM   79   C CG1 . ILE A 1 20  ? 1.040   -13.273 -4.611  1.00 32.37 ? 26   ILE A CG1 1 
ATOM   80   C CG2 . ILE A 1 20  ? 2.627   -11.297 -4.872  1.00 28.77 ? 26   ILE A CG2 1 
ATOM   81   C CD1 . ILE A 1 20  ? -0.207  -12.437 -4.844  1.00 34.81 ? 26   ILE A CD1 1 
ATOM   82   N N   . ALA A 1 21  ? 4.561   -13.310 -7.447  1.00 21.75 ? 27   ALA A N   1 
ATOM   83   C CA  . ALA A 1 21  ? 5.806   -12.983 -8.142  1.00 22.97 ? 27   ALA A CA  1 
ATOM   84   C C   . ALA A 1 21  ? 5.522   -12.682 -9.637  1.00 22.12 ? 27   ALA A C   1 
ATOM   85   O O   . ALA A 1 21  ? 6.023   -11.709 -10.208 1.00 20.95 ? 27   ALA A O   1 
ATOM   86   C CB  . ALA A 1 21  ? 6.829   -14.117 -7.991  1.00 22.44 ? 27   ALA A CB  1 
ATOM   87   N N   . GLN A 1 22  ? 4.689   -13.513 -10.239 1.00 24.09 ? 28   GLN A N   1 
ATOM   88   C CA  . GLN A 1 22  ? 4.285   -13.355 -11.626 1.00 27.42 ? 28   GLN A CA  1 
ATOM   89   C C   . GLN A 1 22  ? 3.545   -12.023 -11.868 1.00 26.03 ? 28   GLN A C   1 
ATOM   90   O O   . GLN A 1 22  ? 3.823   -11.310 -12.837 1.00 25.78 ? 28   GLN A O   1 
ATOM   91   C CB  . GLN A 1 22  ? 3.380   -14.535 -11.998 1.00 32.10 ? 28   GLN A CB  1 
ATOM   92   C CG  . GLN A 1 22  ? 3.159   -14.714 -13.487 1.00 43.26 ? 28   GLN A CG  1 
ATOM   93   C CD  . GLN A 1 22  ? 2.548   -16.068 -13.825 1.00 48.53 ? 28   GLN A CD  1 
ATOM   94   O OE1 . GLN A 1 22  ? 1.754   -16.628 -13.050 1.00 53.02 ? 28   GLN A OE1 1 
ATOM   95   N NE2 . GLN A 1 22  ? 2.921   -16.606 -14.985 1.00 49.07 ? 28   GLN A NE2 1 
ATOM   96   N N   . LEU A 1 23  ? 2.601   -11.707 -10.985 1.00 25.04 ? 29   LEU A N   1 
ATOM   97   C CA  . LEU A 1 23  ? 1.905   -10.418 -11.007 1.00 24.07 ? 29   LEU A CA  1 
ATOM   98   C C   . LEU A 1 23  ? 2.870   -9.243  -10.896 1.00 24.43 ? 29   LEU A C   1 
ATOM   99   O O   . LEU A 1 23  ? 2.778   -8.265  -11.663 1.00 22.87 ? 29   LEU A O   1 
ATOM   100  C CB  . LEU A 1 23  ? 0.907   -10.348 -9.855  1.00 25.03 ? 29   LEU A CB  1 
ATOM   101  C CG  . LEU A 1 23  ? 0.173   -9.015  -9.730  1.00 26.54 ? 29   LEU A CG  1 
ATOM   102  C CD1 . LEU A 1 23  ? -0.703  -8.785  -10.960 1.00 27.12 ? 29   LEU A CD1 1 
ATOM   103  C CD2 . LEU A 1 23  ? -0.640  -8.980  -8.452  1.00 26.21 ? 29   LEU A CD2 1 
ATOM   104  N N   . MET A 1 24  ? 3.801   -9.317  -9.942  1.00 21.90 ? 30   MET A N   1 
ATOM   105  C CA  . MET A 1 24  ? 4.749   -8.225  -9.800  1.00 21.61 ? 30   MET A CA  1 
ATOM   106  C C   . MET A 1 24  ? 5.601   -8.030  -11.048 1.00 21.96 ? 30   MET A C   1 
ATOM   107  O O   . MET A 1 24  ? 5.865   -6.885  -11.436 1.00 22.72 ? 30   MET A O   1 
ATOM   108  C CB  . MET A 1 24  ? 5.598   -8.359  -8.527  1.00 20.66 ? 30   MET A CB  1 
ATOM   109  C CG  . MET A 1 24  ? 4.742   -8.339  -7.258  1.00 21.93 ? 30   MET A CG  1 
ATOM   110  S SD  . MET A 1 24  ? 5.677   -8.772  -5.781  1.00 22.25 ? 30   MET A SD  1 
ATOM   111  C CE  . MET A 1 24  ? 6.658   -7.303  -5.554  1.00 22.47 ? 30   MET A CE  1 
ATOM   112  N N   . SER A 1 25  ? 6.029   -9.123  -11.679 1.00 24.52 ? 31   SER A N   1 
ATOM   113  C CA  . SER A 1 25  ? 6.807   -9.018  -12.928 1.00 26.01 ? 31   SER A CA  1 
ATOM   114  C C   . SER A 1 25  ? 5.983   -8.415  -14.063 1.00 25.00 ? 31   SER A C   1 
ATOM   115  O O   . SER A 1 25  ? 6.497   -7.597  -14.820 1.00 27.86 ? 31   SER A O   1 
ATOM   116  C CB  . SER A 1 25  ? 7.367   -10.375 -13.376 1.00 27.88 ? 31   SER A CB  1 
ATOM   117  O OG  . SER A 1 25  ? 8.231   -10.887 -12.379 1.00 30.15 ? 31   SER A OG  1 
ATOM   118  N N   . LEU A 1 26  ? 4.728   -8.828  -14.187 1.00 24.95 ? 32   LEU A N   1 
ATOM   119  C CA  . LEU A 1 26  ? 3.813   -8.231  -15.170 1.00 26.27 ? 32   LEU A CA  1 
ATOM   120  C C   . LEU A 1 26  ? 3.701   -6.713  -14.964 1.00 26.28 ? 32   LEU A C   1 
ATOM   121  O O   . LEU A 1 26  ? 3.769   -5.942  -15.913 1.00 26.48 ? 32   LEU A O   1 
ATOM   122  C CB  . LEU A 1 26  ? 2.434   -8.877  -15.071 1.00 27.53 ? 32   LEU A CB  1 
ATOM   123  C CG  . LEU A 1 26  ? 1.343   -8.465  -16.084 1.00 33.20 ? 32   LEU A CG  1 
ATOM   124  C CD1 . LEU A 1 26  ? 0.358   -9.602  -16.287 1.00 33.14 ? 32   LEU A CD1 1 
ATOM   125  C CD2 . LEU A 1 26  ? 0.618   -7.178  -15.685 1.00 32.47 ? 32   LEU A CD2 1 
ATOM   126  N N   . ILE A 1 27  ? 3.525   -6.291  -13.717 1.00 24.54 ? 33   ILE A N   1 
ATOM   127  C CA  . ILE A 1 27  ? 3.369   -4.878  -13.405 1.00 23.47 ? 33   ILE A CA  1 
ATOM   128  C C   . ILE A 1 27  ? 4.635   -4.100  -13.743 1.00 24.72 ? 33   ILE A C   1 
ATOM   129  O O   . ILE A 1 27  ? 4.568   -2.984  -14.256 1.00 24.54 ? 33   ILE A O   1 
ATOM   130  C CB  . ILE A 1 27  ? 2.977   -4.673  -11.918 1.00 23.33 ? 33   ILE A CB  1 
ATOM   131  C CG1 . ILE A 1 27  ? 1.506   -5.073  -11.728 1.00 24.21 ? 33   ILE A CG1 1 
ATOM   132  C CG2 . ILE A 1 27  ? 3.256   -3.226  -11.486 1.00 23.62 ? 33   ILE A CG2 1 
ATOM   133  C CD1 . ILE A 1 27  ? 1.103   -5.393  -10.300 1.00 26.87 ? 33   ILE A CD1 1 
ATOM   134  N N   . ILE A 1 28  ? 5.783   -4.682  -13.424 1.00 25.72 ? 34   ILE A N   1 
ATOM   135  C CA  . ILE A 1 28  ? 7.078   -4.065  -13.723 1.00 28.60 ? 34   ILE A CA  1 
ATOM   136  C C   . ILE A 1 28  ? 7.403   -4.123  -15.227 1.00 29.56 ? 34   ILE A C   1 
ATOM   137  O O   . ILE A 1 28  ? 7.950   -3.175  -15.782 1.00 30.45 ? 34   ILE A O   1 
ATOM   138  C CB  . ILE A 1 28  ? 8.180   -4.709  -12.865 1.00 29.72 ? 34   ILE A CB  1 
ATOM   139  C CG1 . ILE A 1 28  ? 7.950   -4.317  -11.393 1.00 30.56 ? 34   ILE A CG1 1 
ATOM   140  C CG2 . ILE A 1 28  ? 9.586   -4.305  -13.334 1.00 32.00 ? 34   ILE A CG2 1 
ATOM   141  C CD1 . ILE A 1 28  ? 8.730   -5.168  -10.411 1.00 31.82 ? 34   ILE A CD1 1 
ATOM   142  N N   . ASN A 1 29  ? 7.032   -5.212  -15.895 1.00 32.17 ? 35   ASN A N   1 
ATOM   143  C CA  . ASN A 1 29  ? 7.428   -5.405  -17.300 1.00 33.76 ? 35   ASN A CA  1 
ATOM   144  C C   . ASN A 1 29  ? 6.513   -4.840  -18.385 1.00 34.40 ? 35   ASN A C   1 
ATOM   145  O O   . ASN A 1 29  ? 7.004   -4.452  -19.436 1.00 36.12 ? 35   ASN A O   1 
ATOM   146  C CB  . ASN A 1 29  ? 7.684   -6.883  -17.603 1.00 36.05 ? 35   ASN A CB  1 
ATOM   147  C CG  . ASN A 1 29  ? 8.821   -7.452  -16.779 1.00 38.42 ? 35   ASN A CG  1 
ATOM   148  O OD1 . ASN A 1 29  ? 9.733   -6.730  -16.373 1.00 38.84 ? 35   ASN A OD1 1 
ATOM   149  N ND2 . ASN A 1 29  ? 8.756   -8.749  -16.507 1.00 39.37 ? 35   ASN A ND2 1 
ATOM   150  N N   . THR A 1 30  ? 5.199   -4.844  -18.167 1.00 33.38 ? 36   THR A N   1 
ATOM   151  C CA  . THR A 1 30  ? 4.244   -4.420  -19.205 1.00 32.05 ? 36   THR A CA  1 
ATOM   152  C C   . THR A 1 30  ? 4.361   -2.922  -19.507 1.00 31.92 ? 36   THR A C   1 
ATOM   153  O O   . THR A 1 30  ? 4.535   -2.104  -18.599 1.00 27.64 ? 36   THR A O   1 
ATOM   154  C CB  . THR A 1 30  ? 2.796   -4.742  -18.795 1.00 34.47 ? 36   THR A CB  1 
ATOM   155  O OG1 . THR A 1 30  ? 2.744   -6.095  -18.356 1.00 34.14 ? 36   THR A OG1 1 
ATOM   156  C CG2 . THR A 1 30  ? 1.799   -4.561  -19.970 1.00 35.93 ? 36   THR A CG2 1 
ATOM   157  N N   . PHE A 1 31  ? 4.283   -2.570  -20.788 1.00 28.68 ? 37   PHE A N   1 
ATOM   158  C CA  . PHE A 1 31  ? 4.257   -1.162  -21.151 1.00 29.21 ? 37   PHE A CA  1 
ATOM   159  C C   . PHE A 1 31  ? 2.870   -0.634  -20.829 1.00 27.19 ? 37   PHE A C   1 
ATOM   160  O O   . PHE A 1 31  ? 1.881   -1.161  -21.309 1.00 27.33 ? 37   PHE A O   1 
ATOM   161  C CB  . PHE A 1 31  ? 4.564   -0.953  -22.636 1.00 29.02 ? 37   PHE A CB  1 
ATOM   162  C CG  . PHE A 1 31  ? 4.552   0.492   -23.047 1.00 29.86 ? 37   PHE A CG  1 
ATOM   163  C CD1 . PHE A 1 31  ? 5.645   1.317   -22.766 1.00 31.84 ? 37   PHE A CD1 1 
ATOM   164  C CD2 . PHE A 1 31  ? 3.450   1.033   -23.696 1.00 29.75 ? 37   PHE A CD2 1 
ATOM   165  C CE1 . PHE A 1 31  ? 5.646   2.652   -23.141 1.00 33.31 ? 37   PHE A CE1 1 
ATOM   166  C CE2 . PHE A 1 31  ? 3.442   2.371   -24.066 1.00 29.78 ? 37   PHE A CE2 1 
ATOM   167  C CZ  . PHE A 1 31  ? 4.537   3.179   -23.789 1.00 30.80 ? 37   PHE A CZ  1 
ATOM   168  N N   . TYR A 1 32  ? 2.808   0.408   -20.007 1.00 26.75 ? 38   TYR A N   1 
ATOM   169  C CA  . TYR A 1 32  ? 1.537   0.938   -19.537 1.00 25.97 ? 38   TYR A CA  1 
ATOM   170  C C   . TYR A 1 32  ? 1.750   2.355   -19.014 1.00 25.57 ? 38   TYR A C   1 
ATOM   171  O O   . TYR A 1 32  ? 2.358   2.546   -17.959 1.00 24.95 ? 38   TYR A O   1 
ATOM   172  C CB  . TYR A 1 32  ? 0.948   0.034   -18.452 1.00 27.72 ? 38   TYR A CB  1 
ATOM   173  C CG  . TYR A 1 32  ? -0.394  0.523   -17.991 1.00 29.65 ? 38   TYR A CG  1 
ATOM   174  C CD1 . TYR A 1 32  ? -1.498  0.428   -18.833 1.00 30.87 ? 38   TYR A CD1 1 
ATOM   175  C CD2 . TYR A 1 32  ? -0.558  1.132   -16.735 1.00 31.12 ? 38   TYR A CD2 1 
ATOM   176  C CE1 . TYR A 1 32  ? -2.736  0.898   -18.443 1.00 33.44 ? 38   TYR A CE1 1 
ATOM   177  C CE2 . TYR A 1 32  ? -1.804  1.600   -16.340 1.00 32.48 ? 38   TYR A CE2 1 
ATOM   178  C CZ  . TYR A 1 32  ? -2.880  1.476   -17.206 1.00 33.47 ? 38   TYR A CZ  1 
ATOM   179  O OH  . TYR A 1 32  ? -4.127  1.926   -16.861 1.00 41.03 ? 38   TYR A OH  1 
ATOM   180  N N   . SER A 1 33  ? 1.265   3.355   -19.752 1.00 23.93 ? 39   SER A N   1 
ATOM   181  C CA  . SER A 1 33  ? 1.658   4.739   -19.461 1.00 24.48 ? 39   SER A CA  1 
ATOM   182  C C   . SER A 1 33  ? 0.919   5.364   -18.263 1.00 24.27 ? 39   SER A C   1 
ATOM   183  O O   . SER A 1 33  ? 1.448   6.272   -17.621 1.00 25.12 ? 39   SER A O   1 
ATOM   184  C CB  . SER A 1 33  ? 1.499   5.610   -20.709 1.00 24.46 ? 39   SER A CB  1 
ATOM   185  O OG  . SER A 1 33  ? 2.385   5.128   -21.720 1.00 24.26 ? 39   SER A OG  1 
ATOM   186  N N   . ASN A 1 34  ? -0.272  4.858   -17.963 1.00 23.60 ? 40   ASN A N   1 
ATOM   187  C CA  . ASN A 1 34  ? -1.175  5.456   -16.942 1.00 24.54 ? 40   ASN A CA  1 
ATOM   188  C C   . ASN A 1 34  ? -0.798  4.977   -15.509 1.00 22.32 ? 40   ASN A C   1 
ATOM   189  O O   . ASN A 1 34  ? -1.622  4.410   -14.774 1.00 21.76 ? 40   ASN A O   1 
ATOM   190  C CB  . ASN A 1 34  ? -2.624  5.117   -17.312 1.00 25.26 ? 40   ASN A CB  1 
ATOM   191  C CG  . ASN A 1 34  ? -3.667  5.769   -16.394 1.00 27.21 ? 40   ASN A CG  1 
ATOM   192  O OD1 . ASN A 1 34  ? -3.520  6.908   -15.942 1.00 28.74 ? 40   ASN A OD1 1 
ATOM   193  N ND2 . ASN A 1 34  ? -4.753  5.043   -16.150 1.00 28.99 ? 40   ASN A ND2 1 
ATOM   194  N N   . LYS A 1 35  ? 0.459   5.225   -15.143 1.00 21.44 ? 41   LYS A N   1 
ATOM   195  C CA  . LYS A 1 35  ? 1.045   4.777   -13.864 1.00 22.68 ? 41   LYS A CA  1 
ATOM   196  C C   . LYS A 1 35  ? 0.404   5.423   -12.627 1.00 23.38 ? 41   LYS A C   1 
ATOM   197  O O   . LYS A 1 35  ? 0.453   4.841   -11.522 1.00 20.96 ? 41   LYS A O   1 
ATOM   198  C CB  . LYS A 1 35  ? 2.552   5.046   -13.861 1.00 22.65 ? 41   LYS A CB  1 
ATOM   199  C CG  . LYS A 1 35  ? 3.360   4.104   -14.775 1.00 21.81 ? 41   LYS A CG  1 
ATOM   200  C CD  . LYS A 1 35  ? 4.795   4.558   -14.874 1.00 22.75 ? 41   LYS A CD  1 
ATOM   201  C CE  . LYS A 1 35  ? 5.649   3.610   -15.727 1.00 25.10 ? 41   LYS A CE  1 
ATOM   202  N NZ  . LYS A 1 35  ? 6.055   2.368   -14.985 1.00 25.86 ? 41   LYS A NZ  1 
ATOM   203  N N   . GLU A 1 36  ? -0.200  6.605   -12.816 1.00 21.97 ? 42   GLU A N   1 
ATOM   204  C CA  . GLU A 1 36  ? -0.748  7.406   -11.702 1.00 22.29 ? 42   GLU A CA  1 
ATOM   205  C C   . GLU A 1 36  ? -1.808  6.716   -10.845 1.00 21.07 ? 42   GLU A C   1 
ATOM   206  O O   . GLU A 1 36  ? -2.052  7.129   -9.704  1.00 20.64 ? 42   GLU A O   1 
ATOM   207  C CB  . GLU A 1 36  ? -1.326  8.742   -12.213 1.00 22.93 ? 42   GLU A CB  1 
ATOM   208  C CG  . GLU A 1 36  ? -2.602  8.588   -13.026 1.00 25.11 ? 42   GLU A CG  1 
ATOM   209  C CD  . GLU A 1 36  ? -3.058  9.921   -13.611 1.00 27.11 ? 42   GLU A CD  1 
ATOM   210  O OE1 . GLU A 1 36  ? -2.193  10.735  -13.967 1.00 30.22 ? 42   GLU A OE1 1 
ATOM   211  O OE2 . GLU A 1 36  ? -4.273  10.145  -13.715 1.00 31.31 ? 42   GLU A OE2 1 
ATOM   212  N N   . ILE A 1 37  ? -2.432  5.679   -11.383 1.00 20.06 ? 43   ILE A N   1 
ATOM   213  C CA  . ILE A 1 37  ? -3.445  4.948   -10.635 1.00 20.57 ? 43   ILE A CA  1 
ATOM   214  C C   . ILE A 1 37  ? -2.899  4.227   -9.384  1.00 19.11 ? 43   ILE A C   1 
ATOM   215  O O   . ILE A 1 37  ? -3.678  3.819   -8.551  1.00 19.85 ? 43   ILE A O   1 
ATOM   216  C CB  . ILE A 1 37  ? -4.235  3.947   -11.532 1.00 22.81 ? 43   ILE A CB  1 
ATOM   217  C CG1 . ILE A 1 37  ? -3.314  2.834   -12.062 1.00 25.17 ? 43   ILE A CG1 1 
ATOM   218  C CG2 . ILE A 1 37  ? -4.938  4.697   -12.675 1.00 25.60 ? 43   ILE A CG2 1 
ATOM   219  C CD1 . ILE A 1 37  ? -3.343  1.571   -11.227 1.00 25.82 ? 43   ILE A CD1 1 
ATOM   220  N N   . PHE A 1 38  ? -1.582  4.092   -9.239  1.00 18.53 ? 44   PHE A N   1 
ATOM   221  C CA  . PHE A 1 38  ? -1.040  3.458   -8.011  1.00 17.97 ? 44   PHE A CA  1 
ATOM   222  C C   . PHE A 1 38  ? -1.599  4.186   -6.798  1.00 18.08 ? 44   PHE A C   1 
ATOM   223  O O   . PHE A 1 38  ? -1.896  3.555   -5.782  1.00 18.21 ? 44   PHE A O   1 
ATOM   224  C CB  . PHE A 1 38  ? 0.493   3.477   -7.952  1.00 18.02 ? 44   PHE A CB  1 
ATOM   225  C CG  . PHE A 1 38  ? 1.058   4.814   -7.575  1.00 18.72 ? 44   PHE A CG  1 
ATOM   226  C CD1 . PHE A 1 38  ? 1.218   5.812   -8.537  1.00 18.01 ? 44   PHE A CD1 1 
ATOM   227  C CD2 . PHE A 1 38  ? 1.359   5.112   -6.242  1.00 16.80 ? 44   PHE A CD2 1 
ATOM   228  C CE1 . PHE A 1 38  ? 1.694   7.076   -8.177  1.00 17.79 ? 44   PHE A CE1 1 
ATOM   229  C CE2 . PHE A 1 38  ? 1.829   6.369   -5.879  1.00 18.16 ? 44   PHE A CE2 1 
ATOM   230  C CZ  . PHE A 1 38  ? 2.019   7.356   -6.848  1.00 18.64 ? 44   PHE A CZ  1 
ATOM   231  N N   . LEU A 1 39  ? -1.739  5.511   -6.894  1.00 18.77 ? 45   LEU A N   1 
ATOM   232  C CA  . LEU A 1 39  ? -2.074  6.312   -5.700  1.00 18.60 ? 45   LEU A CA  1 
ATOM   233  C C   . LEU A 1 39  ? -3.505  6.041   -5.235  1.00 19.64 ? 45   LEU A C   1 
ATOM   234  O O   . LEU A 1 39  ? -3.755  5.875   -4.037  1.00 18.57 ? 45   LEU A O   1 
ATOM   235  C CB  . LEU A 1 39  ? -1.844  7.813   -5.932  1.00 18.03 ? 45   LEU A CB  1 
ATOM   236  C CG  . LEU A 1 39  ? -1.979  8.674   -4.662  1.00 18.15 ? 45   LEU A CG  1 
ATOM   237  C CD1 . LEU A 1 39  ? -1.026  8.214   -3.568  1.00 18.32 ? 45   LEU A CD1 1 
ATOM   238  C CD2 . LEU A 1 39  ? -1.772  10.158  -4.983  1.00 19.69 ? 45   LEU A CD2 1 
ATOM   239  N N   . ARG A 1 40  ? -4.440  5.974   -6.181  1.00 19.47 ? 46   ARG A N   1 
ATOM   240  C CA  . ARG A 1 40  ? -5.836  5.664   -5.862  1.00 21.02 ? 46   ARG A CA  1 
ATOM   241  C C   . ARG A 1 40  ? -5.907  4.304   -5.169  1.00 20.07 ? 46   ARG A C   1 
ATOM   242  O O   . ARG A 1 40  ? -6.719  4.092   -4.259  1.00 20.67 ? 46   ARG A O   1 
ATOM   243  C CB  . ARG A 1 40  ? -6.649  5.611   -7.164  1.00 25.62 ? 46   ARG A CB  1 
ATOM   244  C CG  . ARG A 1 40  ? -8.034  5.005   -7.038  1.00 30.61 ? 46   ARG A CG  1 
ATOM   245  C CD  . ARG A 1 40  ? -8.706  4.885   -8.398  1.00 33.17 ? 46   ARG A CD  1 
ATOM   246  N NE  . ARG A 1 40  ? -8.132  3.835   -9.255  1.00 35.93 ? 46   ARG A NE  1 
ATOM   247  C CZ  . ARG A 1 40  ? -8.249  3.819   -10.585 1.00 38.45 ? 46   ARG A CZ  1 
ATOM   248  N NH1 . ARG A 1 40  ? -8.907  4.795   -11.207 1.00 38.88 ? 46   ARG A NH1 1 
ATOM   249  N NH2 . ARG A 1 40  ? -7.725  2.830   -11.300 1.00 37.81 ? 46   ARG A NH2 1 
ATOM   250  N N   . GLU A 1 41  ? -5.091  3.359   -5.628  1.00 18.85 ? 47   GLU A N   1 
ATOM   251  C CA  . GLU A 1 41  ? -5.159  2.000   -5.085  1.00 18.62 ? 47   GLU A CA  1 
ATOM   252  C C   . GLU A 1 41  ? -4.685  1.961   -3.636  1.00 18.00 ? 47   GLU A C   1 
ATOM   253  O O   . GLU A 1 41  ? -5.217  1.218   -2.829  1.00 16.97 ? 47   GLU A O   1 
ATOM   254  C CB  . GLU A 1 41  ? -4.314  1.021   -5.906  1.00 20.34 ? 47   GLU A CB  1 
ATOM   255  C CG  . GLU A 1 41  ? -4.777  0.850   -7.357  1.00 22.74 ? 47   GLU A CG  1 
ATOM   256  C CD  . GLU A 1 41  ? -6.294  0.664   -7.484  1.00 25.56 ? 47   GLU A CD  1 
ATOM   257  O OE1 . GLU A 1 41  ? -6.871  -0.116  -6.693  1.00 24.91 ? 47   GLU A OE1 1 
ATOM   258  O OE2 . GLU A 1 41  ? -6.913  1.302   -8.383  1.00 27.17 ? 47   GLU A OE2 1 
ATOM   259  N N   . LEU A 1 42  ? -3.651  2.730   -3.330  1.00 16.39 ? 48   LEU A N   1 
ATOM   260  C CA  . LEU A 1 42  ? -3.077  2.683   -1.999  1.00 18.42 ? 48   LEU A CA  1 
ATOM   261  C C   . LEU A 1 42  ? -3.967  3.495   -1.053  1.00 17.82 ? 48   LEU A C   1 
ATOM   262  O O   . LEU A 1 42  ? -4.139  3.132   0.111   1.00 17.03 ? 48   LEU A O   1 
ATOM   263  C CB  . LEU A 1 42  ? -1.657  3.243   -2.005  1.00 18.29 ? 48   LEU A CB  1 
ATOM   264  C CG  . LEU A 1 42  ? -0.654  2.405   -2.784  1.00 18.73 ? 48   LEU A CG  1 
ATOM   265  C CD1 . LEU A 1 42  ? 0.646   3.157   -2.723  1.00 17.97 ? 48   LEU A CD1 1 
ATOM   266  C CD2 . LEU A 1 42  ? -0.477  1.001   -2.192  1.00 20.28 ? 48   LEU A CD2 1 
ATOM   267  N N   . ILE A 1 43  ? -4.522  4.598   -1.546  1.00 16.50 ? 49   ILE A N   1 
ATOM   268  C CA  . ILE A 1 43  ? -5.491  5.336   -0.730  1.00 17.21 ? 49   ILE A CA  1 
ATOM   269  C C   . ILE A 1 43  ? -6.736  4.478   -0.438  1.00 17.94 ? 49   ILE A C   1 
ATOM   270  O O   . ILE A 1 43  ? -7.266  4.476   0.679   1.00 16.60 ? 49   ILE A O   1 
ATOM   271  C CB  . ILE A 1 43  ? -5.859  6.692   -1.361  1.00 17.06 ? 49   ILE A CB  1 
ATOM   272  C CG1 . ILE A 1 43  ? -4.653  7.635   -1.286  1.00 16.80 ? 49   ILE A CG1 1 
ATOM   273  C CG2 . ILE A 1 43  ? -7.114  7.279   -0.698  1.00 17.69 ? 49   ILE A CG2 1 
ATOM   274  C CD1 . ILE A 1 43  ? -4.803  8.911   -2.123  1.00 17.73 ? 49   ILE A CD1 1 
ATOM   275  N N   . SER A 1 44  ? -7.205  3.757   -1.435  1.00 16.66 ? 50   SER A N   1 
ATOM   276  C CA  . SER A 1 44  ? -8.355  2.871   -1.231  1.00 19.88 ? 50   SER A CA  1 
ATOM   277  C C   . SER A 1 44  ? -8.070  1.766   -0.195  1.00 19.69 ? 50   SER A C   1 
ATOM   278  O O   . SER A 1 44  ? -8.944  1.437   0.614   1.00 19.90 ? 50   SER A O   1 
ATOM   279  C CB  . SER A 1 44  ? -8.813  2.284   -2.574  1.00 19.92 ? 50   SER A CB  1 
ATOM   280  O OG  . SER A 1 44  ? -9.596  1.139   -2.361  1.00 23.15 ? 50   SER A OG  1 
ATOM   281  N N   . ASN A 1 45  ? -6.848  1.222   -0.214  1.00 18.27 ? 51   ASN A N   1 
ATOM   282  C CA  . ASN A 1 45  ? -6.391  0.241   0.780   1.00 19.72 ? 51   ASN A CA  1 
ATOM   283  C C   . ASN A 1 45  ? -6.408  0.829   2.185   1.00 18.64 ? 51   ASN A C   1 
ATOM   284  O O   . ASN A 1 45  ? -6.900  0.195   3.109   1.00 18.35 ? 51   ASN A O   1 
ATOM   285  C CB  . ASN A 1 45  ? -4.960  -0.242  0.459   1.00 18.43 ? 51   ASN A CB  1 
ATOM   286  C CG  . ASN A 1 45  ? -4.920  -1.234  -0.689  1.00 20.20 ? 51   ASN A CG  1 
ATOM   287  O OD1 . ASN A 1 45  ? -5.965  -1.751  -1.124  1.00 19.77 ? 51   ASN A OD1 1 
ATOM   288  N ND2 . ASN A 1 45  ? -3.710  -1.518  -1.183  1.00 19.23 ? 51   ASN A ND2 1 
ATOM   289  N N   . SER A 1 46  ? -5.885  2.045   2.321   1.00 18.72 ? 52   SER A N   1 
ATOM   290  C CA  . SER A 1 46  ? -5.907  2.764   3.588   1.00 18.84 ? 52   SER A CA  1 
ATOM   291  C C   . SER A 1 46  ? -7.336  2.973   4.092   1.00 19.54 ? 52   SER A C   1 
ATOM   292  O O   . SER A 1 46  ? -7.615  2.740   5.266   1.00 18.11 ? 52   SER A O   1 
ATOM   293  C CB  . SER A 1 46  ? -5.241  4.128   3.427   1.00 17.96 ? 52   SER A CB  1 
ATOM   294  O OG  . SER A 1 46  ? -3.851  3.959   3.208   1.00 18.52 ? 52   SER A OG  1 
ATOM   295  N N   . SER A 1 47  ? -8.211  3.440   3.201   1.00 19.94 ? 53   SER A N   1 
ATOM   296  C CA  . SER A 1 47  ? -9.617  3.657   3.528   1.00 21.63 ? 53   SER A CA  1 
ATOM   297  C C   . SER A 1 47  ? -10.289 2.363   3.994   1.00 21.85 ? 53   SER A C   1 
ATOM   298  O O   . SER A 1 47  ? -11.073 2.373   4.945   1.00 23.27 ? 53   SER A O   1 
ATOM   299  C CB  . SER A 1 47  ? -10.342 4.268   2.325   1.00 22.31 ? 53   SER A CB  1 
ATOM   300  O OG  . SER A 1 47  ? -11.733 4.357   2.544   1.00 25.05 ? 53   SER A OG  1 
ATOM   301  N N   . ASP A 1 48  ? -9.987  1.247   3.338   1.00 21.37 ? 54   ASP A N   1 
ATOM   302  C CA  . ASP A 1 48  ? -10.506 -0.052  3.775   1.00 21.00 ? 54   ASP A CA  1 
ATOM   303  C C   . ASP A 1 48  ? -9.985  -0.418  5.177   1.00 20.46 ? 54   ASP A C   1 
ATOM   304  O O   . ASP A 1 48  ? -10.733 -0.960  6.014   1.00 18.21 ? 54   ASP A O   1 
ATOM   305  C CB  . ASP A 1 48  ? -10.081 -1.151  2.798   1.00 22.41 ? 54   ASP A CB  1 
ATOM   306  C CG  . ASP A 1 48  ? -10.782 -1.054  1.446   1.00 24.19 ? 54   ASP A CG  1 
ATOM   307  O OD1 . ASP A 1 48  ? -11.730 -0.248  1.287   1.00 24.87 ? 54   ASP A OD1 1 
ATOM   308  O OD2 . ASP A 1 48  ? -10.347 -1.774  0.530   1.00 25.61 ? 54   ASP A OD2 1 
ATOM   309  N N   . ALA A 1 49  ? -8.698  -0.164  5.424   1.00 19.07 ? 55   ALA A N   1 
ATOM   310  C CA  . ALA A 1 49  ? -8.114  -0.437  6.753   1.00 18.94 ? 55   ALA A CA  1 
ATOM   311  C C   . ALA A 1 49  ? -8.755  0.441   7.839   1.00 18.30 ? 55   ALA A C   1 
ATOM   312  O O   . ALA A 1 49  ? -8.972  -0.003  8.979   1.00 18.47 ? 55   ALA A O   1 
ATOM   313  C CB  . ALA A 1 49  ? -6.596  -0.245  6.735   1.00 16.99 ? 55   ALA A CB  1 
ATOM   314  N N   . LEU A 1 50  ? -9.010  1.701   7.496   1.00 18.87 ? 56   LEU A N   1 
ATOM   315  C CA  . LEU A 1 50  ? -9.683  2.625   8.392   1.00 19.25 ? 56   LEU A CA  1 
ATOM   316  C C   . LEU A 1 50  ? -11.154 2.229   8.648   1.00 20.58 ? 56   LEU A C   1 
ATOM   317  O O   . LEU A 1 50  ? -11.597 2.233   9.809   1.00 20.74 ? 56   LEU A O   1 
ATOM   318  C CB  . LEU A 1 50  ? -9.540  4.071   7.883   1.00 18.22 ? 56   LEU A CB  1 
ATOM   319  C CG  . LEU A 1 50  ? -8.122  4.634   7.970   1.00 17.97 ? 56   LEU A CG  1 
ATOM   320  C CD1 . LEU A 1 50  ? -7.973  5.714   6.920   1.00 17.62 ? 56   LEU A CD1 1 
ATOM   321  C CD2 . LEU A 1 50  ? -7.863  5.208   9.359   1.00 17.99 ? 56   LEU A CD2 1 
ATOM   322  N N   . ASP A 1 51  ? -11.890 1.839   7.605   1.00 21.04 ? 57   ASP A N   1 
ATOM   323  C CA  . ASP A 1 51  ? -13.226 1.246   7.809   1.00 22.37 ? 57   ASP A CA  1 
ATOM   324  C C   . ASP A 1 51  ? -13.189 0.088   8.826   1.00 23.13 ? 57   ASP A C   1 
ATOM   325  O O   . ASP A 1 51  ? -14.048 0.024   9.702   1.00 22.53 ? 57   ASP A O   1 
ATOM   326  C CB  . ASP A 1 51  ? -13.814 0.707   6.504   1.00 22.16 ? 57   ASP A CB  1 
ATOM   327  C CG  . ASP A 1 51  ? -14.187 1.784   5.523   1.00 22.27 ? 57   ASP A CG  1 
ATOM   328  O OD1 . ASP A 1 51  ? -14.263 2.977   5.869   1.00 23.79 ? 57   ASP A OD1 1 
ATOM   329  O OD2 . ASP A 1 51  ? -14.410 1.418   4.358   1.00 25.61 ? 57   ASP A OD2 1 
ATOM   330  N N   . LYS A 1 52  ? -12.206 -0.817  8.713   1.00 23.07 ? 58   LYS A N   1 
ATOM   331  C CA  . LYS A 1 52  ? -12.133 -1.991  9.603   1.00 24.07 ? 58   LYS A CA  1 
ATOM   332  C C   . LYS A 1 52  ? -11.926 -1.625  11.075  1.00 24.00 ? 58   LYS A C   1 
ATOM   333  O O   . LYS A 1 52  ? -12.621 -2.154  11.966  1.00 24.12 ? 58   LYS A O   1 
ATOM   334  C CB  . LYS A 1 52  ? -11.063 -2.978  9.142   1.00 26.85 ? 58   LYS A CB  1 
ATOM   335  C CG  . LYS A 1 52  ? -11.547 -3.855  7.984   1.00 33.64 ? 58   LYS A CG  1 
ATOM   336  C CD  . LYS A 1 52  ? -10.422 -4.571  7.239   1.00 35.68 ? 58   LYS A CD  1 
ATOM   337  C CE  . LYS A 1 52  ? -10.936 -5.035  5.870   1.00 38.94 ? 58   LYS A CE  1 
ATOM   338  N NZ  . LYS A 1 52  ? -9.835  -5.477  4.968   1.00 41.53 ? 58   LYS A NZ  1 
ATOM   339  N N   . ILE A 1 53  ? -11.005 -0.710  11.344  1.00 22.13 ? 59   ILE A N   1 
ATOM   340  C CA  . ILE A 1 53  ? -10.786 -0.290  12.738  1.00 23.26 ? 59   ILE A CA  1 
ATOM   341  C C   . ILE A 1 53  ? -11.966 0.532   13.288  1.00 23.03 ? 59   ILE A C   1 
ATOM   342  O O   . ILE A 1 53  ? -12.329 0.408   14.476  1.00 23.70 ? 59   ILE A O   1 
ATOM   343  C CB  . ILE A 1 53  ? -9.409  0.413   12.972  1.00 24.68 ? 59   ILE A CB  1 
ATOM   344  C CG1 . ILE A 1 53  ? -9.137  0.595   14.486  1.00 25.83 ? 59   ILE A CG1 1 
ATOM   345  C CG2 . ILE A 1 53  ? -9.345  1.782   12.300  1.00 23.62 ? 59   ILE A CG2 1 
ATOM   346  C CD1 . ILE A 1 53  ? -9.033  -0.708  15.263  1.00 26.21 ? 59   ILE A CD1 1 
ATOM   347  N N   . ARG A 1 54  ? -12.579 1.353   12.441  1.00 23.37 ? 60   ARG A N   1 
ATOM   348  C CA  . ARG A 1 54  ? -13.793 2.047   12.864  1.00 26.29 ? 60   ARG A CA  1 
ATOM   349  C C   . ARG A 1 54  ? -14.891 1.051   13.248  1.00 25.94 ? 60   ARG A C   1 
ATOM   350  O O   . ARG A 1 54  ? -15.517 1.193   14.294  1.00 26.05 ? 60   ARG A O   1 
ATOM   351  C CB  . ARG A 1 54  ? -14.310 2.995   11.793  1.00 28.53 ? 60   ARG A CB  1 
ATOM   352  C CG  . ARG A 1 54  ? -15.356 3.963   12.349  1.00 33.08 ? 60   ARG A CG  1 
ATOM   353  C CD  . ARG A 1 54  ? -15.892 4.853   11.252  1.00 38.56 ? 60   ARG A CD  1 
ATOM   354  N NE  . ARG A 1 54  ? -16.275 4.029   10.118  1.00 43.35 ? 60   ARG A NE  1 
ATOM   355  C CZ  . ARG A 1 54  ? -16.462 4.478   8.879   1.00 46.22 ? 60   ARG A CZ  1 
ATOM   356  N NH1 . ARG A 1 54  ? -16.300 5.774   8.602   1.00 43.51 ? 60   ARG A NH1 1 
ATOM   357  N NH2 . ARG A 1 54  ? -16.807 3.617   7.920   1.00 39.96 ? 60   ARG A NH2 1 
ATOM   358  N N   . TYR A 1 55  ? -15.131 0.054   12.399  1.00 26.44 ? 61   TYR A N   1 
ATOM   359  C CA  . TYR A 1 55  ? -16.151 -0.957  12.692  1.00 27.46 ? 61   TYR A CA  1 
ATOM   360  C C   . TYR A 1 55  ? -15.847 -1.697  13.995  1.00 29.67 ? 61   TYR A C   1 
ATOM   361  O O   . TYR A 1 55  ? -16.712 -1.803  14.864  1.00 29.21 ? 61   TYR A O   1 
ATOM   362  C CB  . TYR A 1 55  ? -16.297 -1.968  11.549  1.00 30.22 ? 61   TYR A CB  1 
ATOM   363  C CG  . TYR A 1 55  ? -17.317 -3.053  11.864  1.00 29.92 ? 61   TYR A CG  1 
ATOM   364  C CD1 . TYR A 1 55  ? -18.689 -2.816  11.722  1.00 29.89 ? 61   TYR A CD1 1 
ATOM   365  C CD2 . TYR A 1 55  ? -16.907 -4.302  12.344  1.00 31.01 ? 61   TYR A CD2 1 
ATOM   366  C CE1 . TYR A 1 55  ? -19.626 -3.798  12.036  1.00 28.83 ? 61   TYR A CE1 1 
ATOM   367  C CE2 . TYR A 1 55  ? -17.830 -5.293  12.658  1.00 31.82 ? 61   TYR A CE2 1 
ATOM   368  C CZ  . TYR A 1 55  ? -19.189 -5.034  12.500  1.00 31.49 ? 61   TYR A CZ  1 
ATOM   369  O OH  . TYR A 1 55  ? -20.102 -6.033  12.821  1.00 33.07 ? 61   TYR A OH  1 
ATOM   370  N N   . GLU A 1 56  ? -14.620 -2.195  14.124  1.00 29.49 ? 62   GLU A N   1 
ATOM   371  C CA  . GLU A 1 56  ? -14.211 -2.943  15.309  1.00 32.44 ? 62   GLU A CA  1 
ATOM   372  C C   . GLU A 1 56  ? -14.353 -2.148  16.603  1.00 31.88 ? 62   GLU A C   1 
ATOM   373  O O   . GLU A 1 56  ? -14.715 -2.710  17.636  1.00 33.85 ? 62   GLU A O   1 
ATOM   374  C CB  . GLU A 1 56  ? -12.775 -3.459  15.154  1.00 33.35 ? 62   GLU A CB  1 
ATOM   375  C CG  . GLU A 1 56  ? -12.681 -4.752  14.350  1.00 37.47 ? 62   GLU A CG  1 
ATOM   376  C CD  . GLU A 1 56  ? -11.309 -5.429  14.423  1.00 39.05 ? 62   GLU A CD  1 
ATOM   377  O OE1 . GLU A 1 56  ? -10.512 -5.153  15.357  1.00 38.34 ? 62   GLU A OE1 1 
ATOM   378  O OE2 . GLU A 1 56  ? -11.038 -6.260  13.526  1.00 41.89 ? 62   GLU A OE2 1 
ATOM   379  N N   . SER A 1 57  ? -14.078 -0.846  16.549  1.00 32.54 ? 63   SER A N   1 
ATOM   380  C CA  . SER A 1 57  ? -14.180 -0.003  17.742  1.00 33.60 ? 63   SER A CA  1 
ATOM   381  C C   . SER A 1 57  ? -15.623 0.200   18.227  1.00 34.79 ? 63   SER A C   1 
ATOM   382  O O   . SER A 1 57  ? -15.835 0.557   19.381  1.00 34.45 ? 63   SER A O   1 
ATOM   383  C CB  . SER A 1 57  ? -13.479 1.340   17.559  1.00 33.50 ? 63   SER A CB  1 
ATOM   384  O OG  . SER A 1 57  ? -14.228 2.206   16.722  1.00 35.40 ? 63   SER A OG  1 
ATOM   385  N N   . LEU A 1 58  ? -16.610 -0.061  17.369  1.00 37.29 ? 64   LEU A N   1 
ATOM   386  C CA  . LEU A 1 58  ? -18.013 0.094   17.774  1.00 40.11 ? 64   LEU A CA  1 
ATOM   387  C C   . LEU A 1 58  ? -18.430 -0.928  18.821  1.00 40.88 ? 64   LEU A C   1 
ATOM   388  O O   . LEU A 1 58  ? -19.240 -0.624  19.694  1.00 43.19 ? 64   LEU A O   1 
ATOM   389  C CB  . LEU A 1 58  ? -18.967 0.064   16.576  1.00 40.36 ? 64   LEU A CB  1 
ATOM   390  C CG  . LEU A 1 58  ? -18.826 1.189   15.553  1.00 40.46 ? 64   LEU A CG  1 
ATOM   391  C CD1 . LEU A 1 58  ? -19.954 1.109   14.534  1.00 39.19 ? 64   LEU A CD1 1 
ATOM   392  C CD2 . LEU A 1 58  ? -18.806 2.556   16.229  1.00 44.44 ? 64   LEU A CD2 1 
ATOM   393  N N   . THR A 1 59  ? -17.877 -2.131  18.745  1.00 41.17 ? 65   THR A N   1 
ATOM   394  C CA  . THR A 1 59  ? -18.175 -3.137  19.753  1.00 45.16 ? 65   THR A CA  1 
ATOM   395  C C   . THR A 1 59  ? -17.107 -3.195  20.835  1.00 46.79 ? 65   THR A C   1 
ATOM   396  O O   . THR A 1 59  ? -17.369 -3.633  21.948  1.00 48.16 ? 65   THR A O   1 
ATOM   397  C CB  . THR A 1 59  ? -18.466 -4.530  19.154  1.00 46.26 ? 65   THR A CB  1 
ATOM   398  O OG1 . THR A 1 59  ? -17.523 -4.826  18.122  1.00 46.30 ? 65   THR A OG1 1 
ATOM   399  C CG2 . THR A 1 59  ? -19.880 -4.576  18.563  1.00 47.79 ? 65   THR A CG2 1 
ATOM   400  N N   . ASP A 1 60  ? -15.904 -2.725  20.509  1.00 45.83 ? 66   ASP A N   1 
ATOM   401  C CA  . ASP A 1 60  ? -14.807 -2.662  21.477  1.00 43.65 ? 66   ASP A CA  1 
ATOM   402  C C   . ASP A 1 60  ? -14.097 -1.303  21.408  1.00 43.37 ? 66   ASP A C   1 
ATOM   403  O O   . ASP A 1 60  ? -13.149 -1.127  20.631  1.00 42.38 ? 66   ASP A O   1 
ATOM   404  C CB  . ASP A 1 60  ? -13.825 -3.822  21.263  1.00 44.26 ? 66   ASP A CB  1 
ATOM   405  C CG  . ASP A 1 60  ? -12.741 -3.898  22.343  1.00 47.18 ? 66   ASP A CG  1 
ATOM   406  O OD1 . ASP A 1 60  ? -12.622 -2.966  23.183  1.00 48.40 ? 66   ASP A OD1 1 
ATOM   407  O OD2 . ASP A 1 60  ? -11.998 -4.905  22.339  1.00 46.88 ? 66   ASP A OD2 1 
ATOM   408  N N   . PRO A 1 61  ? -14.567 -0.336  22.216  1.00 42.37 ? 67   PRO A N   1 
ATOM   409  C CA  . PRO A 1 61  ? -14.013 1.016   22.287  1.00 41.76 ? 67   PRO A CA  1 
ATOM   410  C C   . PRO A 1 61  ? -12.516 1.109   22.634  1.00 40.21 ? 67   PRO A C   1 
ATOM   411  O O   . PRO A 1 61  ? -11.866 2.088   22.254  1.00 40.00 ? 67   PRO A O   1 
ATOM   412  C CB  . PRO A 1 61  ? -14.863 1.673   23.377  1.00 43.12 ? 67   PRO A CB  1 
ATOM   413  C CG  . PRO A 1 61  ? -16.188 1.003   23.226  1.00 44.66 ? 67   PRO A CG  1 
ATOM   414  C CD  . PRO A 1 61  ? -15.821 -0.438  22.989  1.00 44.49 ? 67   PRO A CD  1 
ATOM   415  N N   . SER A 1 62  ? -11.977 0.107   23.330  1.00 38.14 ? 68   SER A N   1 
ATOM   416  C CA  . SER A 1 62  ? -10.554 0.118   23.724  1.00 37.80 ? 68   SER A CA  1 
ATOM   417  C C   . SER A 1 62  ? -9.583  -0.081  22.541  1.00 34.98 ? 68   SER A C   1 
ATOM   418  O O   . SER A 1 62  ? -8.381  0.171   22.665  1.00 32.88 ? 68   SER A O   1 
ATOM   419  C CB  . SER A 1 62  ? -10.275 -0.902  24.830  1.00 37.65 ? 68   SER A CB  1 
ATOM   420  O OG  . SER A 1 62  ? -10.303 -2.233  24.338  1.00 41.02 ? 68   SER A OG  1 
ATOM   421  N N   . LYS A 1 63  ? -10.114 -0.527  21.405  1.00 34.75 ? 69   LYS A N   1 
ATOM   422  C CA  . LYS A 1 63  ? -9.312  -0.694  20.183  1.00 34.50 ? 69   LYS A CA  1 
ATOM   423  C C   . LYS A 1 63  ? -8.780  0.623   19.640  1.00 33.33 ? 69   LYS A C   1 
ATOM   424  O O   . LYS A 1 63  ? -7.816  0.635   18.857  1.00 34.69 ? 69   LYS A O   1 
ATOM   425  C CB  . LYS A 1 63  ? -10.086 -1.482  19.116  1.00 35.26 ? 69   LYS A CB  1 
ATOM   426  C CG  . LYS A 1 63  ? -10.051 -2.972  19.400  1.00 37.35 ? 69   LYS A CG  1 
ATOM   427  C CD  . LYS A 1 63  ? -10.884 -3.804  18.446  1.00 38.08 ? 69   LYS A CD  1 
ATOM   428  C CE  . LYS A 1 63  ? -10.701 -5.284  18.776  1.00 41.02 ? 69   LYS A CE  1 
ATOM   429  N NZ  . LYS A 1 63  ? -11.359 -6.182  17.784  1.00 39.14 ? 69   LYS A NZ  1 
ATOM   430  N N   . LEU A 1 64  ? -9.395  1.726   20.065  1.00 32.26 ? 70   LEU A N   1 
ATOM   431  C CA  . LEU A 1 64  ? -8.929  3.068   19.703  1.00 34.90 ? 70   LEU A CA  1 
ATOM   432  C C   . LEU A 1 64  ? -8.015  3.731   20.741  1.00 36.21 ? 70   LEU A C   1 
ATOM   433  O O   . LEU A 1 64  ? -7.726  4.926   20.631  1.00 36.06 ? 70   LEU A O   1 
ATOM   434  C CB  . LEU A 1 64  ? -10.107 3.993   19.366  1.00 31.57 ? 70   LEU A CB  1 
ATOM   435  C CG  . LEU A 1 64  ? -10.941 3.656   18.118  1.00 32.15 ? 70   LEU A CG  1 
ATOM   436  C CD1 . LEU A 1 64  ? -11.906 4.796   17.851  1.00 33.74 ? 70   LEU A CD1 1 
ATOM   437  C CD2 . LEU A 1 64  ? -10.088 3.376   16.879  1.00 30.21 ? 70   LEU A CD2 1 
ATOM   438  N N   . ASP A 1 65  ? -7.555  2.952   21.724  1.00 38.56 ? 71   ASP A N   1 
ATOM   439  C CA  . ASP A 1 65  ? -6.561  3.416   22.714  1.00 40.81 ? 71   ASP A CA  1 
ATOM   440  C C   . ASP A 1 65  ? -5.208  3.727   22.072  1.00 41.63 ? 71   ASP A C   1 
ATOM   441  O O   . ASP A 1 65  ? -4.451  4.558   22.569  1.00 39.15 ? 71   ASP A O   1 
ATOM   442  C CB  . ASP A 1 65  ? -6.345  2.361   23.811  1.00 41.72 ? 71   ASP A CB  1 
ATOM   443  C CG  . ASP A 1 65  ? -7.446  2.365   24.862  1.00 45.63 ? 71   ASP A CG  1 
ATOM   444  O OD1 . ASP A 1 65  ? -8.300  3.284   24.850  1.00 44.64 ? 71   ASP A OD1 1 
ATOM   445  O OD2 . ASP A 1 65  ? -7.449  1.436   25.706  1.00 47.14 ? 71   ASP A OD2 1 
ATOM   446  N N   . SER A 1 66  ? -4.915  3.038   20.970  1.00 39.83 ? 72   SER A N   1 
ATOM   447  C CA  . SER A 1 66  ? -3.687  3.235   20.204  1.00 39.23 ? 72   SER A CA  1 
ATOM   448  C C   . SER A 1 66  ? -3.757  4.467   19.275  1.00 39.16 ? 72   SER A C   1 
ATOM   449  O O   . SER A 1 66  ? -2.836  4.715   18.481  1.00 38.08 ? 72   SER A O   1 
ATOM   450  C CB  . SER A 1 66  ? -3.389  1.952   19.413  1.00 39.01 ? 72   SER A CB  1 
ATOM   451  O OG  . SER A 1 66  ? -4.588  1.407   18.844  1.00 35.39 ? 72   SER A OG  1 
ATOM   452  N N   . GLY A 1 67  ? -4.861  5.217   19.369  1.00 38.56 ? 73   GLY A N   1 
ATOM   453  C CA  . GLY A 1 67  ? -5.066  6.458   18.601  1.00 36.68 ? 73   GLY A CA  1 
ATOM   454  C C   . GLY A 1 67  ? -6.495  6.571   18.093  1.00 35.62 ? 73   GLY A C   1 
ATOM   455  O O   . GLY A 1 67  ? -6.990  5.656   17.434  1.00 34.37 ? 73   GLY A O   1 
ATOM   456  N N   . LYS A 1 68  ? -7.160  7.685   18.399  1.00 35.62 ? 74   LYS A N   1 
ATOM   457  C CA  . LYS A 1 68  ? -8.558  7.886   18.000  1.00 37.53 ? 74   LYS A CA  1 
ATOM   458  C C   . LYS A 1 68  ? -8.725  8.429   16.584  1.00 33.10 ? 74   LYS A C   1 
ATOM   459  O O   . LYS A 1 68  ? -9.730  8.140   15.934  1.00 33.55 ? 74   LYS A O   1 
ATOM   460  C CB  . LYS A 1 68  ? -9.313  8.778   18.998  1.00 42.24 ? 74   LYS A CB  1 
ATOM   461  C CG  . LYS A 1 68  ? -9.607  8.083   20.320  1.00 51.02 ? 74   LYS A CG  1 
ATOM   462  C CD  . LYS A 1 68  ? -10.701 8.789   21.111  1.00 56.61 ? 74   LYS A CD  1 
ATOM   463  C CE  . LYS A 1 68  ? -11.158 7.942   22.295  1.00 60.38 ? 74   LYS A CE  1 
ATOM   464  N NZ  . LYS A 1 68  ? -10.081 7.759   23.315  1.00 61.46 ? 74   LYS A NZ  1 
ATOM   465  N N   . GLU A 1 69  ? -7.751  9.195   16.100  1.00 29.49 ? 75   GLU A N   1 
ATOM   466  C CA  . GLU A 1 69  ? -7.901  9.859   14.806  1.00 29.87 ? 75   GLU A CA  1 
ATOM   467  C C   . GLU A 1 69  ? -7.755  8.867   13.630  1.00 27.38 ? 75   GLU A C   1 
ATOM   468  O O   . GLU A 1 69  ? -6.823  8.060   13.595  1.00 25.20 ? 75   GLU A O   1 
ATOM   469  C CB  . GLU A 1 69  ? -6.933  11.028  14.661  1.00 34.68 ? 75   GLU A CB  1 
ATOM   470  C CG  . GLU A 1 69  ? -7.464  12.100  13.710  1.00 41.16 ? 75   GLU A CG  1 
ATOM   471  C CD  . GLU A 1 69  ? -6.409  13.121  13.309  1.00 47.15 ? 75   GLU A CD  1 
ATOM   472  O OE1 . GLU A 1 69  ? -5.407  13.278  14.048  1.00 46.69 ? 75   GLU A OE1 1 
ATOM   473  O OE2 . GLU A 1 69  ? -6.584  13.755  12.242  1.00 47.92 ? 75   GLU A OE2 1 
ATOM   474  N N   . LEU A 1 70  ? -8.707  8.925   12.703  1.00 25.75 ? 76   LEU A N   1 
ATOM   475  C CA  . LEU A 1 70  ? -8.744  8.059   11.520  1.00 23.85 ? 76   LEU A CA  1 
ATOM   476  C C   . LEU A 1 70  ? -8.503  8.915   10.276  1.00 22.73 ? 76   LEU A C   1 
ATOM   477  O O   . LEU A 1 70  ? -9.376  9.692   9.849   1.00 21.03 ? 76   LEU A O   1 
ATOM   478  C CB  . LEU A 1 70  ? -10.097 7.315   11.438  1.00 24.71 ? 76   LEU A CB  1 
ATOM   479  C CG  . LEU A 1 70  ? -10.516 6.478   12.663  1.00 24.73 ? 76   LEU A CG  1 
ATOM   480  C CD1 . LEU A 1 70  ? -11.874 5.808   12.470  1.00 26.33 ? 76   LEU A CD1 1 
ATOM   481  C CD2 . LEU A 1 70  ? -9.477  5.425   13.010  1.00 23.75 ? 76   LEU A CD2 1 
ATOM   482  N N   . HIS A 1 71  ? -7.307  8.797   9.699   1.00 20.47 ? 77   HIS A N   1 
ATOM   483  C CA  . HIS A 1 71  ? -6.929  9.680   8.613   1.00 21.18 ? 77   HIS A CA  1 
ATOM   484  C C   . HIS A 1 71  ? -5.781  9.126   7.820   1.00 19.28 ? 77   HIS A C   1 
ATOM   485  O O   . HIS A 1 71  ? -5.201  8.086   8.172   1.00 18.04 ? 77   HIS A O   1 
ATOM   486  C CB  . HIS A 1 71  ? -6.576  11.076  9.161   1.00 23.92 ? 77   HIS A CB  1 
ATOM   487  C CG  . HIS A 1 71  ? -5.309  11.092  9.977   1.00 26.62 ? 77   HIS A CG  1 
ATOM   488  N ND1 . HIS A 1 71  ? -4.288  11.922  9.710   1.00 31.69 ? 77   HIS A ND1 1 
ATOM   489  C CD2 . HIS A 1 71  ? -4.909  10.313  11.064  1.00 28.69 ? 77   HIS A CD2 1 
ATOM   490  C CE1 . HIS A 1 71  ? -3.281  11.695  10.589  1.00 31.10 ? 77   HIS A CE1 1 
ATOM   491  N NE2 . HIS A 1 71  ? -3.660  10.706  11.411  1.00 31.02 ? 77   HIS A NE2 1 
ATOM   492  N N   . ILE A 1 72  ? -5.467  9.841   6.748   1.00 18.07 ? 78   ILE A N   1 
ATOM   493  C CA  . ILE A 1 72  ? -4.476  9.473   5.750   1.00 18.30 ? 78   ILE A CA  1 
ATOM   494  C C   . ILE A 1 72  ? -3.580  10.682  5.523   1.00 18.24 ? 78   ILE A C   1 
ATOM   495  O O   . ILE A 1 72  ? -4.081  11.788  5.292   1.00 19.10 ? 78   ILE A O   1 
ATOM   496  C CB  . ILE A 1 72  ? -5.152  9.097   4.415   1.00 17.84 ? 78   ILE A CB  1 
ATOM   497  C CG1 . ILE A 1 72  ? -6.129  7.916   4.625   1.00 19.18 ? 78   ILE A CG1 1 
ATOM   498  C CG2 . ILE A 1 72  ? -4.100  8.776   3.346   1.00 18.58 ? 78   ILE A CG2 1 
ATOM   499  C CD1 . ILE A 1 72  ? -6.933  7.503   3.400   1.00 18.88 ? 78   ILE A CD1 1 
ATOM   500  N N   . ASN A 1 73  ? -2.266  10.483  5.600   1.00 17.88 ? 79   ASN A N   1 
ATOM   501  C CA  . ASN A 1 73  ? -1.298  11.492  5.198   1.00 18.12 ? 79   ASN A CA  1 
ATOM   502  C C   . ASN A 1 73  ? -0.527  11.030  3.998   1.00 18.51 ? 79   ASN A C   1 
ATOM   503  O O   . ASN A 1 73  ? -0.157  9.845   3.895   1.00 17.65 ? 79   ASN A O   1 
ATOM   504  C CB  . ASN A 1 73  ? -0.291  11.805  6.307   1.00 19.57 ? 79   ASN A CB  1 
ATOM   505  C CG  . ASN A 1 73  ? -0.959  12.365  7.561   1.00 20.88 ? 79   ASN A CG  1 
ATOM   506  O OD1 . ASN A 1 73  ? -2.009  13.015  7.490   1.00 20.80 ? 79   ASN A OD1 1 
ATOM   507  N ND2 . ASN A 1 73  ? -0.341  12.123  8.711   1.00 21.76 ? 79   ASN A ND2 1 
ATOM   508  N N   . LEU A 1 74  ? -0.255  11.982  3.112   1.00 17.50 ? 80   LEU A N   1 
ATOM   509  C CA  . LEU A 1 74  ? 0.585   11.750  1.958   1.00 17.42 ? 80   LEU A CA  1 
ATOM   510  C C   . LEU A 1 74  ? 1.816   12.634  2.087   1.00 17.92 ? 80   LEU A C   1 
ATOM   511  O O   . LEU A 1 74  ? 1.703   13.852  2.116   1.00 17.77 ? 80   LEU A O   1 
ATOM   512  C CB  . LEU A 1 74  ? -0.176  12.090  0.675   1.00 17.86 ? 80   LEU A CB  1 
ATOM   513  C CG  . LEU A 1 74  ? -1.555  11.459  0.464   1.00 18.33 ? 80   LEU A CG  1 
ATOM   514  C CD1 . LEU A 1 74  ? -2.135  11.923  -0.871  1.00 19.06 ? 80   LEU A CD1 1 
ATOM   515  C CD2 . LEU A 1 74  ? -1.470  9.947   0.480   1.00 19.23 ? 80   LEU A CD2 1 
ATOM   516  N N   . ILE A 1 75  ? 2.983   12.014  2.175   1.00 17.80 ? 81   ILE A N   1 
ATOM   517  C CA  . ILE A 1 75  ? 4.206   12.727  2.534   1.00 18.09 ? 81   ILE A CA  1 
ATOM   518  C C   . ILE A 1 75  ? 5.281   12.513  1.477   1.00 19.05 ? 81   ILE A C   1 
ATOM   519  O O   . ILE A 1 75  ? 5.868   11.450  1.418   1.00 19.75 ? 81   ILE A O   1 
ATOM   520  C CB  . ILE A 1 75  ? 4.753   12.262  3.908   1.00 18.26 ? 81   ILE A CB  1 
ATOM   521  C CG1 . ILE A 1 75  ? 3.654   12.372  4.983   1.00 17.49 ? 81   ILE A CG1 1 
ATOM   522  C CG2 . ILE A 1 75  ? 5.985   13.102  4.284   1.00 17.87 ? 81   ILE A CG2 1 
ATOM   523  C CD1 . ILE A 1 75  ? 4.040   11.775  6.326   1.00 20.19 ? 81   ILE A CD1 1 
ATOM   524  N N   . PRO A 1 76  ? 5.537   13.530  0.625   1.00 22.01 ? 82   PRO A N   1 
ATOM   525  C CA  . PRO A 1 76  ? 6.656   13.468  -0.317  1.00 23.21 ? 82   PRO A CA  1 
ATOM   526  C C   . PRO A 1 76  ? 7.957   13.909  0.341   1.00 25.21 ? 82   PRO A C   1 
ATOM   527  O O   . PRO A 1 76  ? 7.950   14.782  1.214   1.00 24.53 ? 82   PRO A O   1 
ATOM   528  C CB  . PRO A 1 76  ? 6.247   14.446  -1.429  1.00 24.30 ? 82   PRO A CB  1 
ATOM   529  C CG  . PRO A 1 76  ? 5.280   15.391  -0.791  1.00 24.96 ? 82   PRO A CG  1 
ATOM   530  C CD  . PRO A 1 76  ? 4.753   14.771  0.489   1.00 23.32 ? 82   PRO A CD  1 
ATOM   531  N N   . ASN A 1 77  ? 9.056   13.293  -0.072  1.00 26.34 ? 83   ASN A N   1 
ATOM   532  C CA  . ASN A 1 77  ? 10.387  13.670  0.400   1.00 29.27 ? 83   ASN A CA  1 
ATOM   533  C C   . ASN A 1 77  ? 11.396  13.579  -0.737  1.00 29.36 ? 83   ASN A C   1 
ATOM   534  O O   . ASN A 1 77  ? 11.829  12.485  -1.099  1.00 26.46 ? 83   ASN A O   1 
ATOM   535  C CB  . ASN A 1 77  ? 10.837  12.791  1.570   1.00 29.95 ? 83   ASN A CB  1 
ATOM   536  C CG  . ASN A 1 77  ? 12.117  13.302  2.210   1.00 32.93 ? 83   ASN A CG  1 
ATOM   537  O OD1 . ASN A 1 77  ? 13.130  13.482  1.544   1.00 32.35 ? 83   ASN A OD1 1 
ATOM   538  N ND2 . ASN A 1 77  ? 12.072  13.542  3.506   1.00 33.98 ? 83   ASN A ND2 1 
ATOM   539  N N   . LYS A 1 78  ? 11.774  14.738  -1.278  1.00 31.53 ? 84   LYS A N   1 
ATOM   540  C CA  . LYS A 1 78  ? 12.647  14.805  -2.454  1.00 35.54 ? 84   LYS A CA  1 
ATOM   541  C C   . LYS A 1 78  ? 14.067  14.381  -2.134  1.00 36.31 ? 84   LYS A C   1 
ATOM   542  O O   . LYS A 1 78  ? 14.702  13.732  -2.952  1.00 34.47 ? 84   LYS A O   1 
ATOM   543  C CB  . LYS A 1 78  ? 12.622  16.195  -3.101  1.00 38.04 ? 84   LYS A CB  1 
ATOM   544  C CG  . LYS A 1 78  ? 11.390  16.430  -3.970  1.00 42.81 ? 84   LYS A CG  1 
ATOM   545  C CD  . LYS A 1 78  ? 11.366  17.824  -4.581  1.00 43.17 ? 84   LYS A CD  1 
ATOM   546  C CE  . LYS A 1 78  ? 9.943   18.348  -4.721  1.00 45.97 ? 84   LYS A CE  1 
ATOM   547  N NZ  . LYS A 1 78  ? 9.219   17.731  -5.866  1.00 47.85 ? 84   LYS A NZ  1 
ATOM   548  N N   . GLN A 1 79  ? 14.542  14.746  -0.942  1.00 38.72 ? 85   GLN A N   1 
ATOM   549  C CA  . GLN A 1 79  ? 15.834  14.291  -0.436  1.00 42.29 ? 85   GLN A CA  1 
ATOM   550  C C   . GLN A 1 79  ? 15.939  12.770  -0.537  1.00 39.85 ? 85   GLN A C   1 
ATOM   551  O O   . GLN A 1 79  ? 16.881  12.266  -1.136  1.00 39.91 ? 85   GLN A O   1 
ATOM   552  C CB  . GLN A 1 79  ? 16.056  14.739  1.025   1.00 48.16 ? 85   GLN A CB  1 
ATOM   553  C CG  . GLN A 1 79  ? 16.235  16.238  1.241   1.00 57.17 ? 85   GLN A CG  1 
ATOM   554  C CD  . GLN A 1 79  ? 17.561  16.770  0.709   1.00 66.61 ? 85   GLN A CD  1 
ATOM   555  O OE1 . GLN A 1 79  ? 18.574  16.057  0.678   1.00 70.62 ? 85   GLN A OE1 1 
ATOM   556  N NE2 . GLN A 1 79  ? 17.561  18.032  0.281   1.00 70.79 ? 85   GLN A NE2 1 
ATOM   557  N N   . ASP A 1 80  ? 14.961  12.052  0.025   1.00 36.50 ? 86   ASP A N   1 
ATOM   558  C CA  . ASP A 1 80  ? 14.970  10.576  0.019   1.00 35.14 ? 86   ASP A CA  1 
ATOM   559  C C   . ASP A 1 80  ? 14.369  9.969   -1.253  1.00 30.70 ? 86   ASP A C   1 
ATOM   560  O O   . ASP A 1 80  ? 14.424  8.753   -1.438  1.00 28.70 ? 86   ASP A O   1 
ATOM   561  C CB  . ASP A 1 80  ? 14.225  9.999   1.245   1.00 36.35 ? 86   ASP A CB  1 
ATOM   562  C CG  . ASP A 1 80  ? 14.741  10.546  2.571   1.00 42.02 ? 86   ASP A CG  1 
ATOM   563  O OD1 . ASP A 1 80  ? 15.867  11.087  2.596   1.00 43.89 ? 86   ASP A OD1 1 
ATOM   564  O OD2 . ASP A 1 80  ? 14.020  10.440  3.590   1.00 41.15 ? 86   ASP A OD2 1 
ATOM   565  N N   . ARG A 1 81  ? 13.799  10.813  -2.111  1.00 29.58 ? 87   ARG A N   1 
ATOM   566  C CA  . ARG A 1 81  ? 12.982  10.362  -3.252  1.00 28.33 ? 87   ARG A CA  1 
ATOM   567  C C   . ARG A 1 81  ? 11.902  9.326   -2.862  1.00 24.96 ? 87   ARG A C   1 
ATOM   568  O O   . ARG A 1 81  ? 11.786  8.264   -3.467  1.00 26.01 ? 87   ARG A O   1 
ATOM   569  C CB  . ARG A 1 81  ? 13.868  9.834   -4.390  1.00 31.06 ? 87   ARG A CB  1 
ATOM   570  C CG  . ARG A 1 81  ? 13.165  9.862   -5.734  1.00 36.79 ? 87   ARG A CG  1 
ATOM   571  C CD  . ARG A 1 81  ? 13.723  8.811   -6.677  1.00 41.85 ? 87   ARG A CD  1 
ATOM   572  N NE  . ARG A 1 81  ? 15.047  9.142   -7.183  1.00 44.72 ? 87   ARG A NE  1 
ATOM   573  C CZ  . ARG A 1 81  ? 15.940  8.233   -7.571  1.00 49.23 ? 87   ARG A CZ  1 
ATOM   574  N NH1 . ARG A 1 81  ? 15.658  6.935   -7.494  1.00 46.19 ? 87   ARG A NH1 1 
ATOM   575  N NH2 . ARG A 1 81  ? 17.120  8.619   -8.035  1.00 47.95 ? 87   ARG A NH2 1 
ATOM   576  N N   . THR A 1 82  ? 11.128  9.630   -1.830  1.00 23.07 ? 88   THR A N   1 
ATOM   577  C CA  . THR A 1 82  ? 10.069  8.725   -1.390  1.00 22.28 ? 88   THR A CA  1 
ATOM   578  C C   . THR A 1 82  ? 8.750   9.458   -1.370  1.00 20.98 ? 88   THR A C   1 
ATOM   579  O O   . THR A 1 82  ? 8.689   10.660  -1.098  1.00 21.43 ? 88   THR A O   1 
ATOM   580  C CB  . THR A 1 82  ? 10.303  8.154   0.032   1.00 22.64 ? 88   THR A CB  1 
ATOM   581  O OG1 . THR A 1 82  ? 10.482  9.229   0.955   1.00 23.14 ? 88   THR A OG1 1 
ATOM   582  C CG2 . THR A 1 82  ? 11.547  7.205   0.096   1.00 24.92 ? 88   THR A CG2 1 
ATOM   583  N N   . LEU A 1 83  ? 7.690   8.711   -1.631  1.00 20.35 ? 89   LEU A N   1 
ATOM   584  C CA  . LEU A 1 83  ? 6.346   9.156   -1.318  1.00 19.01 ? 89   LEU A CA  1 
ATOM   585  C C   . LEU A 1 83  ? 5.778   8.174   -0.295  1.00 18.99 ? 89   LEU A C   1 
ATOM   586  O O   . LEU A 1 83  ? 5.710   6.977   -0.553  1.00 18.77 ? 89   LEU A O   1 
ATOM   587  C CB  . LEU A 1 83  ? 5.477   9.186   -2.592  1.00 18.55 ? 89   LEU A CB  1 
ATOM   588  C CG  . LEU A 1 83  ? 3.977   9.513   -2.399  1.00 18.75 ? 89   LEU A CG  1 
ATOM   589  C CD1 . LEU A 1 83  ? 3.813   10.934  -1.870  1.00 19.66 ? 89   LEU A CD1 1 
ATOM   590  C CD2 . LEU A 1 83  ? 3.242   9.326   -3.722  1.00 20.30 ? 89   LEU A CD2 1 
ATOM   591  N N   . THR A 1 84  ? 5.357   8.688   0.859   1.00 19.30 ? 90   THR A N   1 
ATOM   592  C CA  . THR A 1 84  ? 4.818   7.851   1.923   1.00 18.25 ? 90   THR A CA  1 
ATOM   593  C C   . THR A 1 84  ? 3.322   8.073   2.067   1.00 17.67 ? 90   THR A C   1 
ATOM   594  O O   . THR A 1 84  ? 2.862   9.212   2.108   1.00 17.44 ? 90   THR A O   1 
ATOM   595  C CB  . THR A 1 84  ? 5.544   8.111   3.265   1.00 19.83 ? 90   THR A CB  1 
ATOM   596  O OG1 . THR A 1 84  ? 6.944   7.849   3.088   1.00 19.86 ? 90   THR A OG1 1 
ATOM   597  C CG2 . THR A 1 84  ? 5.045   7.161   4.341   1.00 20.63 ? 90   THR A CG2 1 
ATOM   598  N N   . ILE A 1 85  ? 2.566   6.977   2.058   1.00 16.85 ? 91   ILE A N   1 
ATOM   599  C CA  . ILE A 1 85  ? 1.126   7.002   2.341   1.00 17.72 ? 91   ILE A CA  1 
ATOM   600  C C   . ILE A 1 85  ? 0.970   6.408   3.743   1.00 17.78 ? 91   ILE A C   1 
ATOM   601  O O   . ILE A 1 85  ? 1.313   5.232   3.962   1.00 16.96 ? 91   ILE A O   1 
ATOM   602  C CB  . ILE A 1 85  ? 0.313   6.149   1.335   1.00 18.31 ? 91   ILE A CB  1 
ATOM   603  C CG1 . ILE A 1 85  ? 0.453   6.685   -0.097  1.00 20.96 ? 91   ILE A CG1 1 
ATOM   604  C CG2 . ILE A 1 85  ? -1.171  6.106   1.715   1.00 18.60 ? 91   ILE A CG2 1 
ATOM   605  C CD1 . ILE A 1 85  ? 1.751   6.277   -0.767  1.00 23.11 ? 91   ILE A CD1 1 
ATOM   606  N N   . VAL A 1 86  ? 0.479   7.212   4.676   1.00 16.27 ? 92   VAL A N   1 
ATOM   607  C CA  . VAL A 1 86  ? 0.336   6.799   6.065   1.00 17.56 ? 92   VAL A CA  1 
ATOM   608  C C   . VAL A 1 86  ? -1.140  6.717   6.404   1.00 17.84 ? 92   VAL A C   1 
ATOM   609  O O   . VAL A 1 86  ? -1.871  7.677   6.129   1.00 18.21 ? 92   VAL A O   1 
ATOM   610  C CB  . VAL A 1 86  ? 0.919   7.862   7.042   1.00 18.80 ? 92   VAL A CB  1 
ATOM   611  C CG1 . VAL A 1 86  ? 0.899   7.346   8.484   1.00 21.17 ? 92   VAL A CG1 1 
ATOM   612  C CG2 . VAL A 1 86  ? 2.329   8.243   6.683   1.00 18.57 ? 92   VAL A CG2 1 
ATOM   613  N N   . ASP A 1 87  ? -1.596  5.628   7.032   1.00 15.79 ? 93   ASP A N   1 
ATOM   614  C CA  . ASP A 1 87  ? -2.947  5.652   7.594   1.00 16.97 ? 93   ASP A CA  1 
ATOM   615  C C   . ASP A 1 87  ? -2.927  5.223   9.054   1.00 17.25 ? 93   ASP A C   1 
ATOM   616  O O   . ASP A 1 87  ? -1.987  4.565   9.503   1.00 17.59 ? 93   ASP A O   1 
ATOM   617  C CB  . ASP A 1 87  ? -3.944  4.769   6.793   1.00 17.31 ? 93   ASP A CB  1 
ATOM   618  C CG  . ASP A 1 87  ? -3.560  3.286   6.787   1.00 18.10 ? 93   ASP A CG  1 
ATOM   619  O OD1 . ASP A 1 87  ? -3.705  2.614   7.844   1.00 20.67 ? 93   ASP A OD1 1 
ATOM   620  O OD2 . ASP A 1 87  ? -3.142  2.773   5.721   1.00 17.58 ? 93   ASP A OD2 1 
ATOM   621  N N   . THR A 1 88  ? -3.977  5.564   9.785   1.00 18.18 ? 94   THR A N   1 
ATOM   622  C CA  . THR A 1 88  ? -4.134  5.013   11.146  1.00 19.23 ? 94   THR A CA  1 
ATOM   623  C C   . THR A 1 88  ? -5.215  3.925   11.163  1.00 19.30 ? 94   THR A C   1 
ATOM   624  O O   . THR A 1 88  ? -6.039  3.823   12.092  1.00 19.67 ? 94   THR A O   1 
ATOM   625  C CB  . THR A 1 88  ? -4.441  6.124   12.156  1.00 19.34 ? 94   THR A CB  1 
ATOM   626  O OG1 . THR A 1 88  ? -5.526  6.918   11.651  1.00 19.44 ? 94   THR A OG1 1 
ATOM   627  C CG2 . THR A 1 88  ? -3.190  7.023   12.384  1.00 21.06 ? 94   THR A CG2 1 
ATOM   628  N N   . GLY A 1 89  ? -5.207  3.101   10.124  1.00 18.41 ? 95   GLY A N   1 
ATOM   629  C CA  . GLY A 1 89  ? -6.174  2.036   9.996   1.00 17.73 ? 95   GLY A CA  1 
ATOM   630  C C   . GLY A 1 89  ? -5.826  0.890   10.920  1.00 19.67 ? 95   GLY A C   1 
ATOM   631  O O   . GLY A 1 89  ? -5.046  1.032   11.873  1.00 19.40 ? 95   GLY A O   1 
ATOM   632  N N   . ILE A 1 90  ? -6.391  -0.259  10.620  1.00 20.77 ? 96   ILE A N   1 
ATOM   633  C CA  . ILE A 1 90  ? -6.303  -1.403  11.524  1.00 22.10 ? 96   ILE A CA  1 
ATOM   634  C C   . ILE A 1 90  ? -4.877  -1.969  11.652  1.00 22.43 ? 96   ILE A C   1 
ATOM   635  O O   . ILE A 1 90  ? -4.519  -2.505  12.698  1.00 22.14 ? 96   ILE A O   1 
ATOM   636  C CB  . ILE A 1 90  ? -7.318  -2.487  11.132  1.00 21.65 ? 96   ILE A CB  1 
ATOM   637  C CG1 . ILE A 1 90  ? -7.439  -3.544  12.243  1.00 24.74 ? 96   ILE A CG1 1 
ATOM   638  C CG2 . ILE A 1 90  ? -6.942  -3.131  9.790   1.00 21.90 ? 96   ILE A CG2 1 
ATOM   639  C CD1 . ILE A 1 90  ? -8.826  -4.158  12.351  1.00 26.61 ? 96   ILE A CD1 1 
ATOM   640  N N   . GLY A 1 91  ? -4.063  -1.831  10.599  1.00 21.81 ? 97   GLY A N   1 
ATOM   641  C CA  . GLY A 1 91  ? -2.692  -2.342  10.641  1.00 21.93 ? 97   GLY A CA  1 
ATOM   642  C C   . GLY A 1 91  ? -2.662  -3.831  10.326  1.00 21.98 ? 97   GLY A C   1 
ATOM   643  O O   . GLY A 1 91  ? -3.703  -4.505  10.282  1.00 21.85 ? 97   GLY A O   1 
ATOM   644  N N   . MET A 1 92  ? -1.458  -4.343  10.130  1.00 20.94 ? 98   MET A N   1 
ATOM   645  C CA  . MET A 1 92  ? -1.277  -5.732  9.736   1.00 21.78 ? 98   MET A CA  1 
ATOM   646  C C   . MET A 1 92  ? -0.444  -6.500  10.756  1.00 21.66 ? 98   MET A C   1 
ATOM   647  O O   . MET A 1 92  ? 0.516   -5.974  11.326  1.00 22.14 ? 98   MET A O   1 
ATOM   648  C CB  . MET A 1 92  ? -0.631  -5.809  8.346   1.00 20.65 ? 98   MET A CB  1 
ATOM   649  C CG  . MET A 1 92  ? -1.579  -5.352  7.244   1.00 21.09 ? 98   MET A CG  1 
ATOM   650  S SD  . MET A 1 92  ? -0.852  -5.235  5.605   1.00 22.25 ? 98   MET A SD  1 
ATOM   651  C CE  . MET A 1 92  ? 0.159   -3.766  5.782   1.00 21.36 ? 98   MET A CE  1 
ATOM   652  N N   . THR A 1 93  ? -0.826  -7.751  10.968  1.00 21.92 ? 99   THR A N   1 
ATOM   653  C CA  . THR A 1 93  ? -0.071  -8.646  11.837  1.00 22.17 ? 99   THR A CA  1 
ATOM   654  C C   . THR A 1 93  ? 1.103   -9.283  11.073  1.00 24.04 ? 99   THR A C   1 
ATOM   655  O O   . THR A 1 93  ? 1.216   -9.175  9.834   1.00 20.60 ? 99   THR A O   1 
ATOM   656  C CB  . THR A 1 93  ? -0.973  -9.764  12.378  1.00 23.71 ? 99   THR A CB  1 
ATOM   657  O OG1 . THR A 1 93  ? -1.370  -10.584 11.274  1.00 22.67 ? 99   THR A OG1 1 
ATOM   658  C CG2 . THR A 1 93  ? -2.242  -9.180  13.054  1.00 24.29 ? 99   THR A CG2 1 
ATOM   659  N N   . LYS A 1 94  ? 1.981   -9.957  11.808  1.00 23.60 ? 100  LYS A N   1 
ATOM   660  C CA  . LYS A 1 94  ? 3.038   -10.739 11.166  1.00 24.85 ? 100  LYS A CA  1 
ATOM   661  C C   . LYS A 1 94  ? 2.469   -11.784 10.210  1.00 23.45 ? 100  LYS A C   1 
ATOM   662  O O   . LYS A 1 94  ? 3.022   -12.001 9.122   1.00 22.94 ? 100  LYS A O   1 
ATOM   663  C CB  . LYS A 1 94  ? 3.918   -11.417 12.212  1.00 26.32 ? 100  LYS A CB  1 
ATOM   664  C CG  . LYS A 1 94  ? 5.229   -11.913 11.638  1.00 28.67 ? 100  LYS A CG  1 
ATOM   665  C CD  . LYS A 1 94  ? 6.144   -12.462 12.729  1.00 32.19 ? 100  LYS A CD  1 
ATOM   666  C CE  . LYS A 1 94  ? 7.488   -12.885 12.152  1.00 33.47 ? 100  LYS A CE  1 
ATOM   667  N NZ  . LYS A 1 94  ? 8.152   -13.861 13.067  1.00 34.25 ? 100  LYS A NZ  1 
ATOM   668  N N   . ALA A 1 95  ? 1.380   -12.437 10.617  1.00 22.92 ? 101  ALA A N   1 
ATOM   669  C CA  . ALA A 1 95  ? 0.771   -13.487 9.793   1.00 24.92 ? 101  ALA A CA  1 
ATOM   670  C C   . ALA A 1 95  ? 0.148   -12.914 8.512   1.00 24.29 ? 101  ALA A C   1 
ATOM   671  O O   . ALA A 1 95  ? 0.203   -13.553 7.445   1.00 24.92 ? 101  ALA A O   1 
ATOM   672  C CB  . ALA A 1 95  ? -0.255  -14.285 10.580  1.00 25.13 ? 101  ALA A CB  1 
ATOM   673  N N   . ASP A 1 96  ? -0.459  -11.729 8.620   1.00 23.78 ? 102  ASP A N   1 
ATOM   674  C CA  . ASP A 1 96  ? -0.847  -10.991 7.423   1.00 22.69 ? 102  ASP A CA  1 
ATOM   675  C C   . ASP A 1 96  ? 0.327   -10.863 6.447   1.00 22.84 ? 102  ASP A C   1 
ATOM   676  O O   . ASP A 1 96  ? 0.206   -11.227 5.263   1.00 23.42 ? 102  ASP A O   1 
ATOM   677  C CB  . ASP A 1 96  ? -1.331  -9.586  7.780   1.00 22.73 ? 102  ASP A CB  1 
ATOM   678  C CG  . ASP A 1 96  ? -2.729  -9.570  8.384   1.00 21.75 ? 102  ASP A CG  1 
ATOM   679  O OD1 . ASP A 1 96  ? -3.556  -10.466 8.119   1.00 22.97 ? 102  ASP A OD1 1 
ATOM   680  O OD2 . ASP A 1 96  ? -3.003  -8.625  9.128   1.00 23.65 ? 102  ASP A OD2 1 
ATOM   681  N N   . LEU A 1 97  ? 1.442   -10.317 6.937   1.00 20.11 ? 103  LEU A N   1 
ATOM   682  C CA  . LEU A 1 97  ? 2.575   -9.932  6.087   1.00 21.76 ? 103  LEU A CA  1 
ATOM   683  C C   . LEU A 1 97  ? 3.195   -11.139 5.373   1.00 23.45 ? 103  LEU A C   1 
ATOM   684  O O   . LEU A 1 97  ? 3.510   -11.091 4.176   1.00 23.33 ? 103  LEU A O   1 
ATOM   685  C CB  . LEU A 1 97  ? 3.639   -9.196  6.925   1.00 20.31 ? 103  LEU A CB  1 
ATOM   686  C CG  . LEU A 1 97  ? 3.274   -7.777  7.349   1.00 20.49 ? 103  LEU A CG  1 
ATOM   687  C CD1 . LEU A 1 97  ? 4.365   -7.154  8.211   1.00 22.00 ? 103  LEU A CD1 1 
ATOM   688  C CD2 . LEU A 1 97  ? 2.967   -6.885  6.153   1.00 20.16 ? 103  LEU A CD2 1 
ATOM   689  N N   . ILE A 1 98  ? 3.336   -12.227 6.114   1.00 25.88 ? 104  ILE A N   1 
ATOM   690  C CA  . ILE A 1 98  ? 4.030   -13.400 5.608   1.00 28.80 ? 104  ILE A CA  1 
ATOM   691  C C   . ILE A 1 98  ? 3.127   -14.343 4.827   1.00 31.73 ? 104  ILE A C   1 
ATOM   692  O O   . ILE A 1 98  ? 3.503   -14.791 3.744   1.00 35.90 ? 104  ILE A O   1 
ATOM   693  C CB  . ILE A 1 98  ? 4.777   -14.126 6.742   1.00 29.23 ? 104  ILE A CB  1 
ATOM   694  C CG1 . ILE A 1 98  ? 5.800   -13.163 7.354   1.00 28.80 ? 104  ILE A CG1 1 
ATOM   695  C CG2 . ILE A 1 98  ? 5.490   -15.365 6.206   1.00 31.55 ? 104  ILE A CG2 1 
ATOM   696  C CD1 . ILE A 1 98  ? 6.317   -13.597 8.702   1.00 29.36 ? 104  ILE A CD1 1 
ATOM   697  N N   . ASN A 1 99  ? 1.935   -14.608 5.356   1.00 31.63 ? 105  ASN A N   1 
ATOM   698  C CA  . ASN A 1 99  ? 1.049   -15.646 4.820   1.00 34.30 ? 105  ASN A CA  1 
ATOM   699  C C   . ASN A 1 99  ? -0.310  -15.174 4.303   1.00 30.90 ? 105  ASN A C   1 
ATOM   700  O O   . ASN A 1 99  ? -0.673  -15.480 3.174   1.00 30.80 ? 105  ASN A O   1 
ATOM   701  C CB  . ASN A 1 99  ? 0.783   -16.721 5.876   1.00 39.45 ? 105  ASN A CB  1 
ATOM   702  C CG  . ASN A 1 99  ? 1.909   -17.718 5.995   1.00 46.07 ? 105  ASN A CG  1 
ATOM   703  O OD1 . ASN A 1 99  ? 2.601   -18.024 5.019   1.00 51.67 ? 105  ASN A OD1 1 
ATOM   704  N ND2 . ASN A 1 99  ? 2.090   -18.251 7.197   1.00 49.27 ? 105  ASN A ND2 1 
ATOM   705  N N   . ASN A 1 100 ? -1.075  -14.476 5.142   1.00 29.64 ? 106  ASN A N   1 
ATOM   706  C CA  . ASN A 1 100 ? -2.496  -14.272 4.853   1.00 29.31 ? 106  ASN A CA  1 
ATOM   707  C C   . ASN A 1 100 ? -2.720  -13.394 3.636   1.00 27.65 ? 106  ASN A C   1 
ATOM   708  O O   . ASN A 1 100 ? -3.545  -13.719 2.800   1.00 29.04 ? 106  ASN A O   1 
ATOM   709  C CB  . ASN A 1 100 ? -3.262  -13.673 6.051   1.00 30.93 ? 106  ASN A CB  1 
ATOM   710  C CG  . ASN A 1 100 ? -3.250  -14.556 7.274   1.00 34.92 ? 106  ASN A CG  1 
ATOM   711  O OD1 . ASN A 1 100 ? -2.912  -15.736 7.207   1.00 35.71 ? 106  ASN A OD1 1 
ATOM   712  N ND2 . ASN A 1 100 ? -3.605  -13.967 8.425   1.00 39.39 ? 106  ASN A ND2 1 
ATOM   713  N N   . LEU A 1 101 ? -1.982  -12.286 3.531   1.00 27.04 ? 107  LEU A N   1 
ATOM   714  C CA  . LEU A 1 101 ? -2.172  -11.355 2.407   1.00 29.69 ? 107  LEU A CA  1 
ATOM   715  C C   . LEU A 1 101 ? -1.912  -12.042 1.076   1.00 29.72 ? 107  LEU A C   1 
ATOM   716  O O   . LEU A 1 101 ? -2.674  -11.880 0.116   1.00 28.46 ? 107  LEU A O   1 
ATOM   717  C CB  . LEU A 1 101 ? -1.259  -10.140 2.533   1.00 32.39 ? 107  LEU A CB  1 
ATOM   718  C CG  . LEU A 1 101 ? -1.418  -9.263  3.777   1.00 36.29 ? 107  LEU A CG  1 
ATOM   719  C CD1 . LEU A 1 101 ? -0.220  -8.327  3.902   1.00 36.97 ? 107  LEU A CD1 1 
ATOM   720  C CD2 . LEU A 1 101 ? -2.720  -8.495  3.770   1.00 36.00 ? 107  LEU A CD2 1 
ATOM   721  N N   . GLY A 1 102 ? -0.828  -12.805 1.039   1.00 29.16 ? 108  GLY A N   1 
ATOM   722  C CA  . GLY A 1 102 ? -0.469  -13.594 -0.134  1.00 31.93 ? 108  GLY A CA  1 
ATOM   723  C C   . GLY A 1 102 ? -1.513  -14.641 -0.472  1.00 32.72 ? 108  GLY A C   1 
ATOM   724  O O   . GLY A 1 102 ? -1.807  -14.855 -1.659  1.00 32.67 ? 108  GLY A O   1 
ATOM   725  N N   . THR A 1 103 ? -2.071  -15.297 0.554   1.00 32.49 ? 109  THR A N   1 
ATOM   726  C CA  . THR A 1 103 ? -3.122  -16.301 0.344   1.00 36.37 ? 109  THR A CA  1 
ATOM   727  C C   . THR A 1 103 ? -4.372  -15.703 -0.290  1.00 38.66 ? 109  THR A C   1 
ATOM   728  O O   . THR A 1 103 ? -4.857  -16.213 -1.313  1.00 37.83 ? 109  THR A O   1 
ATOM   729  C CB  . THR A 1 103 ? -3.510  -17.024 1.645   1.00 37.47 ? 109  THR A CB  1 
ATOM   730  O OG1 . THR A 1 103 ? -2.368  -17.714 2.145   1.00 40.18 ? 109  THR A OG1 1 
ATOM   731  C CG2 . THR A 1 103 ? -4.597  -18.046 1.374   1.00 39.92 ? 109  THR A CG2 1 
ATOM   732  N N   . ILE A 1 104 ? -4.870  -14.615 0.302   1.00 41.15 ? 110  ILE A N   1 
ATOM   733  C CA  . ILE A 1 104 ? -6.058  -13.905 -0.193  1.00 45.13 ? 110  ILE A CA  1 
ATOM   734  C C   . ILE A 1 104 ? -5.862  -13.447 -1.637  1.00 45.60 ? 110  ILE A C   1 
ATOM   735  O O   . ILE A 1 104 ? -6.781  -13.550 -2.455  1.00 51.09 ? 110  ILE A O   1 
ATOM   736  C CB  . ILE A 1 104 ? -6.400  -12.677 0.681   1.00 46.95 ? 110  ILE A CB  1 
ATOM   737  C CG1 . ILE A 1 104 ? -6.687  -13.103 2.109   1.00 47.74 ? 110  ILE A CG1 1 
ATOM   738  C CG2 . ILE A 1 104 ? -7.630  -11.953 0.154   1.00 48.96 ? 110  ILE A CG2 1 
ATOM   739  C CD1 . ILE A 1 104 ? -6.563  -11.970 3.102   1.00 55.14 ? 110  ILE A CD1 1 
ATOM   740  N N   . ALA A 1 105 ? -4.656  -12.969 -1.932  1.00 44.29 ? 111  ALA A N   1 
ATOM   741  C CA  . ALA A 1 105 ? -4.292  -12.414 -3.237  1.00 43.83 ? 111  ALA A CA  1 
ATOM   742  C C   . ALA A 1 105 ? -4.109  -13.440 -4.372  1.00 45.80 ? 111  ALA A C   1 
ATOM   743  O O   . ALA A 1 105 ? -4.156  -13.069 -5.544  1.00 46.08 ? 111  ALA A O   1 
ATOM   744  C CB  . ALA A 1 105 ? -3.029  -11.578 -3.095  1.00 40.46 ? 111  ALA A CB  1 
ATOM   745  N N   . LYS A 1 106 ? -3.867  -14.706 -4.026  1.00 43.91 ? 112  LYS A N   1 
ATOM   746  C CA  . LYS A 1 106 ? -3.653  -15.765 -5.017  1.00 42.96 ? 112  LYS A CA  1 
ATOM   747  C C   . LYS A 1 106 ? -4.825  -15.857 -6.018  1.00 40.80 ? 112  LYS A C   1 
ATOM   748  O O   . LYS A 1 106 ? -4.615  -15.945 -7.235  1.00 37.34 ? 112  LYS A O   1 
ATOM   749  C CB  . LYS A 1 106 ? -3.426  -17.102 -4.297  1.00 45.98 ? 112  LYS A CB  1 
ATOM   750  C CG  . LYS A 1 106 ? -2.333  -17.976 -4.896  1.00 50.77 ? 112  LYS A CG  1 
ATOM   751  C CD  . LYS A 1 106 ? -1.503  -18.662 -3.813  1.00 54.72 ? 112  LYS A CD  1 
ATOM   752  C CE  . LYS A 1 106 ? -2.099  -19.975 -3.323  1.00 54.09 ? 112  LYS A CE  1 
ATOM   753  N NZ  . LYS A 1 106 ? -1.579  -21.142 -4.097  1.00 57.09 ? 112  LYS A NZ  1 
ATOM   754  N N   . SER A 1 107 ? -6.048  -15.803 -5.494  1.00 38.80 ? 113  SER A N   1 
ATOM   755  C CA  . SER A 1 107 ? -7.276  -15.860 -6.287  1.00 40.16 ? 113  SER A CA  1 
ATOM   756  C C   . SER A 1 107 ? -7.464  -14.608 -7.149  1.00 37.47 ? 113  SER A C   1 
ATOM   757  O O   . SER A 1 107 ? -7.808  -14.695 -8.334  1.00 36.40 ? 113  SER A O   1 
ATOM   758  C CB  . SER A 1 107 ? -8.488  -15.993 -5.355  1.00 44.57 ? 113  SER A CB  1 
ATOM   759  O OG  . SER A 1 107 ? -8.070  -16.213 -4.016  1.00 50.86 ? 113  SER A OG  1 
ATOM   760  N N   . GLY A 1 108 ? -7.251  -13.443 -6.536  1.00 38.35 ? 114  GLY A N   1 
ATOM   761  C CA  . GLY A 1 108 ? -7.411  -12.164 -7.216  1.00 34.17 ? 114  GLY A CA  1 
ATOM   762  C C   . GLY A 1 108 ? -6.390  -11.983 -8.332  1.00 31.87 ? 114  GLY A C   1 
ATOM   763  O O   . GLY A 1 108 ? -6.713  -11.434 -9.384  1.00 30.42 ? 114  GLY A O   1 
ATOM   764  N N   . THR A 1 109 ? -5.165  -12.450 -8.111  1.00 30.92 ? 115  THR A N   1 
ATOM   765  C CA  . THR A 1 109 ? -4.134  -12.416 -9.153  1.00 32.33 ? 115  THR A CA  1 
ATOM   766  C C   . THR A 1 109 ? -4.573  -13.220 -10.373 1.00 32.95 ? 115  THR A C   1 
ATOM   767  O O   . THR A 1 109 ? -4.514  -12.720 -11.499 1.00 30.94 ? 115  THR A O   1 
ATOM   768  C CB  . THR A 1 109 ? -2.773  -12.938 -8.662  1.00 34.78 ? 115  THR A CB  1 
ATOM   769  O OG1 . THR A 1 109 ? -2.307  -12.103 -7.599  1.00 39.36 ? 115  THR A OG1 1 
ATOM   770  C CG2 . THR A 1 109 ? -1.756  -12.910 -9.786  1.00 32.74 ? 115  THR A CG2 1 
ATOM   771  N N   . LYS A 1 110 ? -5.008  -14.458 -10.144 1.00 33.51 ? 116  LYS A N   1 
ATOM   772  C CA  . LYS A 1 110 ? -5.457  -15.328 -11.232 1.00 37.10 ? 116  LYS A CA  1 
ATOM   773  C C   . LYS A 1 110 ? -6.567  -14.666 -12.037 1.00 35.59 ? 116  LYS A C   1 
ATOM   774  O O   . LYS A 1 110 ? -6.462  -14.553 -13.261 1.00 37.16 ? 116  LYS A O   1 
ATOM   775  C CB  . LYS A 1 110 ? -5.901  -16.691 -10.700 1.00 41.11 ? 116  LYS A CB  1 
ATOM   776  C CG  . LYS A 1 110 ? -4.723  -17.592 -10.357 1.00 45.54 ? 116  LYS A CG  1 
ATOM   777  C CD  . LYS A 1 110 ? -5.134  -18.905 -9.693  1.00 49.04 ? 116  LYS A CD  1 
ATOM   778  C CE  . LYS A 1 110 ? -3.961  -19.479 -8.899  1.00 52.20 ? 116  LYS A CE  1 
ATOM   779  N NZ  . LYS A 1 110 ? -4.287  -20.726 -8.151  1.00 54.10 ? 116  LYS A NZ  1 
ATOM   780  N N   . ALA A 1 111 ? -7.600  -14.189 -11.336 1.00 33.60 ? 117  ALA A N   1 
ATOM   781  C CA  . ALA A 1 111 ? -8.729  -13.494 -11.959 1.00 31.07 ? 117  ALA A CA  1 
ATOM   782  C C   . ALA A 1 111 ? -8.273  -12.243 -12.725 1.00 32.03 ? 117  ALA A C   1 
ATOM   783  O O   . ALA A 1 111 ? -8.751  -11.976 -13.833 1.00 30.90 ? 117  ALA A O   1 
ATOM   784  C CB  . ALA A 1 111 ? -9.768  -13.118 -10.905 1.00 31.57 ? 117  ALA A CB  1 
ATOM   785  N N   . PHE A 1 112 ? -7.353  -11.478 -12.135 1.00 27.44 ? 118  PHE A N   1 
ATOM   786  C CA  . PHE A 1 112 ? -6.839  -10.266 -12.784 1.00 29.96 ? 118  PHE A CA  1 
ATOM   787  C C   . PHE A 1 112 ? -6.101  -10.595 -14.082 1.00 32.44 ? 118  PHE A C   1 
ATOM   788  O O   . PHE A 1 112 ? -6.326  -9.948  -15.121 1.00 31.37 ? 118  PHE A O   1 
ATOM   789  C CB  . PHE A 1 112 ? -5.913  -9.495  -11.819 1.00 26.82 ? 118  PHE A CB  1 
ATOM   790  C CG  . PHE A 1 112 ? -5.309  -8.240  -12.394 1.00 27.04 ? 118  PHE A CG  1 
ATOM   791  C CD1 . PHE A 1 112 ? -6.084  -7.316  -13.103 1.00 26.51 ? 118  PHE A CD1 1 
ATOM   792  C CD2 . PHE A 1 112 ? -3.961  -7.938  -12.154 1.00 27.05 ? 118  PHE A CD2 1 
ATOM   793  C CE1 . PHE A 1 112 ? -5.519  -6.140  -13.595 1.00 26.44 ? 118  PHE A CE1 1 
ATOM   794  C CE2 . PHE A 1 112 ? -3.395  -6.756  -12.634 1.00 27.47 ? 118  PHE A CE2 1 
ATOM   795  C CZ  . PHE A 1 112 ? -4.177  -5.858  -13.362 1.00 27.12 ? 118  PHE A CZ  1 
ATOM   796  N N   . MET A 1 113 ? -5.227  -11.597 -14.009 1.00 35.39 ? 119  MET A N   1 
ATOM   797  C CA  . MET A 1 113 ? -4.409  -12.012 -15.145 1.00 44.59 ? 119  MET A CA  1 
ATOM   798  C C   . MET A 1 113 ? -5.229  -12.610 -16.292 1.00 47.40 ? 119  MET A C   1 
ATOM   799  O O   . MET A 1 113 ? -4.885  -12.414 -17.465 1.00 51.77 ? 119  MET A O   1 
ATOM   800  C CB  . MET A 1 113 ? -3.251  -12.918 -14.689 1.00 46.65 ? 119  MET A CB  1 
ATOM   801  C CG  . MET A 1 113 ? -2.104  -12.092 -14.112 1.00 52.03 ? 119  MET A CG  1 
ATOM   802  S SD  . MET A 1 113 ? -0.611  -12.968 -13.590 1.00 66.53 ? 119  MET A SD  1 
ATOM   803  C CE  . MET A 1 113 ? 0.074   -13.457 -15.179 1.00 64.90 ? 119  MET A CE  1 
ATOM   804  N N   . GLU A 1 114 ? -6.323  -13.289 -15.948 1.00 47.15 ? 120  GLU A N   1 
ATOM   805  C CA  . GLU A 1 114 ? -7.292  -13.782 -16.926 1.00 53.14 ? 120  GLU A CA  1 
ATOM   806  C C   . GLU A 1 114 ? -8.082  -12.640 -17.561 1.00 51.95 ? 120  GLU A C   1 
ATOM   807  O O   . GLU A 1 114 ? -8.335  -12.649 -18.766 1.00 51.86 ? 120  GLU A O   1 
ATOM   808  C CB  . GLU A 1 114 ? -8.263  -14.766 -16.275 1.00 56.09 ? 120  GLU A CB  1 
ATOM   809  C CG  . GLU A 1 114 ? -7.651  -16.114 -15.925 1.00 60.53 ? 120  GLU A CG  1 
ATOM   810  C CD  . GLU A 1 114 ? -8.601  -16.999 -15.140 1.00 65.82 ? 120  GLU A CD  1 
ATOM   811  O OE1 . GLU A 1 114 ? -9.759  -16.579 -14.885 1.00 67.28 ? 120  GLU A OE1 1 
ATOM   812  O OE2 . GLU A 1 114 ? -8.188  -18.118 -14.774 1.00 68.64 ? 120  GLU A OE2 1 
ATOM   813  N N   . ALA A 1 115 ? -8.472  -11.667 -16.740 1.00 51.00 ? 121  ALA A N   1 
ATOM   814  C CA  . ALA A 1 115 ? -9.168  -10.472 -17.219 1.00 47.94 ? 121  ALA A CA  1 
ATOM   815  C C   . ALA A 1 115 ? -8.318  -9.631  -18.173 1.00 51.35 ? 121  ALA A C   1 
ATOM   816  O O   . ALA A 1 115 ? -8.856  -9.049  -19.117 1.00 55.92 ? 121  ALA A O   1 
ATOM   817  C CB  . ALA A 1 115 ? -9.649  -9.629  -16.053 1.00 47.78 ? 121  ALA A CB  1 
ATOM   818  N N   . LEU A 1 116 ? -7.003  -9.571  -17.934 1.00 48.02 ? 122  LEU A N   1 
ATOM   819  C CA  . LEU A 1 116 ? -6.080  -8.817  -18.799 1.00 50.99 ? 122  LEU A CA  1 
ATOM   820  C C   . LEU A 1 116 ? -5.960  -9.430  -20.194 1.00 56.83 ? 122  LEU A C   1 
ATOM   821  O O   . LEU A 1 116 ? -5.836  -8.701  -21.188 1.00 55.12 ? 122  LEU A O   1 
ATOM   822  C CB  . LEU A 1 116 ? -4.687  -8.690  -18.173 1.00 46.27 ? 122  LEU A CB  1 
ATOM   823  C CG  . LEU A 1 116 ? -4.492  -7.758  -16.966 1.00 43.47 ? 122  LEU A CG  1 
ATOM   824  C CD1 . LEU A 1 116 ? -3.113  -7.977  -16.353 1.00 39.87 ? 122  LEU A CD1 1 
ATOM   825  C CD2 . LEU A 1 116 ? -4.693  -6.291  -17.336 1.00 43.34 ? 122  LEU A CD2 1 
ATOM   826  N N   . GLN A 1 117 ? -5.988  -10.764 -20.254 1.00 58.48 ? 123  GLN A N   1 
ATOM   827  C CA  . GLN A 1 117 ? -6.041  -11.499 -21.518 1.00 61.39 ? 123  GLN A CA  1 
ATOM   828  C C   . GLN A 1 117 ? -7.357  -11.205 -22.239 1.00 61.95 ? 123  GLN A C   1 
ATOM   829  O O   . GLN A 1 117 ? -7.389  -11.114 -23.465 1.00 62.29 ? 123  GLN A O   1 
ATOM   830  C CB  . GLN A 1 117 ? -5.898  -13.013 -21.281 1.00 65.96 ? 123  GLN A CB  1 
ATOM   831  C CG  . GLN A 1 117 ? -4.555  -13.454 -20.711 1.00 67.95 ? 123  GLN A CG  1 
ATOM   832  C CD  . GLN A 1 117 ? -3.407  -13.389 -21.715 1.00 74.76 ? 123  GLN A CD  1 
ATOM   833  O OE1 . GLN A 1 117 ? -3.586  -13.026 -22.884 1.00 76.50 ? 123  GLN A OE1 1 
ATOM   834  N NE2 . GLN A 1 117 ? -2.217  -13.753 -21.259 1.00 74.69 ? 123  GLN A NE2 1 
ATOM   835  N N   . ALA A 1 118 ? -8.431  -11.051 -21.462 1.00 62.17 ? 124  ALA A N   1 
ATOM   836  C CA  . ALA A 1 118 ? -9.777  -10.779 -21.981 1.00 60.57 ? 124  ALA A CA  1 
ATOM   837  C C   . ALA A 1 118 ? -9.973  -9.350  -22.523 1.00 60.51 ? 124  ALA A C   1 
ATOM   838  O O   . ALA A 1 118 ? -10.988 -9.066  -23.169 1.00 63.10 ? 124  ALA A O   1 
ATOM   839  C CB  . ALA A 1 118 ? -10.829 -11.098 -20.920 1.00 59.32 ? 124  ALA A CB  1 
ATOM   840  N N   . GLY A 1 119 ? -9.016  -8.458  -22.264 1.00 58.27 ? 125  GLY A N   1 
ATOM   841  C CA  . GLY A 1 119 ? -9.085  -7.077  -22.754 1.00 55.12 ? 125  GLY A CA  1 
ATOM   842  C C   . GLY A 1 119 ? -9.185  -5.984  -21.694 1.00 53.97 ? 125  GLY A C   1 
ATOM   843  O O   . GLY A 1 119 ? -9.327  -4.806  -22.031 1.00 52.01 ? 125  GLY A O   1 
ATOM   844  N N   . ALA A 1 120 ? -9.128  -6.364  -20.413 1.00 51.01 ? 126  ALA A N   1 
ATOM   845  C CA  . ALA A 1 120 ? -9.057  -5.389  -19.310 1.00 46.77 ? 126  ALA A CA  1 
ATOM   846  C C   . ALA A 1 120 ? -7.674  -4.725  -19.262 1.00 43.33 ? 126  ALA A C   1 
ATOM   847  O O   . ALA A 1 120 ? -6.752  -5.148  -19.957 1.00 42.01 ? 126  ALA A O   1 
ATOM   848  C CB  . ALA A 1 120 ? -9.388  -6.046  -17.975 1.00 44.76 ? 126  ALA A CB  1 
ATOM   849  N N   . ASP A 1 121 ? -7.522  -3.672  -18.463 1.00 40.62 ? 127  ASP A N   1 
ATOM   850  C CA  . ASP A 1 121 ? -6.204  -3.059  -18.348 1.00 37.47 ? 127  ASP A CA  1 
ATOM   851  C C   . ASP A 1 121 ? -5.750  -2.937  -16.887 1.00 34.58 ? 127  ASP A C   1 
ATOM   852  O O   . ASP A 1 121 ? -6.519  -3.152  -15.958 1.00 30.38 ? 127  ASP A O   1 
ATOM   853  C CB  . ASP A 1 121 ? -6.126  -1.721  -19.102 1.00 39.70 ? 127  ASP A CB  1 
ATOM   854  C CG  . ASP A 1 121 ? -7.004  -0.660  -18.493 1.00 43.51 ? 127  ASP A CG  1 
ATOM   855  O OD1 . ASP A 1 121 ? -8.247  -0.764  -18.631 1.00 44.84 ? 127  ASP A OD1 1 
ATOM   856  O OD2 . ASP A 1 121 ? -6.448  0.272   -17.868 1.00 44.42 ? 127  ASP A OD2 1 
ATOM   857  N N   . ILE A 1 122 ? -4.480  -2.603  -16.713 1.00 32.16 ? 128  ILE A N   1 
ATOM   858  C CA  . ILE A 1 122 ? -3.866  -2.573  -15.394 1.00 31.71 ? 128  ILE A CA  1 
ATOM   859  C C   . ILE A 1 122 ? -4.613  -1.644  -14.419 1.00 31.50 ? 128  ILE A C   1 
ATOM   860  O O   . ILE A 1 122 ? -4.637  -1.915  -13.222 1.00 31.35 ? 128  ILE A O   1 
ATOM   861  C CB  . ILE A 1 122 ? -2.349  -2.278  -15.514 1.00 32.14 ? 128  ILE A CB  1 
ATOM   862  C CG1 . ILE A 1 122 ? -1.633  -3.546  -16.022 1.00 34.24 ? 128  ILE A CG1 1 
ATOM   863  C CG2 . ILE A 1 122 ? -1.751  -1.793  -14.190 1.00 32.26 ? 128  ILE A CG2 1 
ATOM   864  C CD1 . ILE A 1 122 ? -0.320  -3.297  -16.749 1.00 36.40 ? 128  ILE A CD1 1 
ATOM   865  N N   . SER A 1 123 ? -5.267  -0.589  -14.919 1.00 30.82 ? 129  SER A N   1 
ATOM   866  C CA  . SER A 1 123 ? -6.029  0.310   -14.031 1.00 30.78 ? 129  SER A CA  1 
ATOM   867  C C   . SER A 1 123 ? -7.144  -0.375  -13.227 1.00 30.61 ? 129  SER A C   1 
ATOM   868  O O   . SER A 1 123 ? -7.599  0.165   -12.221 1.00 31.18 ? 129  SER A O   1 
ATOM   869  C CB  . SER A 1 123 ? -6.580  1.533   -14.780 1.00 30.93 ? 129  SER A CB  1 
ATOM   870  O OG  . SER A 1 123 ? -7.722  1.207   -15.545 1.00 32.46 ? 129  SER A OG  1 
ATOM   871  N N   . MET A 1 124 ? -7.570  -1.564  -13.645 1.00 31.20 ? 130  MET A N   1 
ATOM   872  C CA  . MET A 1 124 ? -8.691  -2.247  -12.984 1.00 31.40 ? 130  MET A CA  1 
ATOM   873  C C   . MET A 1 124 ? -8.232  -3.229  -11.882 1.00 29.56 ? 130  MET A C   1 
ATOM   874  O O   . MET A 1 124 ? -9.036  -3.951  -11.274 1.00 25.40 ? 130  MET A O   1 
ATOM   875  C CB  . MET A 1 124 ? -9.565  -2.937  -14.045 1.00 36.37 ? 130  MET A CB  1 
ATOM   876  C CG  . MET A 1 124 ? -10.153 -1.968  -15.076 1.00 40.54 ? 130  MET A CG  1 
ATOM   877  S SD  . MET A 1 124 ? -10.553 -2.756  -16.668 1.00 46.25 ? 130  MET A SD  1 
ATOM   878  C CE  . MET A 1 124 ? -11.753 -3.950  -16.096 1.00 45.22 ? 130  MET A CE  1 
ATOM   879  N N   . ILE A 1 125 ? -6.934  -3.189  -11.589 1.00 28.32 ? 131  ILE A N   1 
ATOM   880  C CA  . ILE A 1 125 ? -6.287  -4.059  -10.597 1.00 26.66 ? 131  ILE A CA  1 
ATOM   881  C C   . ILE A 1 125 ? -7.013  -4.100  -9.231  1.00 26.76 ? 131  ILE A C   1 
ATOM   882  O O   . ILE A 1 125 ? -7.104  -5.164  -8.584  1.00 24.53 ? 131  ILE A O   1 
ATOM   883  C CB  . ILE A 1 125 ? -4.799  -3.646  -10.440 1.00 25.52 ? 131  ILE A CB  1 
ATOM   884  C CG1 . ILE A 1 125 ? -4.025  -4.646  -9.567  1.00 25.07 ? 131  ILE A CG1 1 
ATOM   885  C CG2 . ILE A 1 125 ? -4.679  -2.218  -9.897  1.00 24.67 ? 131  ILE A CG2 1 
ATOM   886  C CD1 . ILE A 1 125 ? -2.517  -4.588  -9.760  1.00 24.46 ? 131  ILE A CD1 1 
ATOM   887  N N   . GLY A 1 126 ? -7.527  -2.943  -8.819  1.00 27.81 ? 132  GLY A N   1 
ATOM   888  C CA  . GLY A 1 126 ? -8.220  -2.774  -7.532  1.00 29.36 ? 132  GLY A CA  1 
ATOM   889  C C   . GLY A 1 126 ? -9.449  -3.651  -7.351  1.00 31.87 ? 132  GLY A C   1 
ATOM   890  O O   . GLY A 1 126 ? -9.775  -4.074  -6.232  1.00 32.32 ? 132  GLY A O   1 
ATOM   891  N N   . GLN A 1 127 ? -10.131 -3.939  -8.449  1.00 30.86 ? 133  GLN A N   1 
ATOM   892  C CA  . GLN A 1 127 ? -11.312 -4.805  -8.408  1.00 33.08 ? 133  GLN A CA  1 
ATOM   893  C C   . GLN A 1 127 ? -10.975 -6.243  -8.033  1.00 32.77 ? 133  GLN A C   1 
ATOM   894  O O   . GLN A 1 127 ? -11.861 -7.015  -7.679  1.00 32.17 ? 133  GLN A O   1 
ATOM   895  C CB  . GLN A 1 127 ? -12.025 -4.793  -9.760  1.00 34.55 ? 133  GLN A CB  1 
ATOM   896  C CG  . GLN A 1 127 ? -12.256 -3.402  -10.315 1.00 37.66 ? 133  GLN A CG  1 
ATOM   897  C CD  . GLN A 1 127 ? -13.279 -3.397  -11.425 1.00 40.82 ? 133  GLN A CD  1 
ATOM   898  O OE1 . GLN A 1 127 ? -14.293 -4.098  -11.347 1.00 44.17 ? 133  GLN A OE1 1 
ATOM   899  N NE2 . GLN A 1 127 ? -13.031 -2.603  -12.460 1.00 42.09 ? 133  GLN A NE2 1 
ATOM   900  N N   . PHE A 1 128 ? -9.691  -6.603  -8.094  1.00 28.35 ? 134  PHE A N   1 
ATOM   901  C CA  . PHE A 1 128 ? -9.303  -7.982  -7.846  1.00 26.97 ? 134  PHE A CA  1 
ATOM   902  C C   . PHE A 1 128 ? -8.568  -8.142  -6.511  1.00 26.91 ? 134  PHE A C   1 
ATOM   903  O O   . PHE A 1 128 ? -7.992  -9.192  -6.228  1.00 26.99 ? 134  PHE A O   1 
ATOM   904  C CB  . PHE A 1 128 ? -8.471  -8.487  -9.036  1.00 26.45 ? 134  PHE A CB  1 
ATOM   905  C CG  . PHE A 1 128 ? -9.165  -8.316  -10.365 1.00 26.38 ? 134  PHE A CG  1 
ATOM   906  C CD1 . PHE A 1 128 ? -10.024 -9.314  -10.846 1.00 27.78 ? 134  PHE A CD1 1 
ATOM   907  C CD2 . PHE A 1 128 ? -8.989  -7.155  -11.121 1.00 25.62 ? 134  PHE A CD2 1 
ATOM   908  C CE1 . PHE A 1 128 ? -10.674 -9.164  -12.069 1.00 27.89 ? 134  PHE A CE1 1 
ATOM   909  C CE2 . PHE A 1 128 ? -9.636  -6.991  -12.341 1.00 27.02 ? 134  PHE A CE2 1 
ATOM   910  C CZ  . PHE A 1 128 ? -10.485 -7.994  -12.817 1.00 27.33 ? 134  PHE A CZ  1 
ATOM   911  N N   . GLY A 1 129 ? -8.596  -7.086  -5.698  1.00 26.64 ? 135  GLY A N   1 
ATOM   912  C CA  . GLY A 1 129 ? -8.000  -7.097  -4.366  1.00 25.77 ? 135  GLY A CA  1 
ATOM   913  C C   . GLY A 1 129 ? -6.483  -7.170  -4.325  1.00 24.98 ? 135  GLY A C   1 
ATOM   914  O O   . GLY A 1 129 ? -5.916  -7.584  -3.321  1.00 25.57 ? 135  GLY A O   1 
ATOM   915  N N   . VAL A 1 130 ? -5.817  -6.771  -5.414  1.00 23.71 ? 136  VAL A N   1 
ATOM   916  C CA  . VAL A 1 130 ? -4.363  -6.781  -5.440  1.00 21.49 ? 136  VAL A CA  1 
ATOM   917  C C   . VAL A 1 130 ? -3.788  -5.427  -5.824  1.00 19.72 ? 136  VAL A C   1 
ATOM   918  O O   . VAL A 1 130 ? -2.665  -5.340  -6.320  1.00 19.23 ? 136  VAL A O   1 
ATOM   919  C CB  . VAL A 1 130 ? -3.799  -7.897  -6.369  1.00 21.09 ? 136  VAL A CB  1 
ATOM   920  C CG1 . VAL A 1 130 ? -3.935  -9.237  -5.705  1.00 22.69 ? 136  VAL A CG1 1 
ATOM   921  C CG2 . VAL A 1 130 ? -4.482  -7.885  -7.733  1.00 21.93 ? 136  VAL A CG2 1 
ATOM   922  N N   . GLY A 1 131 ? -4.565  -4.375  -5.584  1.00 18.87 ? 137  GLY A N   1 
ATOM   923  C CA  . GLY A 1 131 ? -4.137  -3.023  -5.862  1.00 17.88 ? 137  GLY A CA  1 
ATOM   924  C C   . GLY A 1 131 ? -2.824  -2.592  -5.224  1.00 16.92 ? 137  GLY A C   1 
ATOM   925  O O   . GLY A 1 131 ? -2.150  -1.749  -5.784  1.00 17.08 ? 137  GLY A O   1 
ATOM   926  N N   . PHE A 1 132 ? -2.452  -3.159  -4.074  1.00 17.00 ? 138  PHE A N   1 
ATOM   927  C CA  . PHE A 1 132 ? -1.162  -2.819  -3.446  1.00 17.43 ? 138  PHE A CA  1 
ATOM   928  C C   . PHE A 1 132 ? 0.010   -2.937  -4.424  1.00 17.87 ? 138  PHE A C   1 
ATOM   929  O O   . PHE A 1 132 ? 0.880   -2.083  -4.448  1.00 17.46 ? 138  PHE A O   1 
ATOM   930  C CB  . PHE A 1 132 ? -0.869  -3.701  -2.204  1.00 18.52 ? 138  PHE A CB  1 
ATOM   931  C CG  . PHE A 1 132 ? 0.538   -3.560  -1.682  1.00 19.00 ? 138  PHE A CG  1 
ATOM   932  C CD1 . PHE A 1 132 ? 0.882   -2.486  -0.857  1.00 18.55 ? 138  PHE A CD1 1 
ATOM   933  C CD2 . PHE A 1 132 ? 1.516   -4.514  -1.997  1.00 19.56 ? 138  PHE A CD2 1 
ATOM   934  C CE1 . PHE A 1 132 ? 2.175   -2.329  -0.390  1.00 19.29 ? 138  PHE A CE1 1 
ATOM   935  C CE2 . PHE A 1 132 ? 2.822   -4.373  -1.508  1.00 20.41 ? 138  PHE A CE2 1 
ATOM   936  C CZ  . PHE A 1 132 ? 3.147   -3.271  -0.710  1.00 19.59 ? 138  PHE A CZ  1 
ATOM   937  N N   . TYR A 1 133 ? 0.025   -4.000  -5.229  1.00 18.31 ? 139  TYR A N   1 
ATOM   938  C CA  . TYR A 1 133 ? 1.156   -4.282  -6.119  1.00 19.30 ? 139  TYR A CA  1 
ATOM   939  C C   . TYR A 1 133 ? 1.301   -3.277  -7.256  1.00 18.43 ? 139  TYR A C   1 
ATOM   940  O O   . TYR A 1 133 ? 2.352   -3.217  -7.889  1.00 18.78 ? 139  TYR A O   1 
ATOM   941  C CB  . TYR A 1 133 ? 1.098   -5.737  -6.622  1.00 20.24 ? 139  TYR A CB  1 
ATOM   942  C CG  . TYR A 1 133 ? 1.072   -6.676  -5.442  1.00 21.36 ? 139  TYR A CG  1 
ATOM   943  C CD1 . TYR A 1 133 ? 2.255   -7.013  -4.762  1.00 21.54 ? 139  TYR A CD1 1 
ATOM   944  C CD2 . TYR A 1 133 ? -0.134  -7.179  -4.966  1.00 21.22 ? 139  TYR A CD2 1 
ATOM   945  C CE1 . TYR A 1 133 ? 2.222   -7.836  -3.644  1.00 21.88 ? 139  TYR A CE1 1 
ATOM   946  C CE2 . TYR A 1 133 ? -0.180  -7.991  -3.849  1.00 22.99 ? 139  TYR A CE2 1 
ATOM   947  C CZ  . TYR A 1 133 ? 0.999   -8.320  -3.199  1.00 22.44 ? 139  TYR A CZ  1 
ATOM   948  O OH  . TYR A 1 133 ? 0.935   -9.141  -2.107  1.00 25.12 ? 139  TYR A OH  1 
ATOM   949  N N   . SER A 1 134 ? 0.278   -2.453  -7.476  1.00 17.86 ? 140  SER A N   1 
ATOM   950  C CA  . SER A 1 134 ? 0.408   -1.321  -8.415  1.00 18.11 ? 140  SER A CA  1 
ATOM   951  C C   . SER A 1 134 ? 1.470   -0.327  -7.967  1.00 18.94 ? 140  SER A C   1 
ATOM   952  O O   . SER A 1 134 ? 1.965   0.463   -8.787  1.00 19.35 ? 140  SER A O   1 
ATOM   953  C CB  . SER A 1 134 ? -0.925  -0.599  -8.626  1.00 18.33 ? 140  SER A CB  1 
ATOM   954  O OG  . SER A 1 134 ? -1.283  0.156   -7.473  1.00 18.18 ? 140  SER A OG  1 
ATOM   955  N N   . ALA A 1 135 ? 1.864   -0.393  -6.688  1.00 17.96 ? 141  ALA A N   1 
ATOM   956  C CA  . ALA A 1 135 ? 2.968   0.432   -6.202  1.00 17.29 ? 141  ALA A CA  1 
ATOM   957  C C   . ALA A 1 135 ? 4.168   0.243   -7.094  1.00 17.53 ? 141  ALA A C   1 
ATOM   958  O O   . ALA A 1 135 ? 4.921   1.175   -7.273  1.00 17.18 ? 141  ALA A O   1 
ATOM   959  C CB  . ALA A 1 135 ? 3.371   0.078   -4.762  1.00 16.29 ? 141  ALA A CB  1 
ATOM   960  N N   . TYR A 1 136 ? 4.341   -0.963  -7.652  1.00 17.17 ? 142  TYR A N   1 
ATOM   961  C CA  . TYR A 1 136 ? 5.536   -1.240  -8.444  1.00 18.27 ? 142  TYR A CA  1 
ATOM   962  C C   . TYR A 1 136 ? 5.540   -0.616  -9.859  1.00 18.81 ? 142  TYR A C   1 
ATOM   963  O O   . TYR A 1 136 ? 6.528   -0.738  -10.588 1.00 18.59 ? 142  TYR A O   1 
ATOM   964  C CB  . TYR A 1 136 ? 5.862   -2.747  -8.455  1.00 18.40 ? 142  TYR A CB  1 
ATOM   965  C CG  . TYR A 1 136 ? 6.344   -3.170  -7.080  1.00 17.94 ? 142  TYR A CG  1 
ATOM   966  C CD1 . TYR A 1 136 ? 5.431   -3.560  -6.110  1.00 19.15 ? 142  TYR A CD1 1 
ATOM   967  C CD2 . TYR A 1 136 ? 7.696   -3.125  -6.743  1.00 17.74 ? 142  TYR A CD2 1 
ATOM   968  C CE1 . TYR A 1 136 ? 5.843   -3.897  -4.829  1.00 19.68 ? 142  TYR A CE1 1 
ATOM   969  C CE2 . TYR A 1 136 ? 8.127   -3.486  -5.469  1.00 19.29 ? 142  TYR A CE2 1 
ATOM   970  C CZ  . TYR A 1 136 ? 7.179   -3.869  -4.508  1.00 18.84 ? 142  TYR A CZ  1 
ATOM   971  O OH  . TYR A 1 136 ? 7.567   -4.236  -3.219  1.00 19.95 ? 142  TYR A OH  1 
ATOM   972  N N   . LEU A 1 137 ? 4.461   0.074   -10.208 1.00 19.08 ? 143  LEU A N   1 
ATOM   973  C CA  . LEU A 1 137 ? 4.450   0.914   -11.426 1.00 19.30 ? 143  LEU A CA  1 
ATOM   974  C C   . LEU A 1 137 ? 5.395   2.068   -11.284 1.00 20.10 ? 143  LEU A C   1 
ATOM   975  O O   . LEU A 1 137 ? 5.969   2.535   -12.278 1.00 20.56 ? 143  LEU A O   1 
ATOM   976  C CB  . LEU A 1 137 ? 3.049   1.466   -11.693 1.00 18.77 ? 143  LEU A CB  1 
ATOM   977  C CG  . LEU A 1 137 ? 2.004   0.435   -12.091 1.00 19.12 ? 143  LEU A CG  1 
ATOM   978  C CD1 . LEU A 1 137 ? 0.620   1.033   -12.004 1.00 19.12 ? 143  LEU A CD1 1 
ATOM   979  C CD2 . LEU A 1 137 ? 2.278   -0.082  -13.512 1.00 19.04 ? 143  LEU A CD2 1 
ATOM   980  N N   . VAL A 1 138 ? 5.550   2.567   -10.050 1.00 18.93 ? 144  VAL A N   1 
ATOM   981  C CA  . VAL A 1 138 ? 6.289   3.783   -9.838  1.00 19.23 ? 144  VAL A CA  1 
ATOM   982  C C   . VAL A 1 138 ? 7.496   3.616   -8.921  1.00 20.39 ? 144  VAL A C   1 
ATOM   983  O O   . VAL A 1 138 ? 8.357   4.496   -8.883  1.00 19.40 ? 144  VAL A O   1 
ATOM   984  C CB  . VAL A 1 138 ? 5.392   4.957   -9.335  1.00 19.52 ? 144  VAL A CB  1 
ATOM   985  C CG1 . VAL A 1 138 ? 4.358   5.375   -10.394 1.00 19.24 ? 144  VAL A CG1 1 
ATOM   986  C CG2 . VAL A 1 138 ? 4.729   4.667   -7.977  1.00 18.92 ? 144  VAL A CG2 1 
ATOM   987  N N   . ALA A 1 139 ? 7.545   2.509   -8.163  1.00 20.20 ? 145  ALA A N   1 
ATOM   988  C CA  . ALA A 1 139 ? 8.545   2.377   -7.103  1.00 20.78 ? 145  ALA A CA  1 
ATOM   989  C C   . ALA A 1 139 ? 9.506   1.266   -7.434  1.00 21.99 ? 145  ALA A C   1 
ATOM   990  O O   . ALA A 1 139 ? 9.071   0.208   -7.835  1.00 22.78 ? 145  ALA A O   1 
ATOM   991  C CB  . ALA A 1 139 ? 7.873   2.094   -5.750  1.00 19.22 ? 145  ALA A CB  1 
ATOM   992  N N   . GLU A 1 140 ? 10.798  1.494   -7.232  1.00 23.61 ? 146  GLU A N   1 
ATOM   993  C CA  . GLU A 1 140 ? 11.784  0.415   -7.372  1.00 25.97 ? 146  GLU A CA  1 
ATOM   994  C C   . GLU A 1 140 ? 11.810  -0.483  -6.118  1.00 25.33 ? 146  GLU A C   1 
ATOM   995  O O   . GLU A 1 140 ? 12.138  -1.668  -6.198  1.00 23.49 ? 146  GLU A O   1 
ATOM   996  C CB  . GLU A 1 140 ? 13.182  0.977   -7.678  1.00 29.67 ? 146  GLU A CB  1 
ATOM   997  C CG  . GLU A 1 140 ? 13.751  1.862   -6.574  1.00 35.95 ? 146  GLU A CG  1 
ATOM   998  C CD  . GLU A 1 140 ? 15.019  2.612   -6.967  1.00 43.47 ? 146  GLU A CD  1 
ATOM   999  O OE1 . GLU A 1 140 ? 15.481  2.506   -8.132  1.00 48.67 ? 146  GLU A OE1 1 
ATOM   1000 O OE2 . GLU A 1 140 ? 15.555  3.327   -6.092  1.00 48.56 ? 146  GLU A OE2 1 
ATOM   1001 N N   . LYS A 1 141 ? 11.449  0.099   -4.975  1.00 23.71 ? 147  LYS A N   1 
ATOM   1002 C CA  . LYS A 1 141 ? 11.385  -0.611  -3.700  1.00 24.32 ? 147  LYS A CA  1 
ATOM   1003 C C   . LYS A 1 141 ? 10.210  -0.079  -2.892  1.00 21.51 ? 147  LYS A C   1 
ATOM   1004 O O   . LYS A 1 141 ? 9.913   1.113   -2.927  1.00 22.38 ? 147  LYS A O   1 
ATOM   1005 C CB  . LYS A 1 141 ? 12.684  -0.402  -2.915  1.00 23.52 ? 147  LYS A CB  1 
ATOM   1006 C CG  . LYS A 1 141 ? 12.755  -1.160  -1.587  1.00 26.09 ? 147  LYS A CG  1 
ATOM   1007 C CD  . LYS A 1 141 ? 14.158  -1.067  -1.000  1.00 25.55 ? 147  LYS A CD  1 
ATOM   1008 C CE  . LYS A 1 141 ? 14.299  0.144   -0.110  1.00 29.93 ? 147  LYS A CE  1 
ATOM   1009 N NZ  . LYS A 1 141 ? 15.727  0.365   0.285   1.00 33.09 ? 147  LYS A NZ  1 
ATOM   1010 N N   . VAL A 1 142 ? 9.543   -0.962  -2.169  1.00 20.53 ? 148  VAL A N   1 
ATOM   1011 C CA  . VAL A 1 142 ? 8.446   -0.559  -1.287  1.00 18.92 ? 148  VAL A CA  1 
ATOM   1012 C C   . VAL A 1 142 ? 8.763   -1.046  0.115   1.00 19.60 ? 148  VAL A C   1 
ATOM   1013 O O   . VAL A 1 142 ? 9.115   -2.219  0.318   1.00 18.91 ? 148  VAL A O   1 
ATOM   1014 C CB  . VAL A 1 142 ? 7.078   -1.091  -1.760  1.00 18.88 ? 148  VAL A CB  1 
ATOM   1015 C CG1 . VAL A 1 142 ? 5.977   -0.707  -0.759  1.00 19.42 ? 148  VAL A CG1 1 
ATOM   1016 C CG2 . VAL A 1 142 ? 6.734   -0.553  -3.153  1.00 19.38 ? 148  VAL A CG2 1 
ATOM   1017 N N   . THR A 1 143 ? 8.683   -0.131  1.082   1.00 18.91 ? 149  THR A N   1 
ATOM   1018 C CA  . THR A 1 143 ? 8.847   -0.507  2.478   1.00 19.68 ? 149  THR A CA  1 
ATOM   1019 C C   . THR A 1 143 ? 7.492   -0.273  3.160   1.00 18.09 ? 149  THR A C   1 
ATOM   1020 O O   . THR A 1 143 ? 6.911   0.804   3.019   1.00 18.60 ? 149  THR A O   1 
ATOM   1021 C CB  . THR A 1 143 ? 9.925   0.374   3.161   1.00 20.45 ? 149  THR A CB  1 
ATOM   1022 O OG1 . THR A 1 143 ? 11.165  0.234   2.463   1.00 23.13 ? 149  THR A OG1 1 
ATOM   1023 C CG2 . THR A 1 143 ? 10.102  0.024   4.661   1.00 23.12 ? 149  THR A CG2 1 
ATOM   1024 N N   . VAL A 1 144 ? 7.024   -1.239  3.933   1.00 17.25 ? 150  VAL A N   1 
ATOM   1025 C CA  . VAL A 1 144 ? 5.743   -1.101  4.632   1.00 17.54 ? 150  VAL A CA  1 
ATOM   1026 C C   . VAL A 1 144 ? 5.995   -1.251  6.126   1.00 17.83 ? 150  VAL A C   1 
ATOM   1027 O O   . VAL A 1 144 ? 6.499   -2.291  6.574   1.00 18.03 ? 150  VAL A O   1 
ATOM   1028 C CB  . VAL A 1 144 ? 4.708   -2.149  4.172   1.00 16.59 ? 150  VAL A CB  1 
ATOM   1029 C CG1 . VAL A 1 144 ? 3.437   -2.036  5.004   1.00 16.38 ? 150  VAL A CG1 1 
ATOM   1030 C CG2 . VAL A 1 144 ? 4.388   -1.976  2.679   1.00 16.74 ? 150  VAL A CG2 1 
ATOM   1031 N N   . ILE A 1 145 ? 5.682   -0.210  6.891   1.00 18.51 ? 151  ILE A N   1 
ATOM   1032 C CA  . ILE A 1 145 ? 5.797   -0.285  8.353   1.00 19.75 ? 151  ILE A CA  1 
ATOM   1033 C C   . ILE A 1 145 ? 4.370   -0.357  8.881   1.00 20.07 ? 151  ILE A C   1 
ATOM   1034 O O   . ILE A 1 145 ? 3.538   0.436   8.476   1.00 19.38 ? 151  ILE A O   1 
ATOM   1035 C CB  . ILE A 1 145 ? 6.458   0.986   8.937   1.00 21.43 ? 151  ILE A CB  1 
ATOM   1036 C CG1 . ILE A 1 145 ? 7.773   1.320   8.218   1.00 23.77 ? 151  ILE A CG1 1 
ATOM   1037 C CG2 . ILE A 1 145 ? 6.638   0.873   10.455  1.00 24.56 ? 151  ILE A CG2 1 
ATOM   1038 C CD1 . ILE A 1 145 ? 8.860   0.285   8.326   1.00 24.22 ? 151  ILE A CD1 1 
ATOM   1039 N N   . THR A 1 146 ? 4.074   -1.299  9.769   1.00 20.29 ? 152  THR A N   1 
ATOM   1040 C CA  . THR A 1 146 ? 2.695   -1.509  10.160  1.00 20.74 ? 152  THR A CA  1 
ATOM   1041 C C   . THR A 1 146 ? 2.606   -1.953  11.632  1.00 22.37 ? 152  THR A C   1 
ATOM   1042 O O   . THR A 1 146 ? 3.514   -2.584  12.142  1.00 22.46 ? 152  THR A O   1 
ATOM   1043 C CB  . THR A 1 146 ? 2.008   -2.518  9.214   1.00 21.09 ? 152  THR A CB  1 
ATOM   1044 O OG1 . THR A 1 146 ? 0.594   -2.538  9.440   1.00 19.42 ? 152  THR A OG1 1 
ATOM   1045 C CG2 . THR A 1 146 ? 2.597   -3.924  9.362   1.00 21.30 ? 152  THR A CG2 1 
ATOM   1046 N N   . LYS A 1 147 ? 1.496   -1.633  12.281  1.00 23.40 ? 153  LYS A N   1 
ATOM   1047 C CA  . LYS A 1 147 ? 1.317   -1.898  13.708  1.00 23.48 ? 153  LYS A CA  1 
ATOM   1048 C C   . LYS A 1 147 ? -0.162  -2.181  13.898  1.00 23.60 ? 153  LYS A C   1 
ATOM   1049 O O   . LYS A 1 147 ? -1.004  -1.325  13.595  1.00 21.71 ? 153  LYS A O   1 
ATOM   1050 C CB  . LYS A 1 147 ? 1.771   -0.678  14.544  1.00 23.59 ? 153  LYS A CB  1 
ATOM   1051 C CG  . LYS A 1 147 ? 1.463   -0.755  16.057  1.00 24.55 ? 153  LYS A CG  1 
ATOM   1052 C CD  . LYS A 1 147 ? 2.249   -1.819  16.811  1.00 24.96 ? 153  LYS A CD  1 
ATOM   1053 C CE  . LYS A 1 147 ? 1.972   -1.764  18.341  1.00 24.60 ? 153  LYS A CE  1 
ATOM   1054 N NZ  . LYS A 1 147 ? 0.580   -2.214  18.675  1.00 24.69 ? 153  LYS A NZ  1 
ATOM   1055 N N   . HIS A 1 148 ? -0.462  -3.403  14.340  1.00 21.94 ? 154  HIS A N   1 
ATOM   1056 C CA  . HIS A 1 148 ? -1.811  -3.828  14.696  1.00 24.82 ? 154  HIS A CA  1 
ATOM   1057 C C   . HIS A 1 148 ? -1.880  -3.871  16.215  1.00 26.08 ? 154  HIS A C   1 
ATOM   1058 O O   . HIS A 1 148 ? -0.863  -4.080  16.873  1.00 24.63 ? 154  HIS A O   1 
ATOM   1059 C CB  . HIS A 1 148 ? -2.065  -5.204  14.075  1.00 24.96 ? 154  HIS A CB  1 
ATOM   1060 C CG  . HIS A 1 148 ? -3.477  -5.723  14.240  1.00 26.64 ? 154  HIS A CG  1 
ATOM   1061 N ND1 . HIS A 1 148 ? -3.902  -6.326  15.369  1.00 29.34 ? 154  HIS A ND1 1 
ATOM   1062 C CD2 . HIS A 1 148 ? -4.545  -5.744  13.363  1.00 27.48 ? 154  HIS A CD2 1 
ATOM   1063 C CE1 . HIS A 1 148 ? -5.180  -6.700  15.223  1.00 30.40 ? 154  HIS A CE1 1 
ATOM   1064 N NE2 . HIS A 1 148 ? -5.580  -6.341  13.996  1.00 28.90 ? 154  HIS A NE2 1 
ATOM   1065 N N   . ASN A 1 149 ? -3.056  -3.628  16.787  1.00 29.30 ? 155  ASN A N   1 
ATOM   1066 C CA  . ASN A 1 149 ? -3.220  -3.718  18.242  1.00 30.81 ? 155  ASN A CA  1 
ATOM   1067 C C   . ASN A 1 149 ? -2.786  -5.103  18.718  1.00 33.74 ? 155  ASN A C   1 
ATOM   1068 O O   . ASN A 1 149 ? -3.034  -6.110  18.037  1.00 31.28 ? 155  ASN A O   1 
ATOM   1069 C CB  . ASN A 1 149 ? -4.682  -3.493  18.655  1.00 31.43 ? 155  ASN A CB  1 
ATOM   1070 C CG  . ASN A 1 149 ? -5.127  -2.043  18.544  1.00 30.67 ? 155  ASN A CG  1 
ATOM   1071 O OD1 . ASN A 1 149 ? -4.322  -1.111  18.614  1.00 31.75 ? 155  ASN A OD1 1 
ATOM   1072 N ND2 . ASN A 1 149 ? -6.427  -1.845  18.381  1.00 29.51 ? 155  ASN A ND2 1 
ATOM   1073 N N   . ASP A 1 150 ? -2.139  -5.155  19.882  1.00 37.24 ? 156  ASP A N   1 
ATOM   1074 C CA  . ASP A 1 150 ? -1.781  -6.438  20.510  1.00 43.57 ? 156  ASP A CA  1 
ATOM   1075 C C   . ASP A 1 150 ? -0.708  -7.204  19.743  1.00 44.69 ? 156  ASP A C   1 
ATOM   1076 O O   . ASP A 1 150 ? -0.501  -8.387  19.991  1.00 46.71 ? 156  ASP A O   1 
ATOM   1077 C CB  . ASP A 1 150 ? -3.012  -7.353  20.651  1.00 46.02 ? 156  ASP A CB  1 
ATOM   1078 C CG  . ASP A 1 150 ? -4.165  -6.687  21.375  1.00 49.64 ? 156  ASP A CG  1 
ATOM   1079 O OD1 . ASP A 1 150 ? -3.927  -6.115  22.460  1.00 50.76 ? 156  ASP A OD1 1 
ATOM   1080 O OD2 . ASP A 1 150 ? -5.303  -6.722  20.848  1.00 51.04 ? 156  ASP A OD2 1 
ATOM   1081 N N   . ASP A 1 151 ? -0.063  -6.547  18.785  1.00 41.88 ? 157  ASP A N   1 
ATOM   1082 C CA  . ASP A 1 151 ? 1.055   -7.154  18.085  1.00 41.24 ? 157  ASP A CA  1 
ATOM   1083 C C   . ASP A 1 151 ? 2.172   -6.124  18.055  1.00 37.22 ? 157  ASP A C   1 
ATOM   1084 O O   . ASP A 1 151 ? 1.961   -4.973  18.422  1.00 37.95 ? 157  ASP A O   1 
ATOM   1085 C CB  . ASP A 1 151 ? 0.641   -7.618  16.674  1.00 42.33 ? 157  ASP A CB  1 
ATOM   1086 C CG  . ASP A 1 151 ? 1.532   -8.736  16.131  1.00 48.91 ? 157  ASP A CG  1 
ATOM   1087 O OD1 . ASP A 1 151 ? 2.700   -8.865  16.584  1.00 51.34 ? 157  ASP A OD1 1 
ATOM   1088 O OD2 . ASP A 1 151 ? 1.080   -9.501  15.240  1.00 50.88 ? 157  ASP A OD2 1 
ATOM   1089 N N   . GLU A 1 152 ? 3.362   -6.542  17.644  1.00 34.91 ? 158  GLU A N   1 
ATOM   1090 C CA  . GLU A 1 152 ? 4.489   -5.638  17.515  1.00 33.41 ? 158  GLU A CA  1 
ATOM   1091 C C   . GLU A 1 152 ? 4.461   -4.870  16.182  1.00 31.01 ? 158  GLU A C   1 
ATOM   1092 O O   . GLU A 1 152 ? 3.656   -5.164  15.295  1.00 27.38 ? 158  GLU A O   1 
ATOM   1093 C CB  . GLU A 1 152 ? 5.795   -6.411  17.669  1.00 38.52 ? 158  GLU A CB  1 
ATOM   1094 C CG  . GLU A 1 152 ? 6.100   -6.755  19.124  1.00 47.74 ? 158  GLU A CG  1 
ATOM   1095 C CD  . GLU A 1 152 ? 7.197   -7.785  19.242  1.00 51.94 ? 158  GLU A CD  1 
ATOM   1096 O OE1 . GLU A 1 152 ? 8.384   -7.396  19.263  1.00 54.85 ? 158  GLU A OE1 1 
ATOM   1097 O OE2 . GLU A 1 152 ? 6.866   -8.987  19.302  1.00 53.71 ? 158  GLU A OE2 1 
ATOM   1098 N N   . GLN A 1 153 ? 5.339   -3.881  16.067  1.00 27.21 ? 159  GLN A N   1 
ATOM   1099 C CA  . GLN A 1 153 ? 5.495   -3.129  14.834  1.00 27.71 ? 159  GLN A CA  1 
ATOM   1100 C C   . GLN A 1 153 ? 6.468   -3.894  13.934  1.00 25.70 ? 159  GLN A C   1 
ATOM   1101 O O   . GLN A 1 153 ? 7.509   -4.380  14.406  1.00 26.38 ? 159  GLN A O   1 
ATOM   1102 C CB  . GLN A 1 153 ? 6.019   -1.730  15.153  1.00 28.29 ? 159  GLN A CB  1 
ATOM   1103 C CG  . GLN A 1 153 ? 6.045   -0.757  13.978  1.00 27.11 ? 159  GLN A CG  1 
ATOM   1104 C CD  . GLN A 1 153 ? 6.263   0.653   14.471  1.00 28.45 ? 159  GLN A CD  1 
ATOM   1105 O OE1 . GLN A 1 153 ? 5.498   1.152   15.296  1.00 28.43 ? 159  GLN A OE1 1 
ATOM   1106 N NE2 . GLN A 1 153 ? 7.318   1.290   14.001  1.00 27.94 ? 159  GLN A NE2 1 
ATOM   1107 N N   . TYR A 1 154 ? 6.095   -4.037  12.659  1.00 23.98 ? 160  TYR A N   1 
ATOM   1108 C CA  . TYR A 1 154 ? 6.899   -4.751  11.659  1.00 24.28 ? 160  TYR A CA  1 
ATOM   1109 C C   . TYR A 1 154 ? 7.260   -3.888  10.471  1.00 24.03 ? 160  TYR A C   1 
ATOM   1110 O O   . TYR A 1 154 ? 6.535   -2.945  10.121  1.00 22.32 ? 160  TYR A O   1 
ATOM   1111 C CB  . TYR A 1 154 ? 6.162   -5.987  11.146  1.00 25.29 ? 160  TYR A CB  1 
ATOM   1112 C CG  . TYR A 1 154 ? 5.885   -6.974  12.226  1.00 26.64 ? 160  TYR A CG  1 
ATOM   1113 C CD1 . TYR A 1 154 ? 6.893   -7.829  12.696  1.00 28.43 ? 160  TYR A CD1 1 
ATOM   1114 C CD2 . TYR A 1 154 ? 4.622   -7.053  12.799  1.00 27.57 ? 160  TYR A CD2 1 
ATOM   1115 C CE1 . TYR A 1 154 ? 6.635   -8.728  13.726  1.00 29.29 ? 160  TYR A CE1 1 
ATOM   1116 C CE2 . TYR A 1 154 ? 4.355   -7.949  13.821  1.00 29.04 ? 160  TYR A CE2 1 
ATOM   1117 C CZ  . TYR A 1 154 ? 5.363   -8.776  14.278  1.00 29.65 ? 160  TYR A CZ  1 
ATOM   1118 O OH  . TYR A 1 154 ? 5.059   -9.669  15.274  1.00 32.93 ? 160  TYR A OH  1 
ATOM   1119 N N   . ALA A 1 155 ? 8.405   -4.210  9.871   1.00 22.66 ? 161  ALA A N   1 
ATOM   1120 C CA  . ALA A 1 155 ? 8.829   -3.627  8.619   1.00 21.64 ? 161  ALA A CA  1 
ATOM   1121 C C   . ALA A 1 155 ? 8.841   -4.754  7.602   1.00 22.29 ? 161  ALA A C   1 
ATOM   1122 O O   . ALA A 1 155 ? 9.465   -5.802  7.841   1.00 21.48 ? 161  ALA A O   1 
ATOM   1123 C CB  . ALA A 1 155 ? 10.213  -3.009  8.748   1.00 22.23 ? 161  ALA A CB  1 
ATOM   1124 N N   . TRP A 1 156 ? 8.107   -4.548  6.505   1.00 20.22 ? 162  TRP A N   1 
ATOM   1125 C CA  . TRP A 1 156 ? 8.098   -5.435  5.345   1.00 18.80 ? 162  TRP A CA  1 
ATOM   1126 C C   . TRP A 1 156 ? 8.766   -4.660  4.256   1.00 19.19 ? 162  TRP A C   1 
ATOM   1127 O O   . TRP A 1 156 ? 8.632   -3.402  4.168   1.00 18.23 ? 162  TRP A O   1 
ATOM   1128 C CB  . TRP A 1 156 ? 6.643   -5.766  4.989   1.00 18.20 ? 162  TRP A CB  1 
ATOM   1129 C CG  . TRP A 1 156 ? 6.345   -6.542  3.705   1.00 18.08 ? 162  TRP A CG  1 
ATOM   1130 C CD1 . TRP A 1 156 ? 5.909   -7.872  3.596   1.00 18.06 ? 162  TRP A CD1 1 
ATOM   1131 C CD2 . TRP A 1 156 ? 6.337   -6.026  2.336   1.00 17.50 ? 162  TRP A CD2 1 
ATOM   1132 N NE1 . TRP A 1 156 ? 5.660   -8.199  2.285   1.00 18.28 ? 162  TRP A NE1 1 
ATOM   1133 C CE2 . TRP A 1 156 ? 5.909   -7.126  1.477   1.00 18.26 ? 162  TRP A CE2 1 
ATOM   1134 C CE3 . TRP A 1 156 ? 6.639   -4.791  1.748   1.00 17.86 ? 162  TRP A CE3 1 
ATOM   1135 C CZ2 . TRP A 1 156 ? 5.797   -6.977  0.088   1.00 17.95 ? 162  TRP A CZ2 1 
ATOM   1136 C CZ3 . TRP A 1 156 ? 6.536   -4.669  0.358   1.00 17.07 ? 162  TRP A CZ3 1 
ATOM   1137 C CH2 . TRP A 1 156 ? 6.124   -5.734  -0.447  1.00 17.11 ? 162  TRP A CH2 1 
ATOM   1138 N N   . GLU A 1 157 ? 9.504   -5.353  3.408   1.00 19.03 ? 163  GLU A N   1 
ATOM   1139 C CA  . GLU A 1 157 ? 10.214  -4.661  2.330   1.00 20.57 ? 163  GLU A CA  1 
ATOM   1140 C C   . GLU A 1 157 ? 10.381  -5.557  1.124   1.00 20.35 ? 163  GLU A C   1 
ATOM   1141 O O   . GLU A 1 157 ? 10.612  -6.754  1.285   1.00 18.86 ? 163  GLU A O   1 
ATOM   1142 C CB  . GLU A 1 157 ? 11.590  -4.197  2.831   1.00 24.63 ? 163  GLU A CB  1 
ATOM   1143 C CG  . GLU A 1 157 ? 12.276  -3.210  1.914   1.00 28.98 ? 163  GLU A CG  1 
ATOM   1144 C CD  . GLU A 1 157 ? 13.390  -2.453  2.616   1.00 34.21 ? 163  GLU A CD  1 
ATOM   1145 O OE1 . GLU A 1 157 ? 14.456  -3.057  2.864   1.00 36.72 ? 163  GLU A OE1 1 
ATOM   1146 O OE2 . GLU A 1 157 ? 13.210  -1.247  2.908   1.00 34.92 ? 163  GLU A OE2 1 
ATOM   1147 N N   . SER A 1 158 ? 10.261  -4.996  -0.083  1.00 18.76 ? 164  SER A N   1 
ATOM   1148 C CA  . SER A 1 158 ? 10.547  -5.764  -1.284  1.00 19.12 ? 164  SER A CA  1 
ATOM   1149 C C   . SER A 1 158 ? 10.918  -4.881  -2.453  1.00 20.48 ? 164  SER A C   1 
ATOM   1150 O O   . SER A 1 158 ? 10.300  -3.833  -2.695  1.00 19.87 ? 164  SER A O   1 
ATOM   1151 C CB  . SER A 1 158 ? 9.360   -6.679  -1.671  1.00 18.89 ? 164  SER A CB  1 
ATOM   1152 O OG  . SER A 1 158 ? 9.688   -7.460  -2.821  1.00 19.38 ? 164  SER A OG  1 
ATOM   1153 N N   . SER A 1 159 ? 11.926  -5.330  -3.184  1.00 22.18 ? 165  SER A N   1 
ATOM   1154 C CA  . SER A 1 159 ? 12.291  -4.757  -4.459  1.00 23.08 ? 165  SER A CA  1 
ATOM   1155 C C   . SER A 1 159 ? 11.836  -5.659  -5.600  1.00 24.83 ? 165  SER A C   1 
ATOM   1156 O O   . SER A 1 159 ? 12.424  -5.632  -6.684  1.00 24.00 ? 165  SER A O   1 
ATOM   1157 C CB  . SER A 1 159 ? 13.809  -4.561  -4.514  1.00 25.42 ? 165  SER A CB  1 
ATOM   1158 O OG  . SER A 1 159 ? 14.187  -3.603  -3.548  1.00 26.18 ? 165  SER A OG  1 
ATOM   1159 N N   . ALA A 1 160 ? 10.768  -6.420  -5.370  1.00 25.02 ? 166  ALA A N   1 
ATOM   1160 C CA  . ALA A 1 160 ? 10.358  -7.483  -6.289  1.00 27.25 ? 166  ALA A CA  1 
ATOM   1161 C C   . ALA A 1 160 ? 11.514  -8.488  -6.444  1.00 27.42 ? 166  ALA A C   1 
ATOM   1162 O O   . ALA A 1 160 ? 12.235  -8.747  -5.468  1.00 27.82 ? 166  ALA A O   1 
ATOM   1163 C CB  . ALA A 1 160 ? 9.903   -6.924  -7.643  1.00 27.60 ? 166  ALA A CB  1 
ATOM   1164 N N   . GLY A 1 161 ? 11.672  -9.080  -7.630  1.00 24.94 ? 167  GLY A N   1 
ATOM   1165 C CA  . GLY A 1 161 ? 12.661  -10.138 -7.820  1.00 24.91 ? 167  GLY A CA  1 
ATOM   1166 C C   . GLY A 1 161 ? 12.327  -11.432 -7.089  1.00 25.09 ? 167  GLY A C   1 
ATOM   1167 O O   . GLY A 1 161 ? 13.154  -12.342 -7.000  1.00 24.24 ? 167  GLY A O   1 
ATOM   1168 N N   . GLY A 1 162 ? 11.109  -11.514 -6.557  1.00 21.39 ? 168  GLY A N   1 
ATOM   1169 C CA  . GLY A 1 162 ? 10.554  -12.784 -6.104  1.00 22.53 ? 168  GLY A CA  1 
ATOM   1170 C C   . GLY A 1 162 ? 10.680  -12.977 -4.604  1.00 22.12 ? 168  GLY A C   1 
ATOM   1171 O O   . GLY A 1 162 ? 10.239  -13.989 -4.079  1.00 20.93 ? 168  GLY A O   1 
ATOM   1172 N N   . SER A 1 163 ? 11.266  -12.001 -3.913  1.00 22.13 ? 169  SER A N   1 
ATOM   1173 C CA  . SER A 1 163 ? 11.420  -12.140 -2.455  1.00 24.10 ? 169  SER A CA  1 
ATOM   1174 C C   . SER A 1 163 ? 11.027  -10.859 -1.716  1.00 23.25 ? 169  SER A C   1 
ATOM   1175 O O   . SER A 1 163 ? 10.954  -9.763  -2.325  1.00 23.87 ? 169  SER A O   1 
ATOM   1176 C CB  . SER A 1 163 ? 12.840  -12.591 -2.100  1.00 21.52 ? 169  SER A CB  1 
ATOM   1177 O OG  . SER A 1 163 ? 13.757  -11.530 -2.226  1.00 23.45 ? 169  SER A OG  1 
ATOM   1178 N N   . PHE A 1 164 ? 10.775  -11.015 -0.422  1.00 21.51 ? 170  PHE A N   1 
ATOM   1179 C CA  . PHE A 1 164 ? 10.544  -9.913  0.475   1.00 20.60 ? 170  PHE A CA  1 
ATOM   1180 C C   . PHE A 1 164 ? 11.135  -10.224 1.840   1.00 21.49 ? 170  PHE A C   1 
ATOM   1181 O O   . PHE A 1 164 ? 11.403  -11.389 2.166   1.00 21.86 ? 170  PHE A O   1 
ATOM   1182 C CB  . PHE A 1 164 ? 9.042   -9.594  0.608   1.00 19.70 ? 170  PHE A CB  1 
ATOM   1183 C CG  . PHE A 1 164 ? 8.204   -10.700 1.200   1.00 19.83 ? 170  PHE A CG  1 
ATOM   1184 C CD1 . PHE A 1 164 ? 7.715   -11.731 0.397   1.00 18.81 ? 170  PHE A CD1 1 
ATOM   1185 C CD2 . PHE A 1 164 ? 7.868   -10.700 2.569   1.00 19.52 ? 170  PHE A CD2 1 
ATOM   1186 C CE1 . PHE A 1 164 ? 6.904   -12.732 0.938   1.00 18.97 ? 170  PHE A CE1 1 
ATOM   1187 C CE2 . PHE A 1 164 ? 7.075   -11.707 3.110   1.00 19.30 ? 170  PHE A CE2 1 
ATOM   1188 C CZ  . PHE A 1 164 ? 6.582   -12.722 2.294   1.00 19.30 ? 170  PHE A CZ  1 
ATOM   1189 N N   . THR A 1 165 ? 11.292  -9.193  2.655   1.00 19.17 ? 171  THR A N   1 
ATOM   1190 C CA  . THR A 1 165 ? 11.781  -9.412  4.018   1.00 20.09 ? 171  THR A CA  1 
ATOM   1191 C C   . THR A 1 165 ? 10.796  -8.902  5.043   1.00 20.95 ? 171  THR A C   1 
ATOM   1192 O O   . THR A 1 165 ? 10.050  -7.962  4.770   1.00 19.85 ? 171  THR A O   1 
ATOM   1193 C CB  . THR A 1 165 ? 13.151  -8.748  4.242   1.00 20.79 ? 171  THR A CB  1 
ATOM   1194 O OG1 . THR A 1 165 ? 13.021  -7.322  4.184   1.00 24.02 ? 171  THR A OG1 1 
ATOM   1195 C CG2 . THR A 1 165 ? 14.182  -9.194  3.157   1.00 21.88 ? 171  THR A CG2 1 
ATOM   1196 N N   . VAL A 1 166 ? 10.764  -9.534  6.220   1.00 21.74 ? 172  VAL A N   1 
ATOM   1197 C CA  . VAL A 1 166 ? 10.029  -9.008  7.360   1.00 22.11 ? 172  VAL A CA  1 
ATOM   1198 C C   . VAL A 1 166 ? 10.982  -8.946  8.572   1.00 25.59 ? 172  VAL A C   1 
ATOM   1199 O O   . VAL A 1 166 ? 11.745  -9.890  8.804   1.00 24.82 ? 172  VAL A O   1 
ATOM   1200 C CB  . VAL A 1 166 ? 8.810   -9.882  7.697   1.00 22.89 ? 172  VAL A CB  1 
ATOM   1201 C CG1 . VAL A 1 166 ? 8.114   -9.347  8.950   1.00 22.59 ? 172  VAL A CG1 1 
ATOM   1202 C CG2 . VAL A 1 166 ? 7.832   -9.952  6.529   1.00 21.77 ? 172  VAL A CG2 1 
ATOM   1203 N N   . ARG A 1 167 ? 10.972  -7.828  9.300   1.00 25.98 ? 173  ARG A N   1 
ATOM   1204 C CA  . ARG A 1 167 ? 11.686  -7.727  10.573  1.00 28.52 ? 173  ARG A CA  1 
ATOM   1205 C C   . ARG A 1 167 ? 10.804  -7.003  11.584  1.00 30.30 ? 173  ARG A C   1 
ATOM   1206 O O   . ARG A 1 167 ? 9.886   -6.256  11.202  1.00 26.51 ? 173  ARG A O   1 
ATOM   1207 C CB  . ARG A 1 167 ? 13.037  -7.012  10.405  1.00 31.44 ? 173  ARG A CB  1 
ATOM   1208 C CG  . ARG A 1 167 ? 12.947  -5.607  9.835   1.00 34.76 ? 173  ARG A CG  1 
ATOM   1209 C CD  . ARG A 1 167 ? 14.262  -4.845  9.896   1.00 38.38 ? 173  ARG A CD  1 
ATOM   1210 N NE  . ARG A 1 167 ? 14.173  -3.640  9.054   1.00 45.22 ? 173  ARG A NE  1 
ATOM   1211 C CZ  . ARG A 1 167 ? 13.703  -2.447  9.442   1.00 46.97 ? 173  ARG A CZ  1 
ATOM   1212 N NH1 . ARG A 1 167 ? 13.272  -2.250  10.688  1.00 47.96 ? 173  ARG A NH1 1 
ATOM   1213 N NH2 . ARG A 1 167 ? 13.651  -1.438  8.570   1.00 47.22 ? 173  ARG A NH2 1 
ATOM   1214 N N   . THR A 1 168 ? 11.066  -7.235  12.870  1.00 30.47 ? 174  THR A N   1 
ATOM   1215 C CA  . THR A 1 168 ? 10.538  -6.388  13.925  1.00 32.16 ? 174  THR A CA  1 
ATOM   1216 C C   . THR A 1 168 ? 11.101  -4.978  13.723  1.00 33.45 ? 174  THR A C   1 
ATOM   1217 O O   . THR A 1 168 ? 12.313  -4.795  13.487  1.00 34.15 ? 174  THR A O   1 
ATOM   1218 C CB  . THR A 1 168 ? 10.891  -6.972  15.310  1.00 34.96 ? 174  THR A CB  1 
ATOM   1219 O OG1 . THR A 1 168 ? 10.158  -8.190  15.477  1.00 35.46 ? 174  THR A OG1 1 
ATOM   1220 C CG2 . THR A 1 168 ? 10.483  -6.036  16.424  1.00 35.97 ? 174  THR A CG2 1 
ATOM   1221 N N   . ASP A 1 169 ? 10.223  -3.977  13.749  1.00 34.04 ? 175  ASP A N   1 
ATOM   1222 C CA  . ASP A 1 169 ? 10.671  -2.614  13.509  1.00 37.29 ? 175  ASP A CA  1 
ATOM   1223 C C   . ASP A 1 169 ? 11.021  -1.948  14.837  1.00 42.95 ? 175  ASP A C   1 
ATOM   1224 O O   . ASP A 1 169 ? 10.185  -1.892  15.753  1.00 41.93 ? 175  ASP A O   1 
ATOM   1225 C CB  . ASP A 1 169 ? 9.606   -1.789  12.785  1.00 35.66 ? 175  ASP A CB  1 
ATOM   1226 C CG  . ASP A 1 169 ? 10.121  -0.427  12.351  1.00 35.89 ? 175  ASP A CG  1 
ATOM   1227 O OD1 . ASP A 1 169 ? 11.279  -0.336  11.903  1.00 41.04 ? 175  ASP A OD1 1 
ATOM   1228 O OD2 . ASP A 1 169 ? 9.373   0.561   12.439  1.00 34.26 ? 175  ASP A OD2 1 
ATOM   1229 N N   . THR A 1 170 ? 12.246  -1.437  14.932  1.00 49.28 ? 176  THR A N   1 
ATOM   1230 C CA  . THR A 1 170 ? 12.662  -0.699  16.132  1.00 55.91 ? 176  THR A CA  1 
ATOM   1231 C C   . THR A 1 170 ? 12.866  0.804   15.860  1.00 58.42 ? 176  THR A C   1 
ATOM   1232 O O   . THR A 1 170 ? 13.404  1.521   16.705  1.00 63.40 ? 176  THR A O   1 
ATOM   1233 C CB  . THR A 1 170 ? 13.891  -1.342  16.839  1.00 55.21 ? 176  THR A CB  1 
ATOM   1234 O OG1 . THR A 1 170 ? 14.859  -1.754  15.866  1.00 57.13 ? 176  THR A OG1 1 
ATOM   1235 C CG2 . THR A 1 170 ? 13.474  -2.554  17.659  1.00 53.86 ? 176  THR A CG2 1 
ATOM   1236 N N   . GLY A 1 171 ? 12.417  1.272   14.691  1.00 58.09 ? 177  GLY A N   1 
ATOM   1237 C CA  . GLY A 1 171 ? 12.336  2.711   14.392  1.00 56.88 ? 177  GLY A CA  1 
ATOM   1238 C C   . GLY A 1 171 ? 11.287  3.411   15.253  1.00 56.95 ? 177  GLY A C   1 
ATOM   1239 O O   . GLY A 1 171 ? 10.847  2.869   16.270  1.00 55.22 ? 177  GLY A O   1 
ATOM   1240 N N   . GLU A 1 172 ? 10.882  4.614   14.851  1.00 54.35 ? 178  GLU A N   1 
ATOM   1241 C CA  . GLU A 1 172 ? 9.877   5.368   15.598  1.00 55.68 ? 178  GLU A CA  1 
ATOM   1242 C C   . GLU A 1 172 ? 8.587   4.540   15.734  1.00 52.39 ? 178  GLU A C   1 
ATOM   1243 O O   . GLU A 1 172 ? 8.068   4.042   14.732  1.00 48.35 ? 178  GLU A O   1 
ATOM   1244 C CB  . GLU A 1 172 ? 9.595   6.724   14.919  1.00 60.73 ? 178  GLU A CB  1 
ATOM   1245 C CG  . GLU A 1 172 ? 8.810   7.736   15.760  1.00 68.50 ? 178  GLU A CG  1 
ATOM   1246 C CD  . GLU A 1 172 ? 9.664   8.834   16.412  1.00 73.78 ? 178  GLU A CD  1 
ATOM   1247 O OE1 . GLU A 1 172 ? 10.804  9.102   15.956  1.00 75.31 ? 178  GLU A OE1 1 
ATOM   1248 O OE2 . GLU A 1 172 ? 9.179   9.458   17.385  1.00 68.92 ? 178  GLU A OE2 1 
ATOM   1249 N N   . PRO A 1 173 ? 8.092   4.365   16.978  1.00 49.89 ? 179  PRO A N   1 
ATOM   1250 C CA  . PRO A 1 173 ? 6.815   3.686   17.226  1.00 49.05 ? 179  PRO A CA  1 
ATOM   1251 C C   . PRO A 1 173 ? 5.690   4.489   16.585  1.00 48.55 ? 179  PRO A C   1 
ATOM   1252 O O   . PRO A 1 173 ? 5.734   5.716   16.623  1.00 48.05 ? 179  PRO A O   1 
ATOM   1253 C CB  . PRO A 1 173 ? 6.679   3.726   18.759  1.00 51.45 ? 179  PRO A CB  1 
ATOM   1254 C CG  . PRO A 1 173 ? 8.051   4.006   19.282  1.00 48.87 ? 179  PRO A CG  1 
ATOM   1255 C CD  . PRO A 1 173 ? 8.730   4.824   18.230  1.00 49.77 ? 179  PRO A CD  1 
ATOM   1256 N N   . MET A 1 174 ? 4.698   3.820   15.995  1.00 44.55 ? 180  MET A N   1 
ATOM   1257 C CA  . MET A 1 174 ? 3.649   4.548   15.270  1.00 44.24 ? 180  MET A CA  1 
ATOM   1258 C C   . MET A 1 174 ? 2.220   4.479   15.837  1.00 43.03 ? 180  MET A C   1 
ATOM   1259 O O   . MET A 1 174 ? 1.315   5.106   15.295  1.00 49.63 ? 180  MET A O   1 
ATOM   1260 C CB  . MET A 1 174 ? 3.672   4.196   13.776  1.00 44.91 ? 180  MET A CB  1 
ATOM   1261 C CG  . MET A 1 174 ? 3.287   2.768   13.438  1.00 46.40 ? 180  MET A CG  1 
ATOM   1262 S SD  . MET A 1 174 ? 3.437   2.489   11.657  1.00 46.55 ? 180  MET A SD  1 
ATOM   1263 C CE  . MET A 1 174 ? 2.174   3.588   11.033  1.00 45.90 ? 180  MET A CE  1 
ATOM   1264 N N   . GLY A 1 175 ? 2.007   3.722   16.904  1.00 39.56 ? 181  GLY A N   1 
ATOM   1265 C CA  . GLY A 1 175 ? 0.683   3.694   17.545  1.00 37.44 ? 181  GLY A CA  1 
ATOM   1266 C C   . GLY A 1 175 ? -0.212  2.606   16.981  1.00 33.22 ? 181  GLY A C   1 
ATOM   1267 O O   . GLY A 1 175 ? -0.450  1.588   17.642  1.00 34.91 ? 181  GLY A O   1 
ATOM   1268 N N   . ARG A 1 176 ? -0.699  2.808   15.760  1.00 27.71 ? 182  ARG A N   1 
ATOM   1269 C CA  . ARG A 1 176 ? -1.508  1.794   15.049  1.00 23.89 ? 182  ARG A CA  1 
ATOM   1270 C C   . ARG A 1 176 ? -1.675  2.241   13.605  1.00 22.48 ? 182  ARG A C   1 
ATOM   1271 O O   . ARG A 1 176 ? -1.874  3.426   13.355  1.00 21.68 ? 182  ARG A O   1 
ATOM   1272 C CB  . ARG A 1 176 ? -2.901  1.656   15.681  1.00 23.70 ? 182  ARG A CB  1 
ATOM   1273 C CG  . ARG A 1 176 ? -3.770  0.569   15.059  1.00 22.20 ? 182  ARG A CG  1 
ATOM   1274 C CD  . ARG A 1 176 ? -5.240  0.791   15.324  1.00 22.60 ? 182  ARG A CD  1 
ATOM   1275 N NE  . ARG A 1 176 ? -5.790  2.016   14.739  1.00 22.28 ? 182  ARG A NE  1 
ATOM   1276 C CZ  . ARG A 1 176 ? -6.155  3.096   15.427  1.00 22.88 ? 182  ARG A CZ  1 
ATOM   1277 N NH1 . ARG A 1 176 ? -6.031  3.141   16.764  1.00 23.54 ? 182  ARG A NH1 1 
ATOM   1278 N NH2 . ARG A 1 176 ? -6.644  4.146   14.783  1.00 22.84 ? 182  ARG A NH2 1 
ATOM   1279 N N   . GLY A 1 177 ? -1.581  1.307   12.661  1.00 21.08 ? 183  GLY A N   1 
ATOM   1280 C CA  . GLY A 1 177 ? -1.823  1.627   11.262  1.00 20.84 ? 183  GLY A CA  1 
ATOM   1281 C C   . GLY A 1 177 ? -0.690  1.184   10.372  1.00 21.86 ? 183  GLY A C   1 
ATOM   1282 O O   . GLY A 1 177 ? 0.125   0.330   10.769  1.00 21.80 ? 183  GLY A O   1 
ATOM   1283 N N   . THR A 1 178 ? -0.638  1.772   9.172   1.00 19.90 ? 184  THR A N   1 
ATOM   1284 C CA  . THR A 1 178 ? 0.311   1.362   8.158   1.00 19.32 ? 184  THR A CA  1 
ATOM   1285 C C   . THR A 1 178 ? 0.942   2.528   7.419   1.00 19.47 ? 184  THR A C   1 
ATOM   1286 O O   . THR A 1 178 ? 0.264   3.493   7.071   1.00 19.32 ? 184  THR A O   1 
ATOM   1287 C CB  . THR A 1 178 ? -0.384  0.450   7.146   1.00 18.28 ? 184  THR A CB  1 
ATOM   1288 O OG1 . THR A 1 178 ? -0.891  -0.680  7.840   1.00 19.97 ? 184  THR A OG1 1 
ATOM   1289 C CG2 . THR A 1 178 ? 0.582   -0.004  6.050   1.00 17.09 ? 184  THR A CG2 1 
ATOM   1290 N N   . LYS A 1 179 ? 2.241   2.442   7.175   1.00 18.98 ? 185  LYS A N   1 
ATOM   1291 C CA  . LYS A 1 179 ? 2.901   3.434   6.339   1.00 20.54 ? 185  LYS A CA  1 
ATOM   1292 C C   . LYS A 1 179 ? 3.477   2.695   5.173   1.00 19.93 ? 185  LYS A C   1 
ATOM   1293 O O   . LYS A 1 179 ? 4.302   1.789   5.370   1.00 19.54 ? 185  LYS A O   1 
ATOM   1294 C CB  . LYS A 1 179 ? 4.095   4.077   7.041   1.00 23.61 ? 185  LYS A CB  1 
ATOM   1295 C CG  . LYS A 1 179 ? 3.766   5.031   8.161   1.00 30.84 ? 185  LYS A CG  1 
ATOM   1296 C CD  . LYS A 1 179 ? 4.994   5.899   8.502   1.00 34.84 ? 185  LYS A CD  1 
ATOM   1297 C CE  . LYS A 1 179 ? 6.090   5.084   9.182   1.00 39.54 ? 185  LYS A CE  1 
ATOM   1298 N NZ  . LYS A 1 179 ? 7.298   5.904   9.505   1.00 44.43 ? 185  LYS A NZ  1 
ATOM   1299 N N   . VAL A 1 180 ? 3.080   3.091   3.967   1.00 17.82 ? 186  VAL A N   1 
ATOM   1300 C CA  . VAL A 1 180 ? 3.663   2.518   2.760   1.00 17.42 ? 186  VAL A CA  1 
ATOM   1301 C C   . VAL A 1 180 ? 4.655   3.532   2.203   1.00 17.75 ? 186  VAL A C   1 
ATOM   1302 O O   . VAL A 1 180 ? 4.286   4.654   1.802   1.00 17.79 ? 186  VAL A O   1 
ATOM   1303 C CB  . VAL A 1 180 ? 2.578   2.170   1.735   1.00 16.52 ? 186  VAL A CB  1 
ATOM   1304 C CG1 . VAL A 1 180 ? 3.195   1.624   0.451   1.00 16.14 ? 186  VAL A CG1 1 
ATOM   1305 C CG2 . VAL A 1 180 ? 1.589   1.148   2.341   1.00 17.03 ? 186  VAL A CG2 1 
ATOM   1306 N N   . ILE A 1 181 ? 5.918   3.139   2.162   1.00 18.38 ? 187  ILE A N   1 
ATOM   1307 C CA  . ILE A 1 181 ? 6.968   4.033   1.688   1.00 18.32 ? 187  ILE A CA  1 
ATOM   1308 C C   . ILE A 1 181 ? 7.396   3.592   0.296   1.00 18.42 ? 187  ILE A C   1 
ATOM   1309 O O   . ILE A 1 181 ? 7.930   2.502   0.129   1.00 18.43 ? 187  ILE A O   1 
ATOM   1310 C CB  . ILE A 1 181 ? 8.190   4.001   2.632   1.00 18.86 ? 187  ILE A CB  1 
ATOM   1311 C CG1 . ILE A 1 181 ? 7.752   4.265   4.093   1.00 19.33 ? 187  ILE A CG1 1 
ATOM   1312 C CG2 . ILE A 1 181 ? 9.262   4.985   2.167   1.00 18.48 ? 187  ILE A CG2 1 
ATOM   1313 C CD1 . ILE A 1 181 ? 8.850   3.948   5.115   1.00 21.17 ? 187  ILE A CD1 1 
ATOM   1314 N N   . LEU A 1 182 ? 7.144   4.434   -0.700  1.00 16.96 ? 188  LEU A N   1 
ATOM   1315 C CA  . LEU A 1 182 ? 7.504   4.129   -2.072  1.00 18.21 ? 188  LEU A CA  1 
ATOM   1316 C C   . LEU A 1 182 ? 8.826   4.821   -2.341  1.00 19.39 ? 188  LEU A C   1 
ATOM   1317 O O   . LEU A 1 182 ? 8.891   6.065   -2.330  1.00 19.41 ? 188  LEU A O   1 
ATOM   1318 C CB  . LEU A 1 182 ? 6.443   4.680   -3.041  1.00 17.24 ? 188  LEU A CB  1 
ATOM   1319 C CG  . LEU A 1 182 ? 5.010   4.244   -2.710  1.00 18.13 ? 188  LEU A CG  1 
ATOM   1320 C CD1 . LEU A 1 182 ? 4.017   5.019   -3.567  1.00 19.87 ? 188  LEU A CD1 1 
ATOM   1321 C CD2 . LEU A 1 182 ? 4.856   2.750   -2.905  1.00 17.53 ? 188  LEU A CD2 1 
ATOM   1322 N N   . HIS A 1 183 ? 9.869   4.029   -2.573  1.00 20.18 ? 189  HIS A N   1 
ATOM   1323 C CA  . HIS A 1 183 ? 11.150  4.553   -3.082  1.00 22.61 ? 189  HIS A CA  1 
ATOM   1324 C C   . HIS A 1 183 ? 11.007  4.658   -4.597  1.00 22.32 ? 189  HIS A C   1 
ATOM   1325 O O   . HIS A 1 183 ? 11.047  3.658   -5.320  1.00 21.85 ? 189  HIS A O   1 
ATOM   1326 C CB  . HIS A 1 183 ? 12.302  3.641   -2.647  1.00 23.79 ? 189  HIS A CB  1 
ATOM   1327 C CG  . HIS A 1 183 ? 12.310  3.330   -1.156  1.00 26.41 ? 189  HIS A CG  1 
ATOM   1328 N ND1 . HIS A 1 183 ? 13.071  4.017   -0.269  1.00 28.82 ? 189  HIS A ND1 1 
ATOM   1329 C CD2 . HIS A 1 183 ? 11.616  2.357   -0.414  1.00 26.60 ? 189  HIS A CD2 1 
ATOM   1330 C CE1 . HIS A 1 183 ? 12.871  3.514   0.977   1.00 29.73 ? 189  HIS A CE1 1 
ATOM   1331 N NE2 . HIS A 1 183 ? 11.978  2.492   0.877   1.00 28.83 ? 189  HIS A NE2 1 
ATOM   1332 N N   . LEU A 1 184 ? 10.783  5.870   -5.094  1.00 22.85 ? 190  LEU A N   1 
ATOM   1333 C CA  . LEU A 1 184 ? 10.359  6.039   -6.491  1.00 22.78 ? 190  LEU A CA  1 
ATOM   1334 C C   . LEU A 1 184 ? 11.486  5.747   -7.465  1.00 23.71 ? 190  LEU A C   1 
ATOM   1335 O O   . LEU A 1 184 ? 12.646  6.045   -7.177  1.00 23.13 ? 190  LEU A O   1 
ATOM   1336 C CB  . LEU A 1 184 ? 9.825   7.450   -6.733  1.00 21.71 ? 190  LEU A CB  1 
ATOM   1337 C CG  . LEU A 1 184 ? 8.581   7.831   -5.929  1.00 23.00 ? 190  LEU A CG  1 
ATOM   1338 C CD1 . LEU A 1 184 ? 8.236   9.288   -6.197  1.00 22.94 ? 190  LEU A CD1 1 
ATOM   1339 C CD2 . LEU A 1 184 ? 7.423   6.924   -6.300  1.00 22.88 ? 190  LEU A CD2 1 
ATOM   1340 N N   . LYS A 1 185 ? 11.137  5.158   -8.603  1.00 23.33 ? 191  LYS A N   1 
ATOM   1341 C CA  . LYS A 1 185 ? 12.064  5.038   -9.750  1.00 27.75 ? 191  LYS A CA  1 
ATOM   1342 C C   . LYS A 1 185 ? 12.580  6.420   -10.170 1.00 28.98 ? 191  LYS A C   1 
ATOM   1343 O O   . LYS A 1 185 ? 11.900  7.434   -9.965  1.00 26.87 ? 191  LYS A O   1 
ATOM   1344 C CB  . LYS A 1 185 ? 11.372  4.351   -10.946 1.00 27.60 ? 191  LYS A CB  1 
ATOM   1345 C CG  . LYS A 1 185 ? 10.992  2.885   -10.718 1.00 31.74 ? 191  LYS A CG  1 
ATOM   1346 C CD  . LYS A 1 185 ? 10.200  2.312   -11.904 1.00 35.42 ? 191  LYS A CD  1 
ATOM   1347 C CE  . LYS A 1 185 ? 9.203   1.243   -11.460 1.00 38.37 ? 191  LYS A CE  1 
ATOM   1348 N NZ  . LYS A 1 185 ? 8.494   0.453   -12.537 1.00 38.99 ? 191  LYS A NZ  1 
ATOM   1349 N N   . GLU A 1 186 ? 13.778  6.453   -10.752 1.00 32.61 ? 192  GLU A N   1 
ATOM   1350 C CA  . GLU A 1 186 ? 14.450  7.708   -11.153 1.00 35.16 ? 192  GLU A CA  1 
ATOM   1351 C C   . GLU A 1 186 ? 13.606  8.584   -12.085 1.00 34.06 ? 192  GLU A C   1 
ATOM   1352 O O   . GLU A 1 186 ? 13.627  9.810   -11.975 1.00 33.58 ? 192  GLU A O   1 
ATOM   1353 C CB  . GLU A 1 186 ? 15.805  7.410   -11.823 1.00 40.14 ? 192  GLU A CB  1 
ATOM   1354 C CG  . GLU A 1 186 ? 16.675  8.644   -12.067 1.00 48.65 ? 192  GLU A CG  1 
ATOM   1355 C CD  . GLU A 1 186 ? 18.082  8.299   -12.551 1.00 55.95 ? 192  GLU A CD  1 
ATOM   1356 O OE1 . GLU A 1 186 ? 18.209  7.539   -13.539 1.00 60.09 ? 192  GLU A OE1 1 
ATOM   1357 O OE2 . GLU A 1 186 ? 19.066  8.792   -11.951 1.00 57.98 ? 192  GLU A OE2 1 
ATOM   1358 N N   . ASP A 1 187 ? 12.864  7.958   -12.991 1.00 33.15 ? 193  ASP A N   1 
ATOM   1359 C CA  . ASP A 1 187 ? 12.020  8.702   -13.927 1.00 34.84 ? 193  ASP A CA  1 
ATOM   1360 C C   . ASP A 1 187 ? 10.577  8.927   -13.442 1.00 33.43 ? 193  ASP A C   1 
ATOM   1361 O O   . ASP A 1 187 ? 9.725   9.366   -14.220 1.00 32.15 ? 193  ASP A O   1 
ATOM   1362 C CB  . ASP A 1 187 ? 12.024  8.049   -15.324 1.00 37.70 ? 193  ASP A CB  1 
ATOM   1363 C CG  . ASP A 1 187 ? 11.522  6.602   -15.314 1.00 43.08 ? 193  ASP A CG  1 
ATOM   1364 O OD1 . ASP A 1 187 ? 11.253  6.027   -14.224 1.00 41.90 ? 193  ASP A OD1 1 
ATOM   1365 O OD2 . ASP A 1 187 ? 11.414  6.026   -16.424 1.00 47.35 ? 193  ASP A OD2 1 
ATOM   1366 N N   . GLN A 1 188 ? 10.296  8.638   -12.172 1.00 29.84 ? 194  GLN A N   1 
ATOM   1367 C CA  . GLN A 1 188 ? 8.937   8.842   -11.668 1.00 26.74 ? 194  GLN A CA  1 
ATOM   1368 C C   . GLN A 1 188 ? 8.838   9.907   -10.576 1.00 26.51 ? 194  GLN A C   1 
ATOM   1369 O O   . GLN A 1 188 ? 7.894   9.892   -9.805  1.00 25.34 ? 194  GLN A O   1 
ATOM   1370 C CB  . GLN A 1 188 ? 8.324   7.512   -11.200 1.00 26.95 ? 194  GLN A CB  1 
ATOM   1371 C CG  . GLN A 1 188 ? 8.358   6.421   -12.248 1.00 27.06 ? 194  GLN A CG  1 
ATOM   1372 C CD  . GLN A 1 188 ? 7.472   6.748   -13.444 1.00 29.70 ? 194  GLN A CD  1 
ATOM   1373 O OE1 . GLN A 1 188 ? 6.368   7.294   -13.299 1.00 30.68 ? 194  GLN A OE1 1 
ATOM   1374 N NE2 . GLN A 1 188 ? 7.949   6.414   -14.633 1.00 28.19 ? 194  GLN A NE2 1 
ATOM   1375 N N   . THR A 1 189 ? 9.777   10.854  -10.537 1.00 26.75 ? 195  THR A N   1 
ATOM   1376 C CA  . THR A 1 189 ? 9.804   11.851  -9.452  1.00 28.96 ? 195  THR A CA  1 
ATOM   1377 C C   . THR A 1 189 ? 8.678   12.876  -9.550  1.00 27.94 ? 195  THR A C   1 
ATOM   1378 O O   . THR A 1 189 ? 8.465   13.671  -8.629  1.00 28.16 ? 195  THR A O   1 
ATOM   1379 C CB  . THR A 1 189 ? 11.157  12.584  -9.337  1.00 33.20 ? 195  THR A CB  1 
ATOM   1380 O OG1 . THR A 1 189 ? 11.352  13.417  -10.490 1.00 34.98 ? 195  THR A OG1 1 
ATOM   1381 C CG2 . THR A 1 189 ? 12.319  11.575  -9.210  1.00 33.26 ? 195  THR A CG2 1 
ATOM   1382 N N   . GLU A 1 190 ? 7.928   12.839  -10.649 1.00 26.10 ? 196  GLU A N   1 
ATOM   1383 C CA  . GLU A 1 190 ? 6.762   13.711  -10.781 1.00 26.54 ? 196  GLU A CA  1 
ATOM   1384 C C   . GLU A 1 190 ? 5.750   13.499  -9.637  1.00 25.86 ? 196  GLU A C   1 
ATOM   1385 O O   . GLU A 1 190 ? 5.038   14.426  -9.272  1.00 24.12 ? 196  GLU A O   1 
ATOM   1386 C CB  . GLU A 1 190 ? 6.091   13.522  -12.144 1.00 28.10 ? 196  GLU A CB  1 
ATOM   1387 C CG  . GLU A 1 190 ? 5.188   12.293  -12.244 1.00 26.46 ? 196  GLU A CG  1 
ATOM   1388 C CD  . GLU A 1 190 ? 4.746   12.033  -13.675 1.00 27.88 ? 196  GLU A CD  1 
ATOM   1389 O OE1 . GLU A 1 190 ? 5.597   11.635  -14.494 1.00 28.67 ? 196  GLU A OE1 1 
ATOM   1390 O OE2 . GLU A 1 190 ? 3.555   12.197  -13.963 1.00 27.59 ? 196  GLU A OE2 1 
ATOM   1391 N N   . TYR A 1 191 ? 5.732   12.298  -9.049  1.00 23.99 ? 197  TYR A N   1 
ATOM   1392 C CA  . TYR A 1 191 ? 4.820   11.985  -7.927  1.00 24.05 ? 197  TYR A CA  1 
ATOM   1393 C C   . TYR A 1 191 ? 5.279   12.530  -6.567  1.00 25.29 ? 197  TYR A C   1 
ATOM   1394 O O   . TYR A 1 191 ? 4.696   12.224  -5.514  1.00 25.59 ? 197  TYR A O   1 
ATOM   1395 C CB  . TYR A 1 191 ? 4.496   10.484  -7.887  1.00 23.09 ? 197  TYR A CB  1 
ATOM   1396 C CG  . TYR A 1 191 ? 3.932   10.047  -9.204  1.00 22.28 ? 197  TYR A CG  1 
ATOM   1397 C CD1 . TYR A 1 191 ? 2.639   10.407  -9.568  1.00 21.60 ? 197  TYR A CD1 1 
ATOM   1398 C CD2 . TYR A 1 191 ? 4.697   9.306   -10.100 1.00 22.90 ? 197  TYR A CD2 1 
ATOM   1399 C CE1 . TYR A 1 191 ? 2.126   10.055  -10.804 1.00 22.61 ? 197  TYR A CE1 1 
ATOM   1400 C CE2 . TYR A 1 191 ? 4.185   8.919   -11.337 1.00 22.78 ? 197  TYR A CE2 1 
ATOM   1401 C CZ  . TYR A 1 191 ? 2.901   9.313   -11.681 1.00 23.50 ? 197  TYR A CZ  1 
ATOM   1402 O OH  . TYR A 1 191 ? 2.370   8.962   -12.897 1.00 24.34 ? 197  TYR A OH  1 
ATOM   1403 N N   . LEU A 1 192 ? 6.317   13.355  -6.603  1.00 24.68 ? 198  LEU A N   1 
ATOM   1404 C CA  . LEU A 1 192 ? 6.749   14.102  -5.442  1.00 26.50 ? 198  LEU A CA  1 
ATOM   1405 C C   . LEU A 1 192 ? 6.212   15.521  -5.517  1.00 28.45 ? 198  LEU A C   1 
ATOM   1406 O O   . LEU A 1 192 ? 6.290   16.253  -4.537  1.00 29.85 ? 198  LEU A O   1 
ATOM   1407 C CB  . LEU A 1 192 ? 8.282   14.136  -5.375  1.00 27.83 ? 198  LEU A CB  1 
ATOM   1408 C CG  . LEU A 1 192 ? 8.952   12.772  -5.146  1.00 30.04 ? 198  LEU A CG  1 
ATOM   1409 C CD1 . LEU A 1 192 ? 10.459  12.906  -5.093  1.00 30.68 ? 198  LEU A CD1 1 
ATOM   1410 C CD2 . LEU A 1 192 ? 8.435   12.145  -3.859  1.00 30.81 ? 198  LEU A CD2 1 
ATOM   1411 N N   . GLU A 1 193 ? 5.698   15.918  -6.684  1.00 27.49 ? 199  GLU A N   1 
ATOM   1412 C CA  . GLU A 1 193 ? 5.284   17.308  -6.897  1.00 30.98 ? 199  GLU A CA  1 
ATOM   1413 C C   . GLU A 1 193 ? 3.901   17.531  -6.336  1.00 28.93 ? 199  GLU A C   1 
ATOM   1414 O O   . GLU A 1 193 ? 2.996   16.726  -6.566  1.00 25.45 ? 199  GLU A O   1 
ATOM   1415 C CB  . GLU A 1 193 ? 5.312   17.691  -8.389  1.00 35.34 ? 199  GLU A CB  1 
ATOM   1416 C CG  . GLU A 1 193 ? 6.635   17.421  -9.106  1.00 42.26 ? 199  GLU A CG  1 
ATOM   1417 C CD  . GLU A 1 193 ? 7.740   18.435  -8.812  1.00 53.23 ? 199  GLU A CD  1 
ATOM   1418 O OE1 . GLU A 1 193 ? 7.487   19.480  -8.155  1.00 58.86 ? 199  GLU A OE1 1 
ATOM   1419 O OE2 . GLU A 1 193 ? 8.888   18.179  -9.254  1.00 58.79 ? 199  GLU A OE2 1 
ATOM   1420 N N   . GLU A 1 194 ? 3.742   18.629  -5.599  1.00 28.47 ? 200  GLU A N   1 
ATOM   1421 C CA  . GLU A 1 194 ? 2.468   18.953  -4.979  1.00 28.31 ? 200  GLU A CA  1 
ATOM   1422 C C   . GLU A 1 194 ? 1.324   19.031  -5.996  1.00 25.38 ? 200  GLU A C   1 
ATOM   1423 O O   . GLU A 1 194 ? 0.247   18.466  -5.785  1.00 22.59 ? 200  GLU A O   1 
ATOM   1424 C CB  . GLU A 1 194 ? 2.554   20.281  -4.216  1.00 31.04 ? 200  GLU A CB  1 
ATOM   1425 C CG  . GLU A 1 194 ? 1.275   20.548  -3.427  1.00 35.81 ? 200  GLU A CG  1 
ATOM   1426 C CD  . GLU A 1 194 ? 1.310   21.815  -2.588  1.00 38.58 ? 200  GLU A CD  1 
ATOM   1427 O OE1 . GLU A 1 194 ? 2.212   22.657  -2.776  1.00 37.57 ? 200  GLU A OE1 1 
ATOM   1428 O OE2 . GLU A 1 194 ? 0.406   21.961  -1.737  1.00 42.67 ? 200  GLU A OE2 1 
ATOM   1429 N N   . ARG A 1 195 ? 1.578   19.740  -7.095  1.00 26.50 ? 201  ARG A N   1 
ATOM   1430 C CA  . ARG A 1 195 ? 0.583   19.930  -8.145  1.00 28.44 ? 201  ARG A CA  1 
ATOM   1431 C C   . ARG A 1 195 ? 0.122   18.594  -8.670  1.00 24.56 ? 201  ARG A C   1 
ATOM   1432 O O   . ARG A 1 195 ? -1.058  18.393  -8.869  1.00 23.70 ? 201  ARG A O   1 
ATOM   1433 C CB  . ARG A 1 195 ? 1.146   20.767  -9.314  1.00 33.47 ? 201  ARG A CB  1 
ATOM   1434 C CG  . ARG A 1 195 ? 1.247   22.254  -9.002  1.00 40.89 ? 201  ARG A CG  1 
ATOM   1435 C CD  . ARG A 1 195 ? 1.759   23.070  -10.188 1.00 47.45 ? 201  ARG A CD  1 
ATOM   1436 N NE  . ARG A 1 195 ? 2.848   22.419  -10.932 1.00 53.16 ? 201  ARG A NE  1 
ATOM   1437 C CZ  . ARG A 1 195 ? 3.391   22.917  -12.044 1.00 57.06 ? 201  ARG A CZ  1 
ATOM   1438 N NH1 . ARG A 1 195 ? 2.958   24.077  -12.533 1.00 58.28 ? 201  ARG A NH1 1 
ATOM   1439 N NH2 . ARG A 1 195 ? 4.364   22.262  -12.672 1.00 55.60 ? 201  ARG A NH2 1 
ATOM   1440 N N   . ARG A 1 196 ? 1.071   17.693  -8.904  1.00 23.98 ? 202  ARG A N   1 
ATOM   1441 C CA  . ARG A 1 196 ? 0.763   16.382  -9.486  1.00 22.81 ? 202  ARG A CA  1 
ATOM   1442 C C   . ARG A 1 196 ? -0.056  15.534  -8.514  1.00 22.82 ? 202  ARG A C   1 
ATOM   1443 O O   . ARG A 1 196 ? -1.081  14.954  -8.891  1.00 20.27 ? 202  ARG A O   1 
ATOM   1444 C CB  . ARG A 1 196 ? 2.072   15.683  -9.902  1.00 23.33 ? 202  ARG A CB  1 
ATOM   1445 C CG  . ARG A 1 196 ? 1.886   14.359  -10.623 1.00 22.85 ? 202  ARG A CG  1 
ATOM   1446 C CD  . ARG A 1 196 ? 1.257   14.563  -12.008 1.00 23.25 ? 202  ARG A CD  1 
ATOM   1447 N NE  . ARG A 1 196 ? 1.282   13.314  -12.753 1.00 23.69 ? 202  ARG A NE  1 
ATOM   1448 C CZ  . ARG A 1 196 ? 0.214   12.661  -13.203 1.00 23.68 ? 202  ARG A CZ  1 
ATOM   1449 N NH1 . ARG A 1 196 ? -0.988  13.160  -13.046 1.00 24.32 ? 202  ARG A NH1 1 
ATOM   1450 N NH2 . ARG A 1 196 ? 0.372   11.511  -13.861 1.00 25.10 ? 202  ARG A NH2 1 
ATOM   1451 N N   . ILE A 1 197 ? 0.371   15.475  -7.245  1.00 21.61 ? 203  ILE A N   1 
ATOM   1452 C CA  . ILE A 1 197 ? -0.382  14.683  -6.261  1.00 21.00 ? 203  ILE A CA  1 
ATOM   1453 C C   . ILE A 1 197 ? -1.799  15.223  -6.083  1.00 21.24 ? 203  ILE A C   1 
ATOM   1454 O O   . ILE A 1 197 ? -2.761  14.450  -6.029  1.00 20.76 ? 203  ILE A O   1 
ATOM   1455 C CB  . ILE A 1 197 ? 0.345   14.600  -4.897  1.00 20.60 ? 203  ILE A CB  1 
ATOM   1456 C CG1 . ILE A 1 197 ? 1.699   13.923  -5.068  1.00 20.74 ? 203  ILE A CG1 1 
ATOM   1457 C CG2 . ILE A 1 197 ? -0.524  13.848  -3.898  1.00 20.06 ? 203  ILE A CG2 1 
ATOM   1458 C CD1 . ILE A 1 197 ? 2.659   14.189  -3.910  1.00 25.06 ? 203  ILE A CD1 1 
ATOM   1459 N N   . LYS A 1 198 ? -1.926  16.549  -6.008  1.00 22.83 ? 204  LYS A N   1 
ATOM   1460 C CA  . LYS A 1 198 ? -3.234  17.189  -5.891  1.00 24.14 ? 204  LYS A CA  1 
ATOM   1461 C C   . LYS A 1 198 ? -4.124  16.850  -7.075  1.00 23.89 ? 204  LYS A C   1 
ATOM   1462 O O   . LYS A 1 198 ? -5.304  16.550  -6.903  1.00 22.61 ? 204  LYS A O   1 
ATOM   1463 C CB  . LYS A 1 198 ? -3.094  18.707  -5.806  1.00 27.31 ? 204  LYS A CB  1 
ATOM   1464 C CG  . LYS A 1 198 ? -3.183  19.254  -4.392  1.00 34.01 ? 204  LYS A CG  1 
ATOM   1465 C CD  . LYS A 1 198 ? -3.402  20.766  -4.365  1.00 37.81 ? 204  LYS A CD  1 
ATOM   1466 C CE  . LYS A 1 198 ? -2.073  21.492  -4.233  1.00 42.36 ? 204  LYS A CE  1 
ATOM   1467 N NZ  . LYS A 1 198 ? -2.136  22.763  -3.436  1.00 42.63 ? 204  LYS A NZ  1 
ATOM   1468 N N   . GLU A 1 199 ? -3.551  16.904  -8.277  1.00 22.34 ? 205  GLU A N   1 
ATOM   1469 C CA  . GLU A 1 199 ? -4.297  16.561  -9.480  1.00 23.03 ? 205  GLU A CA  1 
ATOM   1470 C C   . GLU A 1 199 ? -4.831  15.120  -9.392  1.00 22.90 ? 205  GLU A C   1 
ATOM   1471 O O   . GLU A 1 199 ? -6.015  14.846  -9.685  1.00 22.21 ? 205  GLU A O   1 
ATOM   1472 C CB  . GLU A 1 199 ? -3.388  16.740  -10.707 1.00 23.09 ? 205  GLU A CB  1 
ATOM   1473 C CG  . GLU A 1 199 ? -3.992  16.333  -12.050 1.00 23.50 ? 205  GLU A CG  1 
ATOM   1474 C CD  . GLU A 1 199 ? -2.967  16.382  -13.174 1.00 24.24 ? 205  GLU A CD  1 
ATOM   1475 O OE1 . GLU A 1 199 ? -1.837  15.869  -12.974 1.00 25.18 ? 205  GLU A OE1 1 
ATOM   1476 O OE2 . GLU A 1 199 ? -3.279  16.929  -14.265 1.00 24.62 ? 205  GLU A OE2 1 
ATOM   1477 N N   . ILE A 1 200 ? -3.957  14.200  -8.988  1.00 22.05 ? 206  ILE A N   1 
ATOM   1478 C CA  . ILE A 1 200 ? -4.323  12.786  -8.929  1.00 23.93 ? 206  ILE A CA  1 
ATOM   1479 C C   . ILE A 1 200 ? -5.377  12.460  -7.867  1.00 22.98 ? 206  ILE A C   1 
ATOM   1480 O O   . ILE A 1 200 ? -6.336  11.716  -8.137  1.00 23.45 ? 206  ILE A O   1 
ATOM   1481 C CB  . ILE A 1 200 ? -3.064  11.906  -8.735  1.00 24.41 ? 206  ILE A CB  1 
ATOM   1482 C CG1 . ILE A 1 200 ? -2.169  11.989  -9.986  1.00 27.13 ? 206  ILE A CG1 1 
ATOM   1483 C CG2 . ILE A 1 200 ? -3.453  10.463  -8.516  1.00 25.06 ? 206  ILE A CG2 1 
ATOM   1484 C CD1 . ILE A 1 200 ? -0.735  11.584  -9.702  1.00 27.60 ? 206  ILE A CD1 1 
ATOM   1485 N N   . VAL A 1 201 ? -5.192  13.000  -6.663  1.00 22.75 ? 207  VAL A N   1 
ATOM   1486 C CA  . VAL A 1 201 ? -6.190  12.834  -5.584  1.00 22.82 ? 207  VAL A CA  1 
ATOM   1487 C C   . VAL A 1 201 ? -7.568  13.350  -6.016  1.00 24.46 ? 207  VAL A C   1 
ATOM   1488 O O   . VAL A 1 201 ? -8.566  12.646  -5.862  1.00 23.49 ? 207  VAL A O   1 
ATOM   1489 C CB  . VAL A 1 201 ? -5.734  13.484  -4.263  1.00 22.78 ? 207  VAL A CB  1 
ATOM   1490 C CG1 . VAL A 1 201 ? -6.884  13.515  -3.246  1.00 22.61 ? 207  VAL A CG1 1 
ATOM   1491 C CG2 . VAL A 1 201 ? -4.565  12.713  -3.670  1.00 21.67 ? 207  VAL A CG2 1 
ATOM   1492 N N   . LYS A 1 202 ? -7.610  14.548  -6.602  1.00 27.39 ? 208  LYS A N   1 
ATOM   1493 C CA  . LYS A 1 202 ? -8.862  15.152  -7.101  1.00 30.79 ? 208  LYS A CA  1 
ATOM   1494 C C   . LYS A 1 202 ? -9.554  14.293  -8.171  1.00 32.93 ? 208  LYS A C   1 
ATOM   1495 O O   . LYS A 1 202 ? -10.784 14.162  -8.184  1.00 32.45 ? 208  LYS A O   1 
ATOM   1496 C CB  . LYS A 1 202 ? -8.579  16.554  -7.660  1.00 33.98 ? 208  LYS A CB  1 
ATOM   1497 C CG  . LYS A 1 202 ? -9.805  17.294  -8.203  1.00 39.57 ? 208  LYS A CG  1 
ATOM   1498 C CD  . LYS A 1 202 ? -9.411  18.642  -8.809  1.00 44.14 ? 208  LYS A CD  1 
ATOM   1499 C CE  . LYS A 1 202 ? -10.535 19.246  -9.642  1.00 51.39 ? 208  LYS A CE  1 
ATOM   1500 N NZ  . LYS A 1 202 ? -10.159 20.615  -10.114 1.00 54.28 ? 208  LYS A NZ  1 
ATOM   1501 N N   . LYS A 1 203 ? -8.758  13.718  -9.070  1.00 33.47 ? 209  LYS A N   1 
ATOM   1502 C CA  . LYS A 1 203 ? -9.284  12.917  -10.180 1.00 34.61 ? 209  LYS A CA  1 
ATOM   1503 C C   . LYS A 1 203 ? -9.838  11.564  -9.718  1.00 34.58 ? 209  LYS A C   1 
ATOM   1504 O O   . LYS A 1 203 ? -10.919 11.157  -10.153 1.00 33.73 ? 209  LYS A O   1 
ATOM   1505 C CB  . LYS A 1 203 ? -8.183  12.711  -11.243 1.00 36.91 ? 209  LYS A CB  1 
ATOM   1506 C CG  . LYS A 1 203 ? -8.628  11.968  -12.496 1.00 41.44 ? 209  LYS A CG  1 
ATOM   1507 C CD  . LYS A 1 203 ? -7.471  11.788  -13.474 1.00 44.72 ? 209  LYS A CD  1 
ATOM   1508 C CE  . LYS A 1 203 ? -7.899  10.962  -14.685 1.00 46.97 ? 209  LYS A CE  1 
ATOM   1509 N NZ  . LYS A 1 203 ? -6.928  11.082  -15.815 1.00 50.33 ? 209  LYS A NZ  1 
ATOM   1510 N N   . HIS A 1 204 ? -9.100  10.868  -8.844  1.00 32.15 ? 210  HIS A N   1 
ATOM   1511 C CA  . HIS A 1 204 ? -9.395  9.458   -8.518  1.00 31.91 ? 210  HIS A CA  1 
ATOM   1512 C C   . HIS A 1 204 ? -9.813  9.154   -7.101  1.00 30.96 ? 210  HIS A C   1 
ATOM   1513 O O   . HIS A 1 204 ? -10.374 8.097   -6.847  1.00 31.18 ? 210  HIS A O   1 
ATOM   1514 C CB  . HIS A 1 204 ? -8.187  8.582   -8.867  1.00 34.96 ? 210  HIS A CB  1 
ATOM   1515 C CG  . HIS A 1 204 ? -7.913  8.484   -10.342 1.00 37.41 ? 210  HIS A CG  1 
ATOM   1516 N ND1 . HIS A 1 204 ? -8.870  8.143   -11.239 1.00 39.06 ? 210  HIS A ND1 1 
ATOM   1517 C CD2 . HIS A 1 204 ? -6.736  8.669   -11.068 1.00 38.20 ? 210  HIS A CD2 1 
ATOM   1518 C CE1 . HIS A 1 204 ? -8.334  8.127   -12.477 1.00 41.15 ? 210  HIS A CE1 1 
ATOM   1519 N NE2 . HIS A 1 204 ? -7.025  8.444   -12.369 1.00 40.09 ? 210  HIS A NE2 1 
ATOM   1520 N N   . SER A 1 205 ? -9.567  10.070  -6.170  1.00 27.94 ? 211  SER A N   1 
ATOM   1521 C CA  . SER A 1 205 ? -9.761  9.790   -4.744  1.00 29.14 ? 211  SER A CA  1 
ATOM   1522 C C   . SER A 1 205 ? -10.551 10.899  -4.032  1.00 30.67 ? 211  SER A C   1 
ATOM   1523 O O   . SER A 1 205 ? -10.421 11.089  -2.813  1.00 30.09 ? 211  SER A O   1 
ATOM   1524 C CB  . SER A 1 205 ? -8.392  9.575   -4.059  1.00 27.32 ? 211  SER A CB  1 
ATOM   1525 O OG  . SER A 1 205 ? -7.697  8.473   -4.651  1.00 25.07 ? 211  SER A OG  1 
ATOM   1526 N N   . GLN A 1 206 ? -11.370 11.617  -4.794  1.00 31.39 ? 212  GLN A N   1 
ATOM   1527 C CA  . GLN A 1 206 ? -12.138 12.774  -4.278  1.00 33.76 ? 212  GLN A CA  1 
ATOM   1528 C C   . GLN A 1 206 ? -13.189 12.446  -3.211  1.00 32.23 ? 212  GLN A C   1 
ATOM   1529 O O   . GLN A 1 206 ? -13.518 13.305  -2.390  1.00 29.90 ? 212  GLN A O   1 
ATOM   1530 C CB  . GLN A 1 206 ? -12.811 13.523  -5.447  1.00 39.41 ? 212  GLN A CB  1 
ATOM   1531 C CG  . GLN A 1 206 ? -13.242 12.585  -6.573  1.00 44.41 ? 212  GLN A CG  1 
ATOM   1532 C CD  . GLN A 1 206 ? -13.949 13.270  -7.731  1.00 50.90 ? 212  GLN A CD  1 
ATOM   1533 O OE1 . GLN A 1 206 ? -14.578 14.326  -7.578  1.00 54.75 ? 212  GLN A OE1 1 
ATOM   1534 N NE2 . GLN A 1 206 ? -13.865 12.652  -8.904  1.00 50.21 ? 212  GLN A NE2 1 
ATOM   1535 N N   . PHE A 1 207 ? -13.731 11.228  -3.210  1.00 31.19 ? 213  PHE A N   1 
ATOM   1536 C CA  . PHE A 1 207 ? -14.795 10.889  -2.233  1.00 31.66 ? 213  PHE A CA  1 
ATOM   1537 C C   . PHE A 1 207 ? -14.417 9.949   -1.096  1.00 32.01 ? 213  PHE A C   1 
ATOM   1538 O O   . PHE A 1 207 ? -15.274 9.316   -0.476  1.00 32.90 ? 213  PHE A O   1 
ATOM   1539 C CB  . PHE A 1 207 ? -16.033 10.367  -2.957  1.00 32.49 ? 213  PHE A CB  1 
ATOM   1540 C CG  . PHE A 1 207 ? -16.556 11.327  -3.966  1.00 32.70 ? 213  PHE A CG  1 
ATOM   1541 C CD1 . PHE A 1 207 ? -16.988 12.594  -3.572  1.00 34.46 ? 213  PHE A CD1 1 
ATOM   1542 C CD2 . PHE A 1 207 ? -16.582 10.991  -5.312  1.00 36.14 ? 213  PHE A CD2 1 
ATOM   1543 C CE1 . PHE A 1 207 ? -17.456 13.507  -4.509  1.00 35.65 ? 213  PHE A CE1 1 
ATOM   1544 C CE2 . PHE A 1 207 ? -17.043 11.900  -6.260  1.00 38.61 ? 213  PHE A CE2 1 
ATOM   1545 C CZ  . PHE A 1 207 ? -17.486 13.155  -5.855  1.00 37.35 ? 213  PHE A CZ  1 
ATOM   1546 N N   . ILE A 1 208 ? -13.130 9.858   -0.808  1.00 29.66 ? 214  ILE A N   1 
ATOM   1547 C CA  . ILE A 1 208 ? -12.693 9.067   0.325   1.00 27.06 ? 214  ILE A CA  1 
ATOM   1548 C C   . ILE A 1 208 ? -13.281 9.655   1.635   1.00 28.16 ? 214  ILE A C   1 
ATOM   1549 O O   . ILE A 1 208 ? -13.257 10.868  1.858   1.00 30.34 ? 214  ILE A O   1 
ATOM   1550 C CB  . ILE A 1 208 ? -11.148 8.955   0.325   1.00 26.01 ? 214  ILE A CB  1 
ATOM   1551 C CG1 . ILE A 1 208 ? -10.650 8.242   -0.964  1.00 25.94 ? 214  ILE A CG1 1 
ATOM   1552 C CG2 . ILE A 1 208 ? -10.640 8.262   1.584   1.00 25.14 ? 214  ILE A CG2 1 
ATOM   1553 C CD1 . ILE A 1 208 ? -10.938 6.746   -1.045  1.00 27.56 ? 214  ILE A CD1 1 
ATOM   1554 N N   . GLY A 1 209 ? -13.827 8.803   2.490   1.00 26.11 ? 215  GLY A N   1 
ATOM   1555 C CA  . GLY A 1 209 ? -14.481 9.264   3.715   1.00 27.99 ? 215  GLY A CA  1 
ATOM   1556 C C   . GLY A 1 209 ? -13.577 9.495   4.934   1.00 28.57 ? 215  GLY A C   1 
ATOM   1557 O O   . GLY A 1 209 ? -14.014 9.334   6.066   1.00 28.87 ? 215  GLY A O   1 
ATOM   1558 N N   . TYR A 1 210 ? -12.328 9.883   4.699   1.00 25.61 ? 216  TYR A N   1 
ATOM   1559 C CA  . TYR A 1 210 ? -11.358 10.175  5.770   1.00 25.57 ? 216  TYR A CA  1 
ATOM   1560 C C   . TYR A 1 210 ? -10.576 11.369  5.269   1.00 24.39 ? 216  TYR A C   1 
ATOM   1561 O O   . TYR A 1 210 ? -10.404 11.508  4.069   1.00 26.25 ? 216  TYR A O   1 
ATOM   1562 C CB  . TYR A 1 210 ? -10.425 8.951   6.041   1.00 23.55 ? 216  TYR A CB  1 
ATOM   1563 C CG  . TYR A 1 210 ? -11.204 7.732   6.514   1.00 23.20 ? 216  TYR A CG  1 
ATOM   1564 C CD1 . TYR A 1 210 ? -11.611 7.619   7.862   1.00 23.57 ? 216  TYR A CD1 1 
ATOM   1565 C CD2 . TYR A 1 210 ? -11.606 6.731   5.613   1.00 22.19 ? 216  TYR A CD2 1 
ATOM   1566 C CE1 . TYR A 1 210 ? -12.361 6.538   8.295   1.00 24.05 ? 216  TYR A CE1 1 
ATOM   1567 C CE2 . TYR A 1 210 ? -12.368 5.649   6.050   1.00 22.74 ? 216  TYR A CE2 1 
ATOM   1568 C CZ  . TYR A 1 210 ? -12.733 5.562   7.394   1.00 23.43 ? 216  TYR A CZ  1 
ATOM   1569 O OH  . TYR A 1 210 ? -13.479 4.515   7.862   1.00 25.52 ? 216  TYR A OH  1 
ATOM   1570 N N   . PRO A 1 211 ? -10.117 12.250  6.173   1.00 25.75 ? 217  PRO A N   1 
ATOM   1571 C CA  . PRO A 1 211 ? -9.285  13.375  5.713   1.00 24.66 ? 217  PRO A CA  1 
ATOM   1572 C C   . PRO A 1 211 ? -7.956  12.867  5.130   1.00 23.31 ? 217  PRO A C   1 
ATOM   1573 O O   . PRO A 1 211 ? -7.360  11.939  5.683   1.00 22.81 ? 217  PRO A O   1 
ATOM   1574 C CB  . PRO A 1 211 ? -9.008  14.186  6.999   1.00 24.90 ? 217  PRO A CB  1 
ATOM   1575 C CG  . PRO A 1 211 ? -9.923  13.635  8.045   1.00 26.86 ? 217  PRO A CG  1 
ATOM   1576 C CD  . PRO A 1 211 ? -10.307 12.233  7.634   1.00 24.86 ? 217  PRO A CD  1 
ATOM   1577 N N   . ILE A 1 212 ? -7.540  13.454  4.007   1.00 21.21 ? 218  ILE A N   1 
ATOM   1578 C CA  . ILE A 1 212 ? -6.283  13.153  3.353   1.00 22.30 ? 218  ILE A CA  1 
ATOM   1579 C C   . ILE A 1 212 ? -5.500  14.459  3.424   1.00 24.24 ? 218  ILE A C   1 
ATOM   1580 O O   . ILE A 1 212 ? -5.919  15.481  2.851   1.00 25.37 ? 218  ILE A O   1 
ATOM   1581 C CB  . ILE A 1 212 ? -6.478  12.726  1.863   1.00 22.24 ? 218  ILE A CB  1 
ATOM   1582 C CG1 . ILE A 1 212 ? -7.333  11.437  1.760   1.00 20.51 ? 218  ILE A CG1 1 
ATOM   1583 C CG2 . ILE A 1 212 ? -5.129  12.565  1.179   1.00 22.15 ? 218  ILE A CG2 1 
ATOM   1584 C CD1 . ILE A 1 212 ? -7.747  11.009  0.348   1.00 20.67 ? 218  ILE A CD1 1 
ATOM   1585 N N   . THR A 1 213 ? -4.374  14.435  4.123   1.00 21.86 ? 219  THR A N   1 
ATOM   1586 C CA  . THR A 1 213 ? -3.521  15.621  4.216   1.00 21.41 ? 219  THR A CA  1 
ATOM   1587 C C   . THR A 1 213 ? -2.310  15.443  3.335   1.00 20.54 ? 219  THR A C   1 
ATOM   1588 O O   . THR A 1 213 ? -1.550  14.497  3.505   1.00 19.93 ? 219  THR A O   1 
ATOM   1589 C CB  . THR A 1 213 ? -3.084  15.877  5.671   1.00 21.14 ? 219  THR A CB  1 
ATOM   1590 O OG1 . THR A 1 213 ? -4.254  16.006  6.485   1.00 20.61 ? 219  THR A OG1 1 
ATOM   1591 C CG2 . THR A 1 213 ? -2.249  17.182  5.781   1.00 22.16 ? 219  THR A CG2 1 
ATOM   1592 N N   . LEU A 1 214 ? -2.153  16.335  2.358   1.00 20.29 ? 220  LEU A N   1 
ATOM   1593 C CA  . LEU A 1 214 ? -0.972  16.318  1.529   1.00 20.96 ? 220  LEU A CA  1 
ATOM   1594 C C   . LEU A 1 214 ? 0.069   17.236  2.145   1.00 20.41 ? 220  LEU A C   1 
ATOM   1595 O O   . LEU A 1 214 ? -0.075  18.456  2.107   1.00 19.69 ? 220  LEU A O   1 
ATOM   1596 C CB  . LEU A 1 214 ? -1.283  16.753  0.090   1.00 20.50 ? 220  LEU A CB  1 
ATOM   1597 C CG  . LEU A 1 214 ? -0.066  16.926  -0.819  1.00 22.40 ? 220  LEU A CG  1 
ATOM   1598 C CD1 . LEU A 1 214 ? 0.782   15.647  -0.893  1.00 21.55 ? 220  LEU A CD1 1 
ATOM   1599 C CD2 . LEU A 1 214 ? -0.495  17.377  -2.221  1.00 23.05 ? 220  LEU A CD2 1 
ATOM   1600 N N   . PHE A 1 215 ? 1.119   16.645  2.702   1.00 20.72 ? 221  PHE A N   1 
ATOM   1601 C CA  . PHE A 1 215 ? 2.234   17.424  3.252   1.00 20.93 ? 221  PHE A CA  1 
ATOM   1602 C C   . PHE A 1 215 ? 2.975   18.092  2.102   1.00 23.95 ? 221  PHE A C   1 
ATOM   1603 O O   . PHE A 1 215 ? 3.036   17.539  0.993   1.00 22.30 ? 221  PHE A O   1 
ATOM   1604 C CB  . PHE A 1 215 ? 3.234   16.525  3.993   1.00 20.63 ? 221  PHE A CB  1 
ATOM   1605 C CG  . PHE A 1 215 ? 2.771   16.056  5.366   1.00 19.60 ? 221  PHE A CG  1 
ATOM   1606 C CD1 . PHE A 1 215 ? 1.432   15.751  5.614   1.00 19.90 ? 221  PHE A CD1 1 
ATOM   1607 C CD2 . PHE A 1 215 ? 3.698   15.856  6.384   1.00 19.55 ? 221  PHE A CD2 1 
ATOM   1608 C CE1 . PHE A 1 215 ? 1.012   15.278  6.857   1.00 19.92 ? 221  PHE A CE1 1 
ATOM   1609 C CE2 . PHE A 1 215 ? 3.284   15.405  7.648   1.00 20.04 ? 221  PHE A CE2 1 
ATOM   1610 C CZ  . PHE A 1 215 ? 1.934   15.120  7.878   1.00 19.54 ? 221  PHE A CZ  1 
ATOM   1611 N N   . VAL A 1 216 ? 3.551   19.253  2.401   1.00 24.48 ? 222  VAL A N   1 
ATOM   1612 C CA  . VAL A 1 216 ? 4.334   20.066  1.465   1.00 30.19 ? 222  VAL A CA  1 
ATOM   1613 C C   . VAL A 1 216 ? 5.805   19.893  1.828   1.00 29.98 ? 222  VAL A C   1 
ATOM   1614 O O   . VAL A 1 216 ? 6.129   19.586  2.972   1.00 27.95 ? 222  VAL A O   1 
ATOM   1615 C CB  . VAL A 1 216 ? 3.969   21.565  1.606   1.00 32.73 ? 222  VAL A CB  1 
ATOM   1616 C CG1 . VAL A 1 216 ? 4.873   22.440  0.734   1.00 38.14 ? 222  VAL A CG1 1 
ATOM   1617 C CG2 . VAL A 1 216 ? 2.512   21.800  1.246   1.00 38.71 ? 222  VAL A CG2 1 
ATOM   1618 N N   . GLU A 1 217 ? 6.707   20.079  0.877   1.00 32.32 ? 223  GLU A N   1 
ATOM   1619 C CA  . GLU A 1 217 ? 8.134   20.062  1.228   1.00 37.13 ? 223  GLU A CA  1 
ATOM   1620 C C   . GLU A 1 217 ? 8.660   21.415  1.698   1.00 39.13 ? 223  GLU A C   1 
ATOM   1621 O O   . GLU A 1 217 ? 8.565   22.417  0.992   1.00 37.91 ? 223  GLU A O   1 
ATOM   1622 C CB  . GLU A 1 217 ? 8.963   19.531  0.080   1.00 40.12 ? 223  GLU A CB  1 
ATOM   1623 C CG  . GLU A 1 217 ? 8.615   18.094  -0.236  1.00 45.24 ? 223  GLU A CG  1 
ATOM   1624 C CD  . GLU A 1 217 ? 9.839   17.243  -0.474  1.00 44.60 ? 223  GLU A CD  1 
ATOM   1625 O OE1 . GLU A 1 217 ? 10.825  17.369  0.287   1.00 43.48 ? 223  GLU A OE1 1 
ATOM   1626 O OE2 . GLU A 1 217 ? 9.798   16.444  -1.426  1.00 50.46 ? 223  GLU A OE2 1 
HETATM 1627 N N5  . TV2 B 2 .   ? -2.683  0.455   4.279   1.00 17.66 ? 1224 TV2 A N5  1 
HETATM 1628 C C17 . TV2 B 2 .   ? -3.019  -0.859  4.200   1.00 18.65 ? 1224 TV2 A C17 1 
HETATM 1629 N N3  . TV2 B 2 .   ? -2.826  -1.589  3.068   1.00 17.94 ? 1224 TV2 A N3  1 
HETATM 1630 N N1  . TV2 B 2 .   ? -3.366  -2.796  3.508   1.00 18.15 ? 1224 TV2 A N1  1 
HETATM 1631 C C7  . TV2 B 2 .   ? -3.803  -2.741  4.774   1.00 18.61 ? 1224 TV2 A C7  1 
HETATM 1632 N N4  . TV2 B 2 .   ? -3.590  -1.494  5.255   1.00 18.18 ? 1224 TV2 A N4  1 
HETATM 1633 C C8  . TV2 B 2 .   ? -3.471  -3.927  2.781   1.00 19.22 ? 1224 TV2 A C8  1 
HETATM 1634 N N2  . TV2 B 2 .   ? -4.009  -5.040  3.345   1.00 19.78 ? 1224 TV2 A N2  1 
HETATM 1635 C C4  . TV2 B 2 .   ? -4.467  -5.010  4.649   1.00 21.00 ? 1224 TV2 A C4  1 
HETATM 1636 C C3  . TV2 B 2 .   ? -5.016  -6.154  5.237   1.00 21.47 ? 1224 TV2 A C3  1 
HETATM 1637 C C2  . TV2 B 2 .   ? -5.482  -6.121  6.552   1.00 22.06 ? 1224 TV2 A C2  1 
HETATM 1638 C C1  . TV2 B 2 .   ? -5.392  -4.946  7.299   1.00 21.46 ? 1224 TV2 A C1  1 
HETATM 1639 C C6  . TV2 B 2 .   ? -4.820  -3.800  6.730   1.00 20.41 ? 1224 TV2 A C6  1 
HETATM 1640 C C5  . TV2 B 2 .   ? -4.361  -3.840  5.413   1.00 19.51 ? 1224 TV2 A C5  1 
HETATM 1641 C C9  . TV2 B 2 .   ? -2.980  -3.998  1.360   1.00 19.25 ? 1224 TV2 A C9  1 
HETATM 1642 C C10 . TV2 B 2 .   ? -1.649  -4.714  1.325   1.00 21.47 ? 1224 TV2 A C10 1 
HETATM 1643 C C11 . TV2 B 2 .   ? -1.509  -5.923  0.610   1.00 21.65 ? 1224 TV2 A C11 1 
HETATM 1644 C C12 . TV2 B 2 .   ? -0.262  -6.583  0.555   1.00 22.97 ? 1224 TV2 A C12 1 
HETATM 1645 C C13 . TV2 B 2 .   ? 0.790   -5.998  1.257   1.00 22.71 ? 1224 TV2 A C13 1 
HETATM 1646 C C14 . TV2 B 2 .   ? 0.620   -4.844  1.969   1.00 22.01 ? 1224 TV2 A C14 1 
HETATM 1647 C C15 . TV2 B 2 .   ? -0.582  -4.153  2.030   1.00 21.68 ? 1224 TV2 A C15 1 
HETATM 1648 O O2  . TV2 B 2 .   ? 2.103   -6.424  1.393   1.00 23.65 ? 1224 TV2 A O2  1 
HETATM 1649 C C16 . TV2 B 2 .   ? 2.797   -5.482  2.235   1.00 22.18 ? 1224 TV2 A C16 1 
HETATM 1650 O O1  . TV2 B 2 .   ? 1.789   -4.502  2.557   1.00 21.53 ? 1224 TV2 A O1  1 
HETATM 1651 O O   . HOH C 3 .   ? 16.507  -10.158 13.341  1.00 47.30 ? 2001 HOH A O   1 
HETATM 1652 O O   . HOH C 3 .   ? 17.393  -13.164 5.679   1.00 31.12 ? 2002 HOH A O   1 
HETATM 1653 O O   . HOH C 3 .   ? 11.329  -11.251 10.988  1.00 32.78 ? 2003 HOH A O   1 
HETATM 1654 O O   . HOH C 3 .   ? 15.798  -15.492 6.240   1.00 22.24 ? 2004 HOH A O   1 
HETATM 1655 O O   . HOH C 3 .   ? 17.136  -10.809 1.576   1.00 28.81 ? 2005 HOH A O   1 
HETATM 1656 O O   . HOH C 3 .   ? 8.862   -16.142 -5.524  1.00 38.71 ? 2006 HOH A O   1 
HETATM 1657 O O   . HOH C 3 .   ? 3.151   -14.719 -1.423  1.00 28.11 ? 2007 HOH A O   1 
HETATM 1658 O O   . HOH C 3 .   ? 8.624   -10.871 -9.361  1.00 24.73 ? 2008 HOH A O   1 
HETATM 1659 O O   . HOH C 3 .   ? 4.677   -12.114 -15.243 1.00 28.71 ? 2009 HOH A O   1 
HETATM 1660 O O   . HOH C 3 .   ? 8.500   -10.308 -6.715  1.00 23.94 ? 2010 HOH A O   1 
HETATM 1661 O O   . HOH C 3 .   ? 3.157   -1.624  -16.201 1.00 20.65 ? 2011 HOH A O   1 
HETATM 1662 O O   . HOH C 3 .   ? 6.028   -0.582  -14.583 1.00 30.83 ? 2012 HOH A O   1 
HETATM 1663 O O   . HOH C 3 .   ? -10.180 2.894   -6.027  1.00 43.94 ? 2013 HOH A O   1 
HETATM 1664 O O   . HOH C 3 .   ? 5.287   1.264   -19.014 1.00 30.45 ? 2014 HOH A O   1 
HETATM 1665 O O   . HOH C 3 .   ? 3.880   0.856   -16.469 1.00 24.74 ? 2015 HOH A O   1 
HETATM 1666 O O   . HOH C 3 .   ? -5.923  2.941   -18.568 1.00 39.24 ? 2016 HOH A O   1 
HETATM 1667 O O   . HOH C 3 .   ? -1.807  3.877   -20.312 1.00 35.50 ? 2017 HOH A O   1 
HETATM 1668 O O   . HOH C 3 .   ? -0.108  8.340   -15.261 1.00 26.73 ? 2018 HOH A O   1 
HETATM 1669 O O   . HOH C 3 .   ? 4.024   6.947   -17.569 1.00 38.61 ? 2019 HOH A O   1 
HETATM 1670 O O   . HOH C 3 .   ? 4.758   5.806   -21.359 1.00 31.16 ? 2020 HOH A O   1 
HETATM 1671 O O   . HOH C 3 .   ? 8.344   1.389   -15.972 1.00 35.84 ? 2021 HOH A O   1 
HETATM 1672 O O   . HOH C 3 .   ? -4.576  7.396   -8.536  1.00 22.46 ? 2022 HOH A O   1 
HETATM 1673 O O   . HOH C 3 .   ? -5.776  9.203   -6.408  1.00 23.63 ? 2023 HOH A O   1 
HETATM 1674 O O   . HOH C 3 .   ? -8.630  6.134   -3.775  1.00 22.44 ? 2024 HOH A O   1 
HETATM 1675 O O   . HOH C 3 .   ? 9.118   11.152  4.586   1.00 27.89 ? 2025 HOH A O   1 
HETATM 1676 O O   . HOH C 3 .   ? -6.497  -1.220  -4.199  1.00 25.14 ? 2026 HOH A O   1 
HETATM 1677 O O   . HOH C 3 .   ? -9.356  0.266   -5.819  1.00 36.60 ? 2027 HOH A O   1 
HETATM 1678 O O   . HOH C 3 .   ? -8.691  -0.447  -9.785  1.00 25.97 ? 2028 HOH A O   1 
HETATM 1679 O O   . HOH C 3 .   ? -1.833  2.313   1.676   1.00 18.35 ? 2029 HOH A O   1 
HETATM 1680 O O   . HOH C 3 .   ? -8.718  -1.280  -1.577  1.00 25.30 ? 2030 HOH A O   1 
HETATM 1681 O O   . HOH C 3 .   ? -9.861  -1.706  -4.046  1.00 34.35 ? 2031 HOH A O   1 
HETATM 1682 O O   . HOH C 3 .   ? -6.527  -2.468  3.122   1.00 20.81 ? 2032 HOH A O   1 
HETATM 1683 O O   . HOH C 3 .   ? -6.784  -3.776  -4.052  1.00 23.30 ? 2033 HOH A O   1 
HETATM 1684 O O   . HOH C 3 .   ? -1.723  -0.533  0.682   1.00 18.90 ? 2034 HOH A O   1 
HETATM 1685 O O   . HOH C 3 .   ? -4.054  -4.655  -2.327  1.00 21.59 ? 2035 HOH A O   1 
HETATM 1686 O O   . HOH C 3 .   ? -0.773  3.208   4.117   1.00 17.14 ? 2036 HOH A O   1 
HETATM 1687 O O   . HOH C 3 .   ? -13.030 2.144   2.191   1.00 22.68 ? 2037 HOH A O   1 
HETATM 1688 O O   . HOH C 3 .   ? -13.826 6.068   2.145   1.00 28.10 ? 2038 HOH A O   1 
HETATM 1689 O O   . HOH C 3 .   ? -12.887 -2.547  5.117   1.00 36.22 ? 2039 HOH A O   1 
HETATM 1690 O O   . HOH C 3 .   ? -7.952  -3.615  5.309   1.00 32.38 ? 2040 HOH A O   1 
HETATM 1691 O O   . HOH C 3 .   ? -16.543 1.101   9.201   1.00 27.01 ? 2041 HOH A O   1 
HETATM 1692 O O   . HOH C 3 .   ? -15.283 5.113   4.407   1.00 23.52 ? 2042 HOH A O   1 
HETATM 1693 O O   . HOH C 3 .   ? -14.491 -1.138  3.738   1.00 31.77 ? 2043 HOH A O   1 
HETATM 1694 O O   . HOH C 3 .   ? -15.160 7.858   10.458  1.00 41.75 ? 2044 HOH A O   1 
HETATM 1695 O O   . HOH C 3 .   ? -18.047 -4.164  15.757  1.00 46.23 ? 2045 HOH A O   1 
HETATM 1696 O O   . HOH C 3 .   ? -18.590 -7.875  10.169  1.00 29.82 ? 2046 HOH A O   1 
HETATM 1697 O O   . HOH C 3 .   ? -14.440 -5.271  18.117  1.00 35.04 ? 2047 HOH A O   1 
HETATM 1698 O O   . HOH C 3 .   ? -7.599  -4.381  16.324  1.00 30.46 ? 2048 HOH A O   1 
HETATM 1699 O O   . HOH C 3 .   ? -2.924  5.497   15.487  1.00 31.50 ? 2049 HOH A O   1 
HETATM 1700 O O   . HOH C 3 .   ? -4.839  7.544   15.543  1.00 27.80 ? 2050 HOH A O   1 
HETATM 1701 O O   . HOH C 3 .   ? -5.415  10.285  19.257  1.00 41.94 ? 2051 HOH A O   1 
HETATM 1702 O O   . HOH C 3 .   ? -12.276 7.816   16.308  1.00 38.89 ? 2052 HOH A O   1 
HETATM 1703 O O   . HOH C 3 .   ? -6.509  14.689  9.715   1.00 38.73 ? 2053 HOH A O   1 
HETATM 1704 O O   . HOH C 3 .   ? -11.042 10.440  13.195  1.00 34.97 ? 2054 HOH A O   1 
HETATM 1705 O O   . HOH C 3 .   ? -5.057  13.614  7.402   1.00 30.47 ? 2055 HOH A O   1 
HETATM 1706 O O   . HOH C 3 .   ? -2.215  15.206  9.401   1.00 34.80 ? 2056 HOH A O   1 
HETATM 1707 O O   . HOH C 3 .   ? -0.775  13.811  11.420  1.00 44.16 ? 2057 HOH A O   1 
HETATM 1708 O O   . HOH C 3 .   ? 2.209   10.778  9.427   1.00 24.00 ? 2058 HOH A O   1 
HETATM 1709 O O   . HOH C 3 .   ? 8.209   10.147  2.145   1.00 19.82 ? 2059 HOH A O   1 
HETATM 1710 O O   . HOH C 3 .   ? 8.561   15.651  3.703   1.00 24.60 ? 2060 HOH A O   1 
HETATM 1711 O O   . HOH C 3 .   ? 9.485   13.704  5.289   1.00 30.33 ? 2061 HOH A O   1 
HETATM 1712 O O   . HOH C 3 .   ? 13.931  13.114  -5.709  1.00 41.46 ? 2062 HOH A O   1 
HETATM 1713 O O   . HOH C 3 .   ? 9.963   15.873  -8.108  1.00 46.50 ? 2063 HOH A O   1 
HETATM 1714 O O   . HOH C 3 .   ? 11.729  8.619   3.234   1.00 32.02 ? 2064 HOH A O   1 
HETATM 1715 O O   . HOH C 3 .   ? 14.038  5.629   -4.568  1.00 36.46 ? 2065 HOH A O   1 
HETATM 1716 O O   . HOH C 3 .   ? -9.116  15.449  -0.946  1.00 39.90 ? 2066 HOH A O   1 
HETATM 1717 O O   . HOH C 3 .   ? 8.386   7.797   5.418   1.00 26.06 ? 2067 HOH A O   1 
HETATM 1718 O O   . HOH C 3 .   ? -0.163  5.073   11.426  1.00 27.78 ? 2068 HOH A O   1 
HETATM 1719 O O   . HOH C 3 .   ? -3.514  -0.246  7.902   1.00 17.85 ? 2069 HOH A O   1 
HETATM 1720 O O   . HOH C 3 .   ? -5.331  -2.865  15.294  1.00 23.09 ? 2070 HOH A O   1 
HETATM 1721 O O   . HOH C 3 .   ? -5.002  -7.068  10.062  1.00 21.30 ? 2071 HOH A O   1 
HETATM 1722 O O   . HOH C 3 .   ? 1.349   -5.507  13.933  1.00 25.27 ? 2072 HOH A O   1 
HETATM 1723 O O   . HOH C 3 .   ? -3.297  -12.392 11.602  1.00 30.05 ? 2073 HOH A O   1 
HETATM 1724 O O   . HOH C 3 .   ? 0.747   -12.767 13.474  1.00 26.61 ? 2074 HOH A O   1 
HETATM 1725 O O   . HOH C 3 .   ? 9.789   -10.672 13.300  1.00 41.57 ? 2075 HOH A O   1 
HETATM 1726 O O   . HOH C 3 .   ? 1.178   -12.642 2.906   1.00 26.06 ? 2076 HOH A O   1 
HETATM 1727 O O   . HOH C 3 .   ? 4.073   -10.513 1.621   1.00 22.43 ? 2077 HOH A O   1 
HETATM 1728 O O   . HOH C 3 .   ? -1.844  -9.307  -1.083  1.00 31.04 ? 2078 HOH A O   1 
HETATM 1729 O O   . HOH C 3 .   ? -11.084 -12.988 -14.415 1.00 42.24 ? 2079 HOH A O   1 
HETATM 1730 O O   . HOH C 3 .   ? -2.940  -2.688  -19.193 1.00 32.36 ? 2080 HOH A O   1 
HETATM 1731 O O   . HOH C 3 .   ? -3.534  -7.428  -1.644  1.00 30.56 ? 2081 HOH A O   1 
HETATM 1732 O O   . HOH C 3 .   ? -6.658  -9.894  -1.920  1.00 40.55 ? 2082 HOH A O   1 
HETATM 1733 O O   . HOH C 3 .   ? 2.844   -8.730  -0.189  1.00 28.64 ? 2083 HOH A O   1 
HETATM 1734 O O   . HOH C 3 .   ? 9.231   -1.624  -9.799  1.00 31.30 ? 2084 HOH A O   1 
HETATM 1735 O O   . HOH C 3 .   ? 15.305  4.317   -10.484 1.00 45.60 ? 2085 HOH A O   1 
HETATM 1736 O O   . HOH C 3 .   ? 15.267  1.872   -3.497  1.00 46.36 ? 2086 HOH A O   1 
HETATM 1737 O O   . HOH C 3 .   ? 16.539  -1.912  1.441   1.00 42.32 ? 2087 HOH A O   1 
HETATM 1738 O O   . HOH C 3 .   ? -1.627  -0.818  17.877  1.00 30.18 ? 2088 HOH A O   1 
HETATM 1739 O O   . HOH C 3 .   ? -0.579  -2.589  21.602  1.00 45.05 ? 2089 HOH A O   1 
HETATM 1740 O O   . HOH C 3 .   ? -2.686  -8.584  23.465  1.00 56.56 ? 2090 HOH A O   1 
HETATM 1741 O O   . HOH C 3 .   ? -7.303  -6.083  18.483  1.00 44.45 ? 2091 HOH A O   1 
HETATM 1742 O O   . HOH C 3 .   ? 6.600   -3.115  18.524  1.00 39.39 ? 2092 HOH A O   1 
HETATM 1743 O O   . HOH C 3 .   ? 9.121   0.669   16.786  1.00 41.55 ? 2093 HOH A O   1 
HETATM 1744 O O   . HOH C 3 .   ? 12.042  -5.911  6.304   1.00 23.96 ? 2094 HOH A O   1 
HETATM 1745 O O   . HOH C 3 .   ? 14.271  -6.025  2.279   1.00 35.38 ? 2095 HOH A O   1 
HETATM 1746 O O   . HOH C 3 .   ? 13.187  -7.797  -3.028  1.00 21.48 ? 2096 HOH A O   1 
HETATM 1747 O O   . HOH C 3 .   ? 15.008  -4.814  -1.432  1.00 33.81 ? 2097 HOH A O   1 
HETATM 1748 O O   . HOH C 3 .   ? 10.307  -13.064 -9.562  1.00 30.26 ? 2098 HOH A O   1 
HETATM 1749 O O   . HOH C 3 .   ? 13.869  -9.301  -0.402  1.00 29.11 ? 2099 HOH A O   1 
HETATM 1750 O O   . HOH C 3 .   ? 11.726  11.985  -12.586 1.00 36.57 ? 2100 HOH A O   1 
HETATM 1751 O O   . HOH C 3 .   ? 8.216   11.603  -13.589 1.00 28.71 ? 2101 HOH A O   1 
HETATM 1752 O O   . HOH C 3 .   ? 9.803   3.836   -15.076 1.00 48.63 ? 2102 HOH A O   1 
HETATM 1753 O O   . HOH C 3 .   ? 4.243   8.289   -14.700 1.00 29.28 ? 2103 HOH A O   1 
HETATM 1754 O O   . HOH C 3 .   ? 6.577   6.609   -17.282 1.00 39.89 ? 2104 HOH A O   1 
HETATM 1755 O O   . HOH C 3 .   ? 6.422   20.512  -5.611  1.00 36.44 ? 2105 HOH A O   1 
HETATM 1756 O O   . HOH C 3 .   ? 5.282   18.146  -11.477 1.00 59.45 ? 2106 HOH A O   1 
HETATM 1757 O O   . HOH C 3 .   ? 4.374   21.510  -7.321  1.00 40.48 ? 2107 HOH A O   1 
HETATM 1758 O O   . HOH C 3 .   ? -2.576  20.501  -9.372  1.00 27.19 ? 2108 HOH A O   1 
HETATM 1759 O O   . HOH C 3 .   ? -6.444  17.184  -4.451  1.00 31.11 ? 2109 HOH A O   1 
HETATM 1760 O O   . HOH C 3 .   ? -0.287  23.005  -5.992  1.00 49.45 ? 2110 HOH A O   1 
HETATM 1761 O O   . HOH C 3 .   ? -7.404  16.549  -11.289 1.00 30.40 ? 2111 HOH A O   1 
HETATM 1762 O O   . HOH C 3 .   ? -4.842  19.066  -14.014 1.00 28.76 ? 2112 HOH A O   1 
HETATM 1763 O O   . HOH C 3 .   ? -12.653 9.832   -7.658  1.00 47.34 ? 2113 HOH A O   1 
HETATM 1764 O O   . HOH C 3 .   ? -10.704 12.992  -1.032  1.00 35.92 ? 2114 HOH A O   1 
HETATM 1765 O O   . HOH C 3 .   ? -12.908 8.859   -4.084  1.00 34.83 ? 2115 HOH A O   1 
HETATM 1766 O O   . HOH C 3 .   ? -10.759 13.070  1.934   1.00 35.15 ? 2116 HOH A O   1 
HETATM 1767 O O   . HOH C 3 .   ? -9.449  15.427  3.024   1.00 40.45 ? 2117 HOH A O   1 
HETATM 1768 O O   . HOH C 3 .   ? -4.022  17.787  8.625   1.00 47.36 ? 2118 HOH A O   1 
HETATM 1769 O O   . HOH C 3 .   ? -3.932  18.615  2.160   1.00 30.10 ? 2119 HOH A O   1 
HETATM 1770 O O   . HOH C 3 .   ? 3.296   18.218  -1.760  1.00 31.42 ? 2120 HOH A O   1 
HETATM 1771 O O   . HOH C 3 .   ? 7.176   17.816  4.727   1.00 25.09 ? 2121 HOH A O   1 
HETATM 1772 O O   . HOH C 3 .   ? 10.872  21.971  2.875   1.00 47.17 ? 2122 HOH A O   1 
HETATM 1773 O O   . HOH C 3 .   ? -5.191  -6.875  1.467   1.00 32.28 ? 2123 HOH A O   1 
# 
